data_3K6M
#
_entry.id   3K6M
#
_cell.length_a   73.715
_cell.length_b   133.566
_cell.length_c   102.230
_cell.angle_alpha   90.00
_cell.angle_beta   104.98
_cell.angle_gamma   90.00
#
_symmetry.space_group_name_H-M   'P 1 21 1'
#
loop_
_entity.id
_entity.type
_entity.pdbx_description
1 polymer 'Succinyl-CoA:3-ketoacid-coenzyme A transferase 1, mitochondrial'
2 non-polymer 'CHLORIDE ION'
3 non-polymer GLYCEROL
4 water water
#
_entity_poly.entity_id   1
_entity_poly.type   'polypeptide(L)'
_entity_poly.pdbx_seq_one_letter_code
;TKFYTDAVEAVKDIPNGATVLVGGFGLCGIPENLIGALLKTGVKELTAVSNNAGVDNFGLGLLLQSKQIKRMISSYVGEN
AEFERQYLAGELEVELTPQGTLAERIRAGGAGVPAFYTSTGYGTLVQEGGSPIKYNKDGSIAIASKPREVREFNGQHFIL
EEAIRGDFALVKAWKADQAGNVTFRKSARNFNLPMCKAAETTVVEVEEIVDIGSFAPEDIHIPKIYVHRLVKGEKYEKRI
ERLSVRKEEDVKTRSGKLGDNVRERIIKRAALEFEDGMYANLGIGIPLLASNFISPNMTVHLQSENGILGLGPYPLQNEV
DADLINAGKETVTVLPGASYFSSDESFAMIRGGHVNLTMLGAMQVSKYGDLANWMIPGKLVKGMGGAMDLVSSAKTKVVV
TMEHSAKGNAHKIMEKCTLPLTGKQCVNRIITEKAVFDVDRKKGLTLIELWEGLTVDDIKKSTGCDFAVSPKLIPMQQVT
T
;
_entity_poly.pdbx_strand_id   A,D,C,B
#
loop_
_chem_comp.id
_chem_comp.type
_chem_comp.name
_chem_comp.formula
CL non-polymer 'CHLORIDE ION' 'Cl -1'
GOL non-polymer GLYCEROL 'C3 H8 O3'
#
# COMPACT_ATOMS: atom_id res chain seq x y z
N THR A 1 6.73 -19.42 -5.55
CA THR A 1 6.69 -18.69 -6.83
C THR A 1 8.11 -18.49 -7.32
N LYS A 2 8.32 -18.77 -8.59
CA LYS A 2 9.60 -18.53 -9.27
C LYS A 2 9.48 -17.22 -10.04
N PHE A 3 10.42 -16.32 -9.79
CA PHE A 3 10.43 -15.04 -10.46
C PHE A 3 11.34 -15.05 -11.68
N TYR A 4 10.92 -14.38 -12.73
CA TYR A 4 11.63 -14.30 -14.01
C TYR A 4 11.87 -12.84 -14.34
N THR A 5 12.97 -12.56 -15.03
CA THR A 5 13.20 -11.21 -15.58
C THR A 5 12.87 -11.11 -17.07
N ASP A 6 12.61 -12.24 -17.72
CA ASP A 6 12.29 -12.27 -19.14
C ASP A 6 11.04 -13.10 -19.37
N ALA A 7 10.04 -12.51 -20.02
CA ALA A 7 8.76 -13.19 -20.30
C ALA A 7 8.96 -14.42 -21.18
N VAL A 8 9.88 -14.36 -22.15
CA VAL A 8 10.08 -15.54 -23.02
C VAL A 8 10.56 -16.73 -22.21
N GLU A 9 11.49 -16.52 -21.28
CA GLU A 9 12.00 -17.56 -20.39
C GLU A 9 10.86 -18.19 -19.57
N ALA A 10 9.87 -17.37 -19.22
CA ALA A 10 8.74 -17.83 -18.40
C ALA A 10 7.80 -18.76 -19.18
N VAL A 11 7.86 -18.71 -20.52
CA VAL A 11 6.90 -19.43 -21.36
C VAL A 11 7.58 -20.31 -22.40
N LYS A 12 8.89 -20.47 -22.30
CA LYS A 12 9.66 -21.18 -23.34
C LYS A 12 9.29 -22.66 -23.45
N ASP A 13 8.76 -23.24 -22.39
CA ASP A 13 8.48 -24.68 -22.37
C ASP A 13 7.04 -25.06 -22.74
N ILE A 14 6.24 -24.08 -23.17
CA ILE A 14 4.89 -24.44 -23.67
C ILE A 14 5.03 -25.24 -24.97
N PRO A 15 4.48 -26.48 -25.01
CA PRO A 15 4.59 -27.29 -26.22
C PRO A 15 3.52 -27.02 -27.23
N ASN A 16 3.81 -27.32 -28.50
CA ASN A 16 2.78 -27.20 -29.51
C ASN A 16 1.60 -28.06 -29.07
N GLY A 17 0.38 -27.60 -29.35
CA GLY A 17 -0.86 -28.32 -29.03
C GLY A 17 -1.37 -28.10 -27.63
N ALA A 18 -0.61 -27.36 -26.82
CA ALA A 18 -1.03 -27.12 -25.44
C ALA A 18 -2.39 -26.41 -25.37
N THR A 19 -3.09 -26.66 -24.25
CA THR A 19 -4.27 -25.91 -23.90
C THR A 19 -3.82 -24.78 -22.94
N VAL A 20 -4.13 -23.53 -23.29
CA VAL A 20 -3.65 -22.36 -22.56
C VAL A 20 -4.83 -21.50 -22.22
N LEU A 21 -4.99 -21.21 -20.92
CA LEU A 21 -5.99 -20.26 -20.44
C LEU A 21 -5.37 -18.87 -20.53
N VAL A 22 -6.12 -17.94 -21.11
CA VAL A 22 -5.61 -16.58 -21.26
C VAL A 22 -6.60 -15.58 -20.64
N GLY A 23 -6.11 -14.86 -19.65
CA GLY A 23 -6.89 -13.83 -18.96
C GLY A 23 -7.37 -12.70 -19.83
N GLY A 24 -8.38 -11.97 -19.35
CA GLY A 24 -8.82 -10.76 -19.98
C GLY A 24 -10.27 -10.71 -20.42
N PHE A 25 -10.81 -9.51 -20.51
CA PHE A 25 -12.14 -9.25 -20.96
C PHE A 25 -12.03 -8.14 -21.95
N GLY A 26 -12.27 -8.44 -23.21
CA GLY A 26 -11.84 -7.55 -24.30
C GLY A 26 -10.36 -7.27 -24.20
N LEU A 27 -9.99 -5.99 -24.17
CA LEU A 27 -8.60 -5.62 -23.96
C LEU A 27 -8.27 -5.28 -22.50
N CYS A 28 -9.21 -5.56 -21.59
CA CYS A 28 -9.06 -5.24 -20.19
C CYS A 28 -8.49 -6.40 -19.41
N GLY A 29 -7.31 -6.23 -18.82
CA GLY A 29 -6.67 -7.28 -18.06
C GLY A 29 -6.12 -8.40 -18.91
N ILE A 30 -5.63 -8.02 -20.09
CA ILE A 30 -4.98 -9.00 -20.96
C ILE A 30 -3.47 -9.09 -20.69
N PRO A 31 -2.91 -10.31 -20.75
CA PRO A 31 -1.47 -10.50 -20.56
C PRO A 31 -0.64 -10.17 -21.81
N GLU A 32 -0.50 -8.88 -22.08
CA GLU A 32 0.06 -8.45 -23.37
C GLU A 32 1.52 -8.83 -23.54
N ASN A 33 2.27 -8.85 -22.46
CA ASN A 33 3.67 -9.25 -22.51
C ASN A 33 3.83 -10.75 -22.72
N LEU A 34 2.99 -11.54 -22.05
CA LEU A 34 3.06 -12.99 -22.27
C LEU A 34 2.60 -13.36 -23.67
N ILE A 35 1.57 -12.68 -24.18
CA ILE A 35 1.13 -12.87 -25.58
C ILE A 35 2.29 -12.52 -26.53
N GLY A 36 3.00 -11.42 -26.22
CA GLY A 36 4.16 -11.04 -27.04
C GLY A 36 5.23 -12.12 -27.01
N ALA A 37 5.43 -12.75 -25.87
CA ALA A 37 6.43 -13.78 -25.69
C ALA A 37 6.06 -14.99 -26.53
N LEU A 38 4.78 -15.33 -26.58
CA LEU A 38 4.35 -16.46 -27.43
C LEU A 38 4.54 -16.15 -28.93
N LEU A 39 4.42 -14.88 -29.32
CA LEU A 39 4.70 -14.49 -30.69
C LEU A 39 6.15 -14.77 -30.99
N LYS A 40 7.03 -14.56 -30.01
CA LYS A 40 8.44 -14.82 -30.22
CA LYS A 40 8.46 -14.81 -30.17
C LYS A 40 8.78 -16.31 -30.24
N THR A 41 8.12 -17.10 -29.41
CA THR A 41 8.42 -18.54 -29.39
C THR A 41 7.83 -19.29 -30.58
N GLY A 42 6.71 -18.79 -31.09
CA GLY A 42 6.08 -19.34 -32.27
C GLY A 42 5.27 -20.60 -31.99
N VAL A 43 5.02 -20.89 -30.71
CA VAL A 43 4.28 -22.11 -30.32
C VAL A 43 2.93 -22.16 -31.04
N LYS A 44 2.53 -23.35 -31.51
CA LYS A 44 1.38 -23.39 -32.38
C LYS A 44 0.43 -24.53 -32.05
N GLU A 45 -0.67 -24.55 -32.80
CA GLU A 45 -1.75 -25.53 -32.66
CA GLU A 45 -1.71 -25.57 -32.64
C GLU A 45 -2.36 -25.45 -31.26
N LEU A 46 -2.39 -24.24 -30.71
CA LEU A 46 -2.87 -24.08 -29.34
C LEU A 46 -4.37 -24.23 -29.26
N THR A 47 -4.84 -24.73 -28.12
CA THR A 47 -6.22 -24.50 -27.76
C THR A 47 -6.23 -23.38 -26.73
N ALA A 48 -6.82 -22.25 -27.10
CA ALA A 48 -6.82 -21.04 -26.26
C ALA A 48 -8.18 -20.86 -25.64
N VAL A 49 -8.20 -20.89 -24.30
CA VAL A 49 -9.43 -20.67 -23.54
C VAL A 49 -9.35 -19.22 -23.08
N SER A 50 -10.23 -18.41 -23.63
CA SER A 50 -10.24 -16.96 -23.37
CA SER A 50 -10.23 -16.97 -23.35
C SER A 50 -11.60 -16.42 -23.69
N ASN A 51 -12.10 -15.51 -22.86
CA ASN A 51 -13.45 -15.04 -23.07
C ASN A 51 -13.72 -14.50 -24.48
N ASN A 52 -12.79 -13.67 -24.93
CA ASN A 52 -12.77 -13.05 -26.24
C ASN A 52 -11.42 -13.33 -26.87
N ALA A 53 -11.19 -12.76 -28.05
CA ALA A 53 -9.86 -12.81 -28.65
C ALA A 53 -9.34 -11.41 -28.97
N GLY A 54 -9.43 -10.48 -28.00
CA GLY A 54 -8.99 -9.11 -28.21
C GLY A 54 -9.67 -8.44 -29.37
N VAL A 55 -8.84 -7.77 -30.17
CA VAL A 55 -9.29 -7.13 -31.41
C VAL A 55 -8.37 -7.65 -32.50
N ASP A 56 -8.63 -7.26 -33.72
CA ASP A 56 -7.88 -7.83 -34.83
C ASP A 56 -6.38 -7.74 -34.64
N ASN A 57 -5.93 -6.58 -34.15
CA ASN A 57 -4.51 -6.29 -34.09
C ASN A 57 -3.96 -6.10 -32.67
N PHE A 58 -4.64 -6.67 -31.66
CA PHE A 58 -4.11 -6.65 -30.31
C PHE A 58 -4.70 -7.76 -29.42
N GLY A 59 -4.00 -8.06 -28.35
CA GLY A 59 -4.38 -9.16 -27.45
C GLY A 59 -4.24 -10.49 -28.16
N LEU A 60 -5.11 -11.42 -27.83
CA LEU A 60 -5.06 -12.74 -28.41
C LEU A 60 -5.23 -12.72 -29.94
N GLY A 61 -5.85 -11.68 -30.46
CA GLY A 61 -5.98 -11.50 -31.93
C GLY A 61 -4.65 -11.60 -32.66
N LEU A 62 -3.59 -11.17 -32.00
CA LEU A 62 -2.25 -11.28 -32.56
C LEU A 62 -1.88 -12.71 -32.84
N LEU A 63 -2.27 -13.64 -31.96
CA LEU A 63 -2.00 -15.06 -32.15
C LEU A 63 -2.93 -15.73 -33.19
N LEU A 64 -4.09 -15.15 -33.45
CA LEU A 64 -4.88 -15.58 -34.62
C LEU A 64 -4.17 -15.13 -35.91
N GLN A 65 -3.72 -13.85 -35.93
CA GLN A 65 -3.01 -13.31 -37.12
C GLN A 65 -1.81 -14.19 -37.47
N SER A 66 -1.10 -14.67 -36.45
CA SER A 66 0.09 -15.50 -36.63
C SER A 66 -0.22 -17.02 -36.80
N LYS A 67 -1.50 -17.34 -36.81
CA LYS A 67 -1.99 -18.72 -37.01
CA LYS A 67 -1.96 -18.70 -36.99
C LYS A 67 -1.45 -19.72 -35.98
N GLN A 68 -1.28 -19.26 -34.75
CA GLN A 68 -0.74 -20.08 -33.69
C GLN A 68 -1.84 -20.79 -32.90
N ILE A 69 -3.09 -20.44 -33.13
CA ILE A 69 -4.21 -21.06 -32.42
C ILE A 69 -5.02 -21.94 -33.35
N LYS A 70 -5.22 -23.18 -32.91
CA LYS A 70 -6.07 -24.15 -33.59
C LYS A 70 -7.54 -24.06 -33.18
N ARG A 71 -7.77 -23.91 -31.88
CA ARG A 71 -9.14 -23.83 -31.37
C ARG A 71 -9.25 -22.73 -30.29
N MET A 72 -10.30 -21.93 -30.38
CA MET A 72 -10.72 -20.97 -29.33
C MET A 72 -11.90 -21.54 -28.55
N ILE A 73 -11.86 -21.41 -27.23
CA ILE A 73 -12.97 -21.71 -26.35
C ILE A 73 -13.29 -20.38 -25.68
N SER A 74 -14.41 -19.79 -26.08
CA SER A 74 -14.71 -18.39 -25.89
C SER A 74 -16.19 -18.16 -25.79
N SER A 75 -16.58 -17.02 -25.22
CA SER A 75 -17.99 -16.68 -25.17
C SER A 75 -18.47 -15.67 -26.25
N TYR A 76 -17.57 -14.81 -26.74
CA TYR A 76 -17.99 -13.78 -27.67
C TYR A 76 -16.82 -13.31 -28.52
N VAL A 77 -17.03 -13.33 -29.84
CA VAL A 77 -16.02 -12.88 -30.81
C VAL A 77 -15.82 -11.37 -30.76
N GLY A 78 -16.90 -10.62 -30.53
CA GLY A 78 -16.82 -9.17 -30.37
C GLY A 78 -16.35 -8.49 -31.63
N GLU A 79 -15.61 -7.41 -31.48
CA GLU A 79 -15.14 -6.65 -32.63
C GLU A 79 -13.76 -7.12 -33.09
N ASN A 80 -13.69 -8.38 -33.49
CA ASN A 80 -12.51 -8.96 -34.10
C ASN A 80 -12.93 -9.59 -35.39
N ALA A 81 -12.77 -8.84 -36.49
CA ALA A 81 -13.20 -9.33 -37.79
C ALA A 81 -12.40 -10.54 -38.26
N GLU A 82 -11.14 -10.63 -37.85
CA GLU A 82 -10.29 -11.74 -38.28
C GLU A 82 -10.66 -13.07 -37.58
N PHE A 83 -10.95 -13.00 -36.29
CA PHE A 83 -11.56 -14.10 -35.50
C PHE A 83 -12.82 -14.57 -36.23
N GLU A 84 -13.76 -13.66 -36.47
CA GLU A 84 -15.01 -13.99 -37.18
C GLU A 84 -14.72 -14.62 -38.56
N ARG A 85 -13.75 -14.06 -39.28
CA ARG A 85 -13.45 -14.52 -40.62
C ARG A 85 -12.89 -15.93 -40.63
N GLN A 86 -11.90 -16.19 -39.77
CA GLN A 86 -11.24 -17.51 -39.69
C GLN A 86 -12.21 -18.63 -39.33
N TYR A 87 -13.17 -18.29 -38.47
CA TYR A 87 -14.20 -19.23 -38.04
C TYR A 87 -15.17 -19.53 -39.19
N LEU A 88 -15.75 -18.49 -39.80
CA LEU A 88 -16.67 -18.69 -40.93
C LEU A 88 -16.00 -19.39 -42.11
N ALA A 89 -14.70 -19.16 -42.29
CA ALA A 89 -13.97 -19.76 -43.41
C ALA A 89 -13.55 -21.21 -43.19
N GLY A 90 -13.68 -21.71 -41.97
CA GLY A 90 -13.27 -23.10 -41.67
C GLY A 90 -11.80 -23.23 -41.27
N GLU A 91 -11.14 -22.11 -41.02
CA GLU A 91 -9.73 -22.13 -40.65
C GLU A 91 -9.50 -22.28 -39.14
N LEU A 92 -10.50 -21.89 -38.36
CA LEU A 92 -10.37 -21.88 -36.91
C LEU A 92 -11.54 -22.64 -36.29
N GLU A 93 -11.24 -23.48 -35.30
CA GLU A 93 -12.28 -24.13 -34.49
C GLU A 93 -12.67 -23.22 -33.32
N VAL A 94 -13.95 -23.15 -33.02
CA VAL A 94 -14.42 -22.31 -31.94
C VAL A 94 -15.53 -23.02 -31.20
N GLU A 95 -15.33 -23.23 -29.89
CA GLU A 95 -16.47 -23.62 -29.03
C GLU A 95 -17.10 -22.42 -28.39
N LEU A 96 -18.24 -21.99 -28.90
CA LEU A 96 -18.99 -20.90 -28.34
C LEU A 96 -19.57 -21.38 -27.00
N THR A 97 -19.11 -20.77 -25.92
CA THR A 97 -19.36 -21.26 -24.57
C THR A 97 -20.02 -20.12 -23.77
N PRO A 98 -21.19 -20.36 -23.15
CA PRO A 98 -21.80 -19.30 -22.38
C PRO A 98 -20.81 -18.78 -21.35
N GLN A 99 -20.77 -17.45 -21.21
CA GLN A 99 -19.71 -16.81 -20.42
C GLN A 99 -19.67 -17.28 -18.94
N GLY A 100 -20.83 -17.45 -18.34
CA GLY A 100 -20.89 -17.91 -16.95
C GLY A 100 -20.54 -19.37 -16.81
N THR A 101 -20.89 -20.15 -17.81
CA THR A 101 -20.43 -21.52 -17.89
C THR A 101 -18.91 -21.64 -18.05
N LEU A 102 -18.36 -20.77 -18.90
CA LEU A 102 -16.93 -20.71 -19.11
C LEU A 102 -16.24 -20.48 -17.73
N ALA A 103 -16.69 -19.43 -17.06
CA ALA A 103 -16.14 -19.03 -15.79
C ALA A 103 -16.26 -20.14 -14.74
N GLU A 104 -17.40 -20.81 -14.66
CA GLU A 104 -17.63 -21.84 -13.66
C GLU A 104 -16.89 -23.14 -13.95
N ARG A 105 -16.77 -23.46 -15.23
CA ARG A 105 -16.05 -24.65 -15.65
C ARG A 105 -14.57 -24.48 -15.34
N ILE A 106 -14.06 -23.26 -15.52
CA ILE A 106 -12.66 -22.97 -15.12
C ILE A 106 -12.48 -23.01 -13.60
N ARG A 107 -13.38 -22.38 -12.87
CA ARG A 107 -13.34 -22.46 -11.40
C ARG A 107 -13.35 -23.93 -10.94
N ALA A 108 -14.24 -24.72 -11.54
CA ALA A 108 -14.31 -26.14 -11.20
C ALA A 108 -13.00 -26.87 -11.42
N GLY A 109 -12.35 -26.56 -12.56
CA GLY A 109 -11.01 -27.05 -12.86
C GLY A 109 -9.94 -26.73 -11.82
N GLY A 110 -10.13 -25.66 -11.04
CA GLY A 110 -9.15 -25.35 -9.99
C GLY A 110 -9.57 -25.88 -8.62
N ALA A 111 -10.83 -26.33 -8.50
CA ALA A 111 -11.44 -26.60 -7.18
C ALA A 111 -11.73 -28.08 -6.96
N GLY A 112 -11.22 -28.93 -7.84
CA GLY A 112 -11.39 -30.36 -7.62
C GLY A 112 -12.77 -30.87 -7.99
N VAL A 113 -13.53 -30.10 -8.76
CA VAL A 113 -14.90 -30.47 -9.15
C VAL A 113 -14.90 -30.88 -10.62
N PRO A 114 -15.14 -32.17 -10.93
CA PRO A 114 -15.06 -32.51 -12.36
C PRO A 114 -16.23 -32.06 -13.23
N ALA A 115 -17.39 -31.89 -12.61
CA ALA A 115 -18.61 -31.54 -13.31
C ALA A 115 -19.65 -30.97 -12.36
N PHE A 116 -20.55 -30.17 -12.90
CA PHE A 116 -21.62 -29.55 -12.14
C PHE A 116 -22.78 -29.25 -13.05
N TYR A 117 -23.93 -28.93 -12.49
CA TYR A 117 -25.14 -28.58 -13.21
C TYR A 117 -25.41 -27.09 -13.26
N THR A 118 -25.93 -26.64 -14.40
CA THR A 118 -26.33 -25.25 -14.55
C THR A 118 -27.55 -25.19 -15.46
N SER A 119 -28.43 -24.22 -15.25
CA SER A 119 -29.53 -24.08 -16.18
C SER A 119 -29.13 -23.33 -17.45
N THR A 120 -27.99 -22.66 -17.41
CA THR A 120 -27.55 -21.93 -18.57
C THR A 120 -27.37 -22.84 -19.77
N GLY A 121 -28.06 -22.52 -20.88
CA GLY A 121 -27.95 -23.27 -22.11
C GLY A 121 -28.99 -24.34 -22.31
N TYR A 122 -29.74 -24.67 -21.27
CA TYR A 122 -30.85 -25.63 -21.43
C TYR A 122 -31.81 -25.14 -22.52
N GLY A 123 -32.23 -26.03 -23.42
CA GLY A 123 -33.16 -25.65 -24.46
C GLY A 123 -32.54 -24.89 -25.64
N THR A 124 -31.21 -24.94 -25.73
CA THR A 124 -30.47 -24.25 -26.76
C THR A 124 -29.49 -25.23 -27.37
N LEU A 125 -28.79 -24.79 -28.41
CA LEU A 125 -27.75 -25.65 -29.01
C LEU A 125 -26.65 -26.11 -28.09
N VAL A 126 -26.42 -25.37 -27.00
CA VAL A 126 -25.47 -25.83 -26.04
C VAL A 126 -25.90 -27.19 -25.45
N GLN A 127 -27.14 -27.26 -25.01
CA GLN A 127 -27.67 -28.51 -24.47
C GLN A 127 -27.89 -29.57 -25.57
N GLU A 128 -28.45 -29.13 -26.68
CA GLU A 128 -28.89 -30.07 -27.74
C GLU A 128 -27.75 -30.65 -28.55
N GLY A 129 -26.63 -29.94 -28.60
CA GLY A 129 -25.56 -30.24 -29.51
C GLY A 129 -25.89 -29.59 -30.84
N GLY A 130 -24.92 -29.57 -31.74
CA GLY A 130 -25.11 -28.96 -33.06
C GLY A 130 -24.59 -27.54 -33.20
N SER A 131 -23.94 -27.04 -32.16
CA SER A 131 -23.30 -25.72 -32.27
C SER A 131 -22.09 -25.89 -33.14
N PRO A 132 -21.95 -25.06 -34.19
CA PRO A 132 -20.78 -25.24 -35.05
C PRO A 132 -19.49 -24.95 -34.32
N ILE A 133 -18.62 -25.95 -34.31
CA ILE A 133 -17.26 -25.83 -33.82
C ILE A 133 -16.31 -25.56 -35.00
N LYS A 134 -16.48 -26.28 -36.11
CA LYS A 134 -15.72 -26.01 -37.33
C LYS A 134 -16.67 -26.01 -38.51
N TYR A 135 -16.53 -25.02 -39.38
CA TYR A 135 -17.31 -24.95 -40.63
C TYR A 135 -16.54 -25.55 -41.80
N ASN A 136 -17.28 -26.05 -42.77
CA ASN A 136 -16.69 -26.34 -44.07
C ASN A 136 -16.64 -25.05 -44.90
N LYS A 137 -15.84 -25.08 -45.96
CA LYS A 137 -15.67 -23.93 -46.86
C LYS A 137 -17.00 -23.43 -47.45
N ASP A 138 -17.93 -24.36 -47.64
CA ASP A 138 -19.27 -24.06 -48.17
C ASP A 138 -20.32 -23.67 -47.12
N GLY A 139 -19.92 -23.49 -45.87
CA GLY A 139 -20.85 -23.03 -44.84
C GLY A 139 -21.61 -24.12 -44.10
N SER A 140 -21.44 -25.37 -44.52
CA SER A 140 -22.00 -26.48 -43.76
C SER A 140 -21.06 -26.74 -42.59
N ILE A 141 -21.47 -27.62 -41.69
CA ILE A 141 -20.75 -27.88 -40.43
C ILE A 141 -19.81 -29.08 -40.54
N ALA A 142 -18.53 -28.88 -40.24
CA ALA A 142 -17.57 -29.97 -40.24
C ALA A 142 -17.49 -30.66 -38.87
N ILE A 143 -17.51 -29.86 -37.81
CA ILE A 143 -17.50 -30.38 -36.45
C ILE A 143 -18.60 -29.64 -35.69
N ALA A 144 -19.54 -30.42 -35.13
CA ALA A 144 -20.66 -29.91 -34.34
C ALA A 144 -20.41 -30.23 -32.85
N SER A 145 -20.88 -29.35 -31.96
CA SER A 145 -20.83 -29.66 -30.55
C SER A 145 -21.69 -30.86 -30.18
N LYS A 146 -21.31 -31.52 -29.12
CA LYS A 146 -22.06 -32.68 -28.62
C LYS A 146 -23.07 -32.23 -27.57
N PRO A 147 -24.18 -32.96 -27.42
CA PRO A 147 -25.18 -32.63 -26.40
C PRO A 147 -24.63 -32.67 -25.00
N ARG A 148 -25.22 -31.86 -24.13
CA ARG A 148 -24.94 -31.90 -22.71
C ARG A 148 -26.07 -32.69 -22.06
N GLU A 149 -25.74 -33.51 -21.06
CA GLU A 149 -26.76 -34.26 -20.31
C GLU A 149 -27.73 -33.35 -19.55
N VAL A 150 -29.00 -33.71 -19.55
CA VAL A 150 -30.05 -32.95 -18.88
C VAL A 150 -30.51 -33.72 -17.64
N ARG A 151 -30.70 -33.01 -16.54
CA ARG A 151 -31.20 -33.59 -15.30
C ARG A 151 -32.08 -32.59 -14.61
N GLU A 152 -33.16 -33.07 -14.01
CA GLU A 152 -34.09 -32.20 -13.33
C GLU A 152 -33.81 -32.17 -11.82
N PHE A 153 -33.78 -30.97 -11.27
CA PHE A 153 -33.63 -30.75 -9.81
C PHE A 153 -34.68 -29.74 -9.38
N ASN A 154 -35.43 -30.03 -8.30
CA ASN A 154 -36.29 -29.02 -7.69
C ASN A 154 -37.33 -28.45 -8.71
N GLY A 155 -37.76 -29.29 -9.66
CA GLY A 155 -38.74 -28.91 -10.70
C GLY A 155 -38.20 -28.09 -11.88
N GLN A 156 -36.89 -27.96 -11.99
CA GLN A 156 -36.24 -27.24 -13.09
C GLN A 156 -35.22 -28.12 -13.83
N HIS A 157 -35.06 -27.88 -15.12
CA HIS A 157 -34.09 -28.59 -15.92
C HIS A 157 -32.72 -27.92 -15.95
N PHE A 158 -31.70 -28.74 -15.78
CA PHE A 158 -30.29 -28.30 -15.75
C PHE A 158 -29.46 -29.16 -16.66
N ILE A 159 -28.29 -28.67 -17.07
CA ILE A 159 -27.38 -29.42 -17.90
C ILE A 159 -26.06 -29.63 -17.20
N LEU A 160 -25.43 -30.76 -17.49
CA LEU A 160 -24.13 -31.09 -16.94
C LEU A 160 -23.02 -30.49 -17.74
N GLU A 161 -22.14 -29.75 -17.06
CA GLU A 161 -20.94 -29.16 -17.65
C GLU A 161 -19.68 -29.64 -16.95
N GLU A 162 -18.60 -29.83 -17.70
CA GLU A 162 -17.38 -30.42 -17.17
C GLU A 162 -16.29 -29.38 -16.96
N ALA A 163 -15.42 -29.65 -15.99
CA ALA A 163 -14.32 -28.75 -15.64
C ALA A 163 -13.43 -28.48 -16.85
N ILE A 164 -12.89 -27.27 -16.91
CA ILE A 164 -11.84 -26.88 -17.87
C ILE A 164 -10.56 -26.68 -17.08
N ARG A 165 -9.48 -27.29 -17.57
CA ARG A 165 -8.16 -27.01 -17.08
C ARG A 165 -7.24 -26.73 -18.25
N GLY A 166 -6.15 -26.07 -17.95
CA GLY A 166 -5.11 -25.87 -18.94
C GLY A 166 -3.81 -26.50 -18.57
N ASP A 167 -2.97 -26.64 -19.57
CA ASP A 167 -1.60 -27.01 -19.35
C ASP A 167 -0.89 -25.78 -18.78
N PHE A 168 -1.23 -24.61 -19.29
CA PHE A 168 -0.70 -23.33 -18.81
C PHE A 168 -1.82 -22.30 -18.67
N ALA A 169 -1.64 -21.30 -17.79
CA ALA A 169 -2.44 -20.11 -17.77
C ALA A 169 -1.53 -18.89 -17.89
N LEU A 170 -1.99 -17.95 -18.68
CA LEU A 170 -1.31 -16.66 -18.89
C LEU A 170 -2.19 -15.62 -18.29
N VAL A 171 -1.74 -15.04 -17.16
CA VAL A 171 -2.55 -14.20 -16.29
C VAL A 171 -1.92 -12.79 -16.20
N LYS A 172 -2.77 -11.79 -16.30
CA LYS A 172 -2.36 -10.37 -16.06
C LYS A 172 -2.87 -10.01 -14.68
N ALA A 173 -1.98 -9.43 -13.88
CA ALA A 173 -2.37 -8.85 -12.62
C ALA A 173 -1.75 -7.45 -12.44
N TRP A 174 -2.13 -6.77 -11.38
CA TRP A 174 -1.62 -5.41 -11.15
C TRP A 174 -0.30 -5.43 -10.42
N LYS A 175 -0.29 -6.00 -9.23
CA LYS A 175 0.86 -6.07 -8.36
C LYS A 175 1.09 -7.47 -7.82
N ALA A 176 2.35 -7.84 -7.63
CA ALA A 176 2.72 -9.00 -6.88
C ALA A 176 3.62 -8.54 -5.78
N ASP A 177 3.57 -9.21 -4.64
CA ASP A 177 4.54 -8.98 -3.62
C ASP A 177 5.70 -9.95 -3.85
N GLN A 178 6.78 -9.78 -3.08
CA GLN A 178 7.97 -10.60 -3.26
C GLN A 178 7.79 -12.04 -2.81
N ALA A 179 6.62 -12.35 -2.24
CA ALA A 179 6.25 -13.71 -1.86
C ALA A 179 5.48 -14.39 -2.98
N GLY A 180 5.00 -13.61 -3.93
CA GLY A 180 4.18 -14.13 -5.03
C GLY A 180 2.66 -13.96 -4.87
N ASN A 181 2.21 -13.29 -3.80
CA ASN A 181 0.79 -12.92 -3.70
C ASN A 181 0.47 -11.88 -4.74
N VAL A 182 -0.76 -11.90 -5.28
CA VAL A 182 -1.13 -11.10 -6.40
C VAL A 182 -2.48 -10.37 -6.21
N THR A 183 -2.56 -9.13 -6.68
CA THR A 183 -3.81 -8.38 -6.70
C THR A 183 -4.12 -7.82 -8.05
N PHE A 184 -5.39 -7.50 -8.27
CA PHE A 184 -5.93 -7.03 -9.52
C PHE A 184 -6.58 -5.65 -9.35
N ARG A 185 -6.60 -4.89 -10.43
CA ARG A 185 -7.08 -3.55 -10.43
C ARG A 185 -8.38 -3.40 -11.17
N LYS A 186 -9.35 -2.81 -10.51
CA LYS A 186 -10.64 -2.52 -11.08
C LYS A 186 -11.22 -3.74 -11.81
N SER A 187 -11.72 -3.55 -13.01
CA SER A 187 -12.36 -4.63 -13.75
C SER A 187 -11.39 -5.47 -14.57
N ALA A 188 -10.12 -5.23 -14.43
CA ALA A 188 -9.12 -6.04 -15.07
C ALA A 188 -8.96 -7.44 -14.43
N ARG A 189 -9.69 -7.72 -13.35
CA ARG A 189 -9.66 -9.03 -12.69
C ARG A 189 -10.34 -10.11 -13.53
N ASN A 190 -11.61 -9.91 -13.86
CA ASN A 190 -12.39 -10.81 -14.74
C ASN A 190 -11.96 -12.30 -14.68
N PHE A 191 -11.55 -12.88 -15.81
CA PHE A 191 -11.13 -14.27 -15.84
C PHE A 191 -9.75 -14.59 -15.33
N ASN A 192 -8.93 -13.55 -15.16
CA ASN A 192 -7.61 -13.76 -14.65
C ASN A 192 -7.59 -14.50 -13.32
N LEU A 193 -8.53 -14.17 -12.43
CA LEU A 193 -8.50 -14.74 -11.12
C LEU A 193 -8.81 -16.27 -11.15
N PRO A 194 -9.97 -16.68 -11.72
CA PRO A 194 -10.19 -18.14 -11.74
C PRO A 194 -9.18 -18.91 -12.60
N MET A 195 -8.66 -18.29 -13.68
CA MET A 195 -7.66 -18.97 -14.51
C MET A 195 -6.36 -19.30 -13.81
N CYS A 196 -5.99 -18.46 -12.82
N CYS A 196 -6.01 -18.49 -12.81
CA CYS A 196 -4.83 -18.71 -11.95
CA CYS A 196 -4.80 -18.71 -12.06
C CYS A 196 -4.82 -20.04 -11.26
C CYS A 196 -4.85 -19.93 -11.12
N LYS A 197 -6.00 -20.60 -11.05
CA LYS A 197 -6.17 -21.75 -10.21
C LYS A 197 -6.31 -23.04 -10.99
N ALA A 198 -6.40 -22.94 -12.32
CA ALA A 198 -6.94 -24.05 -13.15
C ALA A 198 -5.98 -24.56 -14.21
N ALA A 199 -4.68 -24.36 -14.00
CA ALA A 199 -3.69 -24.88 -14.94
C ALA A 199 -2.57 -25.55 -14.22
N GLU A 200 -1.90 -26.48 -14.92
CA GLU A 200 -0.75 -27.14 -14.37
C GLU A 200 0.36 -26.15 -14.03
N THR A 201 0.56 -25.14 -14.89
CA THR A 201 1.59 -24.11 -14.67
C THR A 201 0.96 -22.76 -14.94
N THR A 202 0.97 -21.89 -13.92
CA THR A 202 0.41 -20.55 -14.07
CA THR A 202 0.40 -20.56 -14.01
C THR A 202 1.53 -19.55 -14.18
N VAL A 203 1.38 -18.66 -15.16
CA VAL A 203 2.34 -17.62 -15.43
C VAL A 203 1.60 -16.33 -15.32
N VAL A 204 2.05 -15.49 -14.37
CA VAL A 204 1.46 -14.20 -14.10
C VAL A 204 2.44 -13.09 -14.46
N GLU A 205 1.97 -12.15 -15.26
CA GLU A 205 2.67 -10.87 -15.47
C GLU A 205 2.02 -9.77 -14.67
N VAL A 206 2.85 -8.90 -14.08
CA VAL A 206 2.35 -7.81 -13.25
C VAL A 206 2.99 -6.49 -13.65
N GLU A 207 2.31 -5.41 -13.30
CA GLU A 207 2.84 -4.06 -13.56
C GLU A 207 3.90 -3.64 -12.57
N GLU A 208 3.79 -4.10 -11.34
CA GLU A 208 4.75 -3.80 -10.29
CA GLU A 208 4.74 -3.82 -10.30
C GLU A 208 4.99 -4.96 -9.36
N ILE A 209 6.21 -5.11 -8.89
CA ILE A 209 6.54 -6.01 -7.82
C ILE A 209 6.82 -5.16 -6.59
N VAL A 210 6.18 -5.49 -5.48
CA VAL A 210 6.25 -4.68 -4.24
C VAL A 210 6.70 -5.51 -3.05
N ASP A 211 7.07 -4.88 -1.94
CA ASP A 211 7.53 -5.56 -0.75
C ASP A 211 6.45 -6.43 -0.16
N ILE A 212 6.86 -7.51 0.41
CA ILE A 212 5.95 -8.32 1.19
C ILE A 212 5.48 -7.38 2.28
N GLY A 213 4.19 -7.32 2.55
CA GLY A 213 3.69 -6.31 3.51
C GLY A 213 2.96 -5.14 2.84
N SER A 214 3.08 -5.03 1.52
CA SER A 214 2.36 -4.01 0.78
C SER A 214 0.86 -4.28 0.80
N PHE A 215 0.49 -5.55 1.01
CA PHE A 215 -0.92 -5.94 1.02
C PHE A 215 -1.37 -6.29 2.44
N ALA A 216 -2.60 -5.91 2.74
CA ALA A 216 -3.30 -6.47 3.91
C ALA A 216 -3.57 -7.94 3.56
N PRO A 217 -3.36 -8.86 4.52
CA PRO A 217 -3.54 -10.28 4.23
C PRO A 217 -4.99 -10.62 3.83
N GLU A 218 -5.97 -9.88 4.35
CA GLU A 218 -7.36 -10.06 3.92
C GLU A 218 -7.60 -9.69 2.48
N ASP A 219 -6.69 -8.92 1.86
CA ASP A 219 -6.99 -8.31 0.58
C ASP A 219 -6.06 -8.77 -0.55
N ILE A 220 -5.53 -9.96 -0.37
CA ILE A 220 -4.79 -10.64 -1.42
C ILE A 220 -5.78 -11.42 -2.27
N HIS A 221 -5.86 -11.11 -3.56
CA HIS A 221 -6.88 -11.66 -4.44
C HIS A 221 -6.52 -13.09 -4.88
N ILE A 222 -5.22 -13.29 -5.15
CA ILE A 222 -4.67 -14.61 -5.48
C ILE A 222 -3.49 -14.90 -4.56
N PRO A 223 -3.69 -15.75 -3.55
CA PRO A 223 -2.59 -16.18 -2.72
C PRO A 223 -1.48 -16.86 -3.53
N LYS A 224 -0.26 -16.68 -3.06
CA LYS A 224 0.95 -17.17 -3.73
C LYS A 224 0.95 -18.64 -4.12
N ILE A 225 0.19 -19.44 -3.39
CA ILE A 225 0.12 -20.90 -3.69
C ILE A 225 -0.27 -21.18 -5.13
N TYR A 226 -1.03 -20.27 -5.74
CA TYR A 226 -1.52 -20.42 -7.09
C TYR A 226 -0.56 -19.90 -8.18
N VAL A 227 0.47 -19.13 -7.77
CA VAL A 227 1.30 -18.36 -8.71
C VAL A 227 2.62 -19.07 -8.87
N HIS A 228 2.77 -19.81 -9.95
CA HIS A 228 3.96 -20.63 -10.10
C HIS A 228 5.13 -19.85 -10.68
N ARG A 229 4.85 -18.97 -11.61
CA ARG A 229 5.85 -18.17 -12.31
C ARG A 229 5.39 -16.74 -12.37
N LEU A 230 6.30 -15.83 -12.05
CA LEU A 230 5.97 -14.41 -11.99
C LEU A 230 7.00 -13.56 -12.73
N VAL A 231 6.49 -12.68 -13.56
CA VAL A 231 7.33 -11.73 -14.29
C VAL A 231 6.73 -10.34 -14.26
N LYS A 232 7.57 -9.33 -14.15
CA LYS A 232 7.13 -7.98 -14.36
C LYS A 232 7.11 -7.65 -15.84
N GLY A 233 5.98 -7.25 -16.35
CA GLY A 233 5.82 -6.92 -17.75
C GLY A 233 6.72 -5.76 -18.13
N GLU A 234 7.36 -5.91 -19.29
CA GLU A 234 8.30 -4.90 -19.80
C GLU A 234 7.59 -3.68 -20.35
N LYS A 235 6.40 -3.88 -20.95
CA LYS A 235 5.67 -2.81 -21.60
C LYS A 235 4.16 -2.95 -21.38
N TYR A 236 3.53 -1.84 -20.98
CA TYR A 236 2.08 -1.73 -20.84
C TYR A 236 1.52 -0.58 -21.67
N GLU A 237 0.88 -0.90 -22.78
CA GLU A 237 0.33 0.09 -23.71
C GLU A 237 -0.96 0.74 -23.27
N LYS A 238 -1.65 0.12 -22.32
CA LYS A 238 -2.90 0.67 -21.78
C LYS A 238 -3.90 1.00 -22.88
N ARG A 239 -4.00 0.08 -23.83
CA ARG A 239 -4.91 0.21 -24.94
C ARG A 239 -6.38 0.15 -24.54
N ILE A 240 -7.18 0.94 -25.22
CA ILE A 240 -8.59 1.04 -25.01
C ILE A 240 -9.28 0.68 -26.33
N GLU A 241 -10.17 -0.31 -26.27
CA GLU A 241 -10.89 -0.78 -27.45
C GLU A 241 -11.96 0.20 -27.90
N ARG A 242 -12.64 0.81 -26.94
CA ARG A 242 -13.82 1.62 -27.24
C ARG A 242 -13.90 2.81 -26.26
N LEU A 243 -13.39 3.97 -26.68
CA LEU A 243 -13.42 5.18 -25.87
C LEU A 243 -14.80 5.80 -25.99
N SER A 244 -15.51 5.82 -24.87
CA SER A 244 -16.81 6.43 -24.74
C SER A 244 -16.70 7.50 -23.66
N VAL A 245 -16.66 8.76 -24.10
CA VAL A 245 -16.32 9.85 -23.21
C VAL A 245 -17.46 10.84 -23.23
N ARG A 246 -17.88 11.30 -22.05
CA ARG A 246 -18.95 12.29 -21.98
C ARG A 246 -18.40 13.72 -21.98
N VAL A 262 -38.73 6.42 -32.87
CA VAL A 262 -39.31 5.26 -32.22
C VAL A 262 -38.41 4.63 -31.17
N ARG A 263 -37.10 4.71 -31.37
CA ARG A 263 -36.16 4.26 -30.37
C ARG A 263 -36.33 5.02 -29.04
N GLU A 264 -36.52 6.31 -29.09
CA GLU A 264 -36.68 7.11 -27.85
CA GLU A 264 -36.68 7.08 -27.88
C GLU A 264 -37.91 6.70 -27.11
N ARG A 265 -38.98 6.35 -27.82
CA ARG A 265 -40.21 5.85 -27.26
C ARG A 265 -39.99 4.55 -26.49
N ILE A 266 -39.18 3.66 -27.05
CA ILE A 266 -38.89 2.39 -26.37
C ILE A 266 -38.09 2.67 -25.09
N ILE A 267 -37.11 3.55 -25.23
CA ILE A 267 -36.23 3.92 -24.11
C ILE A 267 -37.03 4.54 -22.97
N LYS A 268 -37.94 5.45 -23.31
CA LYS A 268 -38.74 6.13 -22.28
C LYS A 268 -39.78 5.24 -21.61
N ARG A 269 -40.19 4.15 -22.26
CA ARG A 269 -41.03 3.16 -21.61
C ARG A 269 -40.20 2.19 -20.79
N ALA A 270 -39.04 1.80 -21.32
CA ALA A 270 -38.13 0.87 -20.62
C ALA A 270 -37.67 1.48 -19.28
N ALA A 271 -37.49 2.79 -19.27
CA ALA A 271 -37.11 3.54 -18.06
C ALA A 271 -38.06 3.33 -16.89
N LEU A 272 -39.32 3.03 -17.17
CA LEU A 272 -40.32 2.82 -16.13
C LEU A 272 -40.27 1.42 -15.50
N GLU A 273 -39.39 0.55 -16.00
CA GLU A 273 -39.18 -0.77 -15.40
C GLU A 273 -38.34 -0.74 -14.12
N PHE A 274 -37.65 0.38 -13.91
CA PHE A 274 -36.74 0.55 -12.78
C PHE A 274 -37.50 0.85 -11.49
N GLU A 275 -37.08 0.19 -10.40
CA GLU A 275 -37.68 0.37 -9.08
C GLU A 275 -36.58 0.75 -8.11
N ASP A 276 -36.94 1.50 -7.08
CA ASP A 276 -35.99 1.90 -6.06
C ASP A 276 -35.43 0.67 -5.37
N GLY A 277 -34.11 0.63 -5.20
CA GLY A 277 -33.43 -0.48 -4.55
C GLY A 277 -33.04 -1.62 -5.50
N MET A 278 -33.47 -1.53 -6.74
CA MET A 278 -33.27 -2.60 -7.73
C MET A 278 -31.80 -2.78 -8.09
N TYR A 279 -31.42 -4.05 -8.26
CA TYR A 279 -30.17 -4.46 -8.93
C TYR A 279 -30.51 -4.89 -10.36
N ALA A 280 -29.83 -4.31 -11.35
CA ALA A 280 -30.17 -4.53 -12.76
C ALA A 280 -28.94 -4.79 -13.59
N ASN A 281 -29.09 -5.62 -14.62
CA ASN A 281 -28.07 -5.80 -15.63
C ASN A 281 -28.72 -5.37 -16.96
N LEU A 282 -28.09 -4.39 -17.61
CA LEU A 282 -28.67 -3.73 -18.77
C LEU A 282 -27.80 -4.00 -19.97
N GLY A 283 -28.42 -4.57 -21.00
CA GLY A 283 -27.76 -4.85 -22.26
C GLY A 283 -27.40 -3.61 -23.05
N ILE A 284 -26.63 -3.84 -24.10
CA ILE A 284 -26.15 -2.75 -24.94
C ILE A 284 -27.30 -2.11 -25.68
N GLY A 285 -27.19 -0.81 -25.91
CA GLY A 285 -28.22 -0.07 -26.62
C GLY A 285 -29.34 0.46 -25.75
N ILE A 286 -30.57 0.15 -26.14
CA ILE A 286 -31.76 0.70 -25.51
C ILE A 286 -31.78 0.52 -24.00
N PRO A 287 -31.54 -0.71 -23.49
CA PRO A 287 -31.58 -0.84 -22.01
C PRO A 287 -30.64 0.09 -21.27
N LEU A 288 -29.39 0.15 -21.69
CA LEU A 288 -28.44 1.05 -21.03
C LEU A 288 -28.85 2.51 -21.20
N LEU A 289 -29.41 2.87 -22.35
CA LEU A 289 -29.87 4.25 -22.56
C LEU A 289 -31.02 4.61 -21.66
N ALA A 290 -31.86 3.63 -21.33
CA ALA A 290 -32.96 3.85 -20.41
C ALA A 290 -32.49 4.29 -19.03
N SER A 291 -31.30 3.86 -18.61
CA SER A 291 -30.79 4.16 -17.27
C SER A 291 -30.55 5.67 -17.06
N ASN A 292 -30.38 6.38 -18.17
CA ASN A 292 -30.22 7.83 -18.12
C ASN A 292 -31.47 8.58 -17.63
N PHE A 293 -32.62 7.91 -17.67
CA PHE A 293 -33.88 8.51 -17.23
C PHE A 293 -34.30 8.12 -15.81
N ILE A 294 -33.43 7.39 -15.12
CA ILE A 294 -33.65 7.07 -13.70
C ILE A 294 -33.63 8.36 -12.89
N SER A 295 -34.64 8.51 -12.04
CA SER A 295 -34.77 9.70 -11.21
C SER A 295 -33.67 9.73 -10.11
N PRO A 296 -33.05 10.91 -9.88
CA PRO A 296 -32.13 11.12 -8.75
C PRO A 296 -32.73 10.74 -7.41
N ASN A 297 -34.06 10.63 -7.36
CA ASN A 297 -34.76 10.19 -6.15
C ASN A 297 -34.86 8.67 -6.02
N MET A 298 -34.33 7.95 -7.00
CA MET A 298 -34.36 6.50 -7.02
C MET A 298 -32.94 5.94 -6.99
N THR A 299 -32.80 4.80 -6.35
CA THR A 299 -31.51 4.12 -6.27
C THR A 299 -31.60 2.85 -7.09
N VAL A 300 -30.84 2.79 -8.16
CA VAL A 300 -30.68 1.58 -8.97
C VAL A 300 -29.18 1.29 -9.12
N HIS A 301 -28.79 0.05 -8.82
CA HIS A 301 -27.41 -0.39 -8.89
C HIS A 301 -27.23 -1.27 -10.08
N LEU A 302 -26.33 -0.86 -10.98
CA LEU A 302 -26.12 -1.57 -12.22
C LEU A 302 -24.95 -2.51 -12.03
N GLN A 303 -25.19 -3.75 -12.42
CA GLN A 303 -24.21 -4.82 -12.39
C GLN A 303 -23.64 -5.04 -13.80
N SER A 304 -22.34 -5.32 -13.89
CA SER A 304 -21.70 -5.58 -15.19
C SER A 304 -21.12 -6.97 -15.11
N GLU A 305 -21.37 -7.79 -16.12
CA GLU A 305 -20.97 -9.19 -16.02
C GLU A 305 -19.46 -9.49 -15.99
N ASN A 306 -18.67 -8.47 -16.39
CA ASN A 306 -17.21 -8.56 -16.29
C ASN A 306 -16.66 -8.25 -14.91
N GLY A 307 -17.54 -8.01 -13.95
CA GLY A 307 -17.15 -8.04 -12.57
C GLY A 307 -17.23 -6.70 -11.84
N ILE A 308 -18.30 -5.97 -12.09
CA ILE A 308 -18.53 -4.68 -11.45
C ILE A 308 -19.93 -4.58 -10.87
N LEU A 309 -20.04 -3.92 -9.71
CA LEU A 309 -21.34 -3.59 -9.21
C LEU A 309 -21.28 -2.11 -8.90
N GLY A 310 -22.17 -1.35 -9.52
CA GLY A 310 -22.24 0.11 -9.32
C GLY A 310 -21.74 0.96 -10.47
N LEU A 311 -22.08 0.55 -11.68
CA LEU A 311 -21.69 1.32 -12.87
C LEU A 311 -22.27 2.73 -12.83
N GLY A 312 -21.46 3.68 -13.27
CA GLY A 312 -21.85 5.08 -13.40
C GLY A 312 -21.78 5.58 -14.84
N PRO A 313 -21.80 6.90 -15.00
CA PRO A 313 -21.77 7.52 -16.32
C PRO A 313 -20.47 7.27 -17.07
N TYR A 314 -20.48 7.58 -18.37
CA TYR A 314 -19.26 7.52 -19.15
C TYR A 314 -18.31 8.58 -18.58
N PRO A 315 -17.02 8.31 -18.64
CA PRO A 315 -16.02 9.20 -18.07
C PRO A 315 -15.77 10.45 -18.86
N LEU A 316 -15.34 11.50 -18.16
CA LEU A 316 -14.64 12.62 -18.78
C LEU A 316 -13.25 12.15 -19.19
N GLN A 317 -12.59 12.90 -20.07
CA GLN A 317 -11.22 12.51 -20.46
C GLN A 317 -10.32 12.14 -19.30
N ASN A 318 -10.33 12.95 -18.25
CA ASN A 318 -9.42 12.76 -17.14
C ASN A 318 -9.84 11.60 -16.24
N GLU A 319 -10.99 11.01 -16.51
CA GLU A 319 -11.52 9.87 -15.75
C GLU A 319 -11.36 8.54 -16.51
N VAL A 320 -11.01 8.61 -17.79
CA VAL A 320 -10.83 7.40 -18.57
C VAL A 320 -9.78 6.48 -17.97
N ASP A 321 -10.10 5.19 -17.85
CA ASP A 321 -9.18 4.21 -17.30
C ASP A 321 -9.31 2.91 -18.07
N ALA A 322 -8.20 2.43 -18.64
CA ALA A 322 -8.18 1.18 -19.41
C ALA A 322 -8.54 -0.04 -18.57
N ASP A 323 -8.48 0.07 -17.24
CA ASP A 323 -8.85 -1.05 -16.37
C ASP A 323 -10.34 -1.03 -16.01
N LEU A 324 -11.10 -0.09 -16.54
CA LEU A 324 -12.49 0.06 -16.19
C LEU A 324 -13.40 0.22 -17.43
N ILE A 325 -14.04 -0.90 -17.83
CA ILE A 325 -14.91 -0.92 -18.97
C ILE A 325 -16.19 -1.68 -18.63
N ASN A 326 -17.24 -1.47 -19.41
CA ASN A 326 -18.50 -2.18 -19.23
C ASN A 326 -18.53 -3.40 -20.15
N ALA A 327 -19.66 -4.12 -20.15
CA ALA A 327 -19.72 -5.39 -20.86
C ALA A 327 -19.69 -5.22 -22.36
N GLY A 328 -20.10 -4.03 -22.80
CA GLY A 328 -20.00 -3.59 -24.18
C GLY A 328 -18.62 -3.11 -24.57
N LYS A 329 -17.66 -3.23 -23.65
CA LYS A 329 -16.23 -2.85 -23.81
C LYS A 329 -16.06 -1.35 -23.88
N GLU A 330 -17.03 -0.58 -23.41
CA GLU A 330 -16.89 0.88 -23.37
C GLU A 330 -16.24 1.33 -22.07
N THR A 331 -15.40 2.35 -22.14
CA THR A 331 -14.85 2.97 -20.97
C THR A 331 -15.98 3.51 -20.14
N VAL A 332 -15.92 3.28 -18.84
CA VAL A 332 -17.02 3.62 -17.95
CA VAL A 332 -17.02 3.67 -17.95
C VAL A 332 -16.44 4.20 -16.66
N THR A 333 -17.30 4.70 -15.78
CA THR A 333 -16.91 5.03 -14.43
C THR A 333 -17.76 4.18 -13.47
N VAL A 334 -17.41 4.24 -12.20
CA VAL A 334 -18.29 3.67 -11.15
C VAL A 334 -18.74 4.74 -10.16
N LEU A 335 -19.86 4.48 -9.51
CA LEU A 335 -20.46 5.36 -8.50
C LEU A 335 -19.89 5.03 -7.14
N PRO A 336 -20.09 5.91 -6.15
CA PRO A 336 -19.61 5.59 -4.81
C PRO A 336 -20.22 4.28 -4.28
N GLY A 337 -19.42 3.56 -3.53
CA GLY A 337 -19.81 2.27 -2.95
C GLY A 337 -19.85 1.13 -3.95
N ALA A 338 -19.19 1.32 -5.07
CA ALA A 338 -19.04 0.23 -6.06
C ALA A 338 -18.07 -0.86 -5.56
N SER A 339 -18.08 -2.03 -6.23
CA SER A 339 -17.20 -3.15 -5.93
C SER A 339 -16.80 -3.85 -7.22
N TYR A 340 -15.66 -4.53 -7.12
CA TYR A 340 -15.13 -5.36 -8.21
C TYR A 340 -15.01 -6.80 -7.77
N PHE A 341 -15.18 -7.73 -8.70
CA PHE A 341 -15.11 -9.16 -8.39
C PHE A 341 -14.80 -9.91 -9.67
N SER A 342 -14.48 -11.18 -9.52
CA SER A 342 -14.05 -11.98 -10.67
C SER A 342 -15.26 -12.43 -11.50
N SER A 343 -14.93 -12.99 -12.67
CA SER A 343 -15.97 -13.43 -13.60
C SER A 343 -16.75 -14.62 -13.04
N ASP A 344 -16.10 -15.52 -12.34
CA ASP A 344 -16.83 -16.65 -11.72
C ASP A 344 -17.79 -16.11 -10.66
N GLU A 345 -17.33 -15.12 -9.88
CA GLU A 345 -18.22 -14.52 -8.88
C GLU A 345 -19.37 -13.71 -9.52
N SER A 346 -19.08 -12.99 -10.59
CA SER A 346 -20.08 -12.26 -11.30
C SER A 346 -21.23 -13.16 -11.78
N PHE A 347 -20.87 -14.31 -12.33
CA PHE A 347 -21.91 -15.21 -12.84
C PHE A 347 -22.56 -16.07 -11.78
N ALA A 348 -21.91 -16.21 -10.61
CA ALA A 348 -22.57 -16.80 -9.45
C ALA A 348 -23.68 -15.87 -9.02
N MET A 349 -23.36 -14.58 -9.01
CA MET A 349 -24.34 -13.53 -8.69
C MET A 349 -25.54 -13.61 -9.65
N ILE A 350 -25.27 -13.71 -10.95
CA ILE A 350 -26.32 -13.73 -11.97
C ILE A 350 -27.12 -15.07 -11.95
N ARG A 351 -26.44 -16.19 -11.99
CA ARG A 351 -27.12 -17.51 -12.08
C ARG A 351 -27.89 -17.79 -10.80
N GLY A 352 -27.42 -17.23 -9.67
CA GLY A 352 -28.09 -17.39 -8.39
C GLY A 352 -29.33 -16.52 -8.21
N GLY A 353 -29.66 -15.68 -9.18
CA GLY A 353 -30.87 -14.86 -9.09
C GLY A 353 -30.78 -13.62 -8.19
N HIS A 354 -29.58 -13.13 -7.96
CA HIS A 354 -29.36 -11.99 -7.09
C HIS A 354 -29.62 -10.66 -7.81
N VAL A 355 -29.54 -10.66 -9.13
CA VAL A 355 -29.92 -9.50 -9.90
C VAL A 355 -31.45 -9.51 -10.09
N ASN A 356 -32.11 -8.36 -9.90
CA ASN A 356 -33.58 -8.31 -9.95
C ASN A 356 -34.15 -8.22 -11.37
N LEU A 357 -33.46 -7.48 -12.24
CA LEU A 357 -33.93 -7.20 -13.59
C LEU A 357 -32.80 -7.38 -14.59
N THR A 358 -33.06 -8.17 -15.60
CA THR A 358 -32.22 -8.26 -16.78
C THR A 358 -33.01 -7.65 -17.92
N MET A 359 -32.44 -6.62 -18.56
CA MET A 359 -33.10 -5.96 -19.68
CA MET A 359 -33.17 -5.90 -19.69
C MET A 359 -32.13 -6.13 -20.84
N LEU A 360 -32.66 -6.52 -21.99
CA LEU A 360 -31.85 -6.75 -23.16
C LEU A 360 -32.63 -6.71 -24.46
N GLY A 361 -31.93 -6.67 -25.58
CA GLY A 361 -32.56 -6.65 -26.89
C GLY A 361 -32.76 -8.06 -27.40
N ALA A 362 -33.44 -8.19 -28.53
CA ALA A 362 -33.70 -9.54 -29.07
C ALA A 362 -33.94 -9.44 -30.56
N MET A 363 -33.70 -10.53 -31.26
CA MET A 363 -34.05 -10.62 -32.64
CA MET A 363 -34.02 -10.62 -32.66
C MET A 363 -35.42 -11.19 -32.76
N GLN A 364 -35.72 -12.19 -31.97
CA GLN A 364 -37.07 -12.74 -31.92
C GLN A 364 -37.45 -13.12 -30.50
N VAL A 365 -38.75 -13.08 -30.24
CA VAL A 365 -39.32 -13.62 -28.99
C VAL A 365 -40.57 -14.39 -29.38
N SER A 366 -40.76 -15.56 -28.78
CA SER A 366 -41.93 -16.37 -29.07
C SER A 366 -43.05 -15.97 -28.14
N LYS A 367 -44.25 -16.43 -28.44
CA LYS A 367 -45.40 -16.14 -27.61
C LYS A 367 -45.33 -16.63 -26.18
N TYR A 368 -44.53 -17.66 -25.94
CA TYR A 368 -44.37 -18.23 -24.61
C TYR A 368 -43.05 -17.80 -23.92
N GLY A 369 -42.31 -16.94 -24.58
CA GLY A 369 -41.16 -16.28 -23.96
C GLY A 369 -39.82 -16.86 -24.31
N ASP A 370 -39.77 -17.73 -25.33
CA ASP A 370 -38.49 -18.15 -25.86
C ASP A 370 -37.83 -16.90 -26.41
N LEU A 371 -36.50 -16.83 -26.27
CA LEU A 371 -35.71 -15.69 -26.76
C LEU A 371 -34.68 -16.15 -27.76
N ALA A 372 -34.55 -15.46 -28.89
CA ALA A 372 -33.41 -15.67 -29.78
C ALA A 372 -32.66 -14.35 -29.96
N ASN A 373 -31.41 -14.31 -29.51
CA ASN A 373 -30.64 -13.08 -29.66
C ASN A 373 -29.16 -13.23 -29.89
N TRP A 374 -28.69 -14.36 -30.36
CA TRP A 374 -27.25 -14.63 -30.47
C TRP A 374 -26.71 -15.18 -31.78
N MET A 375 -27.56 -15.75 -32.60
CA MET A 375 -27.08 -16.39 -33.82
C MET A 375 -28.04 -16.23 -34.98
N ILE A 376 -27.50 -15.95 -36.16
CA ILE A 376 -28.24 -16.01 -37.42
C ILE A 376 -27.37 -16.89 -38.28
N PRO A 377 -27.79 -18.14 -38.53
CA PRO A 377 -26.96 -19.08 -39.30
C PRO A 377 -26.38 -18.46 -40.55
N GLY A 378 -25.08 -18.64 -40.75
CA GLY A 378 -24.38 -18.15 -41.94
C GLY A 378 -24.18 -16.64 -41.99
N LYS A 379 -24.55 -15.95 -40.92
CA LYS A 379 -24.52 -14.49 -40.90
C LYS A 379 -23.91 -13.95 -39.60
N LEU A 380 -24.53 -14.30 -38.48
CA LEU A 380 -24.11 -13.81 -37.16
C LEU A 380 -23.68 -15.01 -36.36
N VAL A 381 -22.38 -15.13 -36.11
CA VAL A 381 -21.83 -16.29 -35.43
C VAL A 381 -20.83 -15.86 -34.33
N LYS A 382 -21.09 -14.70 -33.71
CA LYS A 382 -20.16 -14.17 -32.70
C LYS A 382 -20.25 -14.77 -31.29
N GLY A 383 -21.26 -15.58 -31.01
CA GLY A 383 -21.40 -16.15 -29.66
C GLY A 383 -22.48 -15.50 -28.84
N MET A 384 -22.74 -16.12 -27.69
CA MET A 384 -23.83 -15.66 -26.83
C MET A 384 -23.36 -14.77 -25.69
N GLY A 385 -22.05 -14.65 -25.48
CA GLY A 385 -21.56 -13.86 -24.36
C GLY A 385 -22.23 -14.32 -23.05
N GLY A 386 -22.77 -13.39 -22.28
CA GLY A 386 -23.42 -13.76 -21.01
C GLY A 386 -24.94 -13.88 -21.08
N ALA A 387 -25.50 -13.84 -22.29
CA ALA A 387 -26.96 -13.73 -22.45
C ALA A 387 -27.71 -14.96 -21.97
N MET A 388 -27.16 -16.13 -22.21
CA MET A 388 -27.81 -17.38 -21.75
C MET A 388 -27.87 -17.41 -20.22
N ASP A 389 -26.80 -16.94 -19.57
CA ASP A 389 -26.76 -16.90 -18.10
C ASP A 389 -27.75 -15.88 -17.56
N LEU A 390 -27.84 -14.74 -18.25
CA LEU A 390 -28.65 -13.64 -17.78
C LEU A 390 -30.14 -13.92 -17.79
N VAL A 391 -30.56 -14.88 -18.61
CA VAL A 391 -31.97 -15.26 -18.67
C VAL A 391 -32.19 -16.63 -18.02
N SER A 392 -31.20 -17.16 -17.29
CA SER A 392 -31.25 -18.54 -16.75
C SER A 392 -31.96 -18.73 -15.42
N SER A 393 -32.24 -17.64 -14.68
CA SER A 393 -32.82 -17.76 -13.34
C SER A 393 -34.29 -17.35 -13.32
N ALA A 394 -35.14 -18.18 -12.72
CA ALA A 394 -36.54 -17.80 -12.55
C ALA A 394 -36.75 -16.67 -11.55
N LYS A 395 -35.73 -16.32 -10.76
CA LYS A 395 -35.84 -15.23 -9.78
C LYS A 395 -35.62 -13.85 -10.39
N THR A 396 -35.06 -13.80 -11.60
CA THR A 396 -34.75 -12.54 -12.21
C THR A 396 -35.77 -12.21 -13.29
N LYS A 397 -36.36 -11.02 -13.23
CA LYS A 397 -37.27 -10.57 -14.28
C LYS A 397 -36.51 -10.29 -15.58
N VAL A 398 -37.03 -10.81 -16.70
CA VAL A 398 -36.41 -10.57 -18.01
C VAL A 398 -37.34 -9.74 -18.88
N VAL A 399 -36.85 -8.56 -19.28
CA VAL A 399 -37.57 -7.65 -20.14
C VAL A 399 -36.80 -7.47 -21.44
N VAL A 400 -37.47 -7.74 -22.56
CA VAL A 400 -36.92 -7.48 -23.88
C VAL A 400 -37.36 -6.10 -24.33
N THR A 401 -36.40 -5.30 -24.80
CA THR A 401 -36.69 -4.01 -25.42
C THR A 401 -36.25 -4.09 -26.88
N MET A 402 -37.18 -3.96 -27.81
CA MET A 402 -36.84 -4.10 -29.23
C MET A 402 -37.85 -3.45 -30.15
N GLU A 403 -37.40 -3.07 -31.32
CA GLU A 403 -38.30 -2.63 -32.36
C GLU A 403 -39.27 -3.75 -32.67
N HIS A 404 -40.52 -3.37 -32.98
CA HIS A 404 -41.59 -4.34 -33.07
C HIS A 404 -41.36 -5.32 -34.21
N SER A 405 -40.99 -4.80 -35.38
CA SER A 405 -40.81 -5.62 -36.58
C SER A 405 -39.47 -5.40 -37.23
N ALA A 406 -39.09 -6.37 -38.03
CA ALA A 406 -37.82 -6.37 -38.71
C ALA A 406 -37.98 -5.77 -40.10
N LYS A 407 -36.86 -5.70 -40.80
CA LYS A 407 -36.83 -5.18 -42.16
C LYS A 407 -37.83 -5.93 -43.03
N GLY A 408 -38.62 -5.16 -43.79
CA GLY A 408 -39.68 -5.70 -44.64
C GLY A 408 -40.96 -6.02 -43.88
N ASN A 409 -41.13 -5.39 -42.73
CA ASN A 409 -42.17 -5.74 -41.78
C ASN A 409 -42.16 -7.22 -41.38
N ALA A 410 -40.99 -7.87 -41.44
CA ALA A 410 -40.84 -9.25 -40.98
C ALA A 410 -41.07 -9.27 -39.46
N HIS A 411 -41.80 -10.27 -38.99
CA HIS A 411 -42.17 -10.37 -37.58
C HIS A 411 -41.02 -10.78 -36.70
N LYS A 412 -40.99 -10.17 -35.53
CA LYS A 412 -40.00 -10.53 -34.50
C LYS A 412 -40.68 -11.26 -33.34
N ILE A 413 -41.94 -10.94 -33.09
CA ILE A 413 -42.77 -11.67 -32.15
C ILE A 413 -43.56 -12.71 -32.94
N MET A 414 -43.39 -13.99 -32.59
CA MET A 414 -44.06 -15.08 -33.33
C MET A 414 -44.39 -16.28 -32.46
N GLU A 415 -45.14 -17.26 -33.00
CA GLU A 415 -45.51 -18.45 -32.21
C GLU A 415 -44.26 -19.25 -31.84
N LYS A 416 -43.35 -19.38 -32.79
CA LYS A 416 -42.12 -20.11 -32.58
C LYS A 416 -41.00 -19.32 -33.23
N CYS A 417 -39.89 -19.16 -32.52
CA CYS A 417 -38.72 -18.53 -33.11
C CYS A 417 -38.17 -19.43 -34.22
N THR A 418 -37.67 -18.80 -35.26
CA THR A 418 -36.99 -19.52 -36.32
C THR A 418 -35.46 -19.53 -36.12
N LEU A 419 -34.97 -18.65 -35.26
CA LEU A 419 -33.53 -18.50 -35.04
C LEU A 419 -33.16 -19.21 -33.75
N PRO A 420 -31.87 -19.61 -33.60
CA PRO A 420 -31.44 -20.37 -32.44
C PRO A 420 -31.77 -19.65 -31.13
N LEU A 421 -32.25 -20.41 -30.16
CA LEU A 421 -32.68 -19.86 -28.89
C LEU A 421 -31.52 -19.49 -27.98
N THR A 422 -31.70 -18.38 -27.27
CA THR A 422 -30.87 -18.00 -26.14
C THR A 422 -31.41 -18.66 -24.87
N GLY A 423 -32.73 -18.80 -24.84
CA GLY A 423 -33.40 -19.38 -23.69
C GLY A 423 -34.82 -19.76 -24.06
N LYS A 424 -35.36 -20.75 -23.33
CA LYS A 424 -36.74 -21.18 -23.50
C LYS A 424 -37.61 -20.62 -22.38
N GLN A 425 -38.75 -20.04 -22.72
CA GLN A 425 -39.75 -19.58 -21.76
C GLN A 425 -39.10 -18.74 -20.67
N CYS A 426 -38.24 -17.82 -21.09
CA CYS A 426 -37.48 -16.98 -20.17
C CYS A 426 -37.87 -15.49 -20.12
N VAL A 427 -38.56 -14.98 -21.13
CA VAL A 427 -38.90 -13.56 -21.18
C VAL A 427 -40.22 -13.32 -20.44
N ASN A 428 -40.27 -12.28 -19.61
CA ASN A 428 -41.47 -11.92 -18.85
C ASN A 428 -42.28 -10.79 -19.45
N ARG A 429 -41.60 -9.89 -20.16
CA ARG A 429 -42.23 -8.72 -20.72
C ARG A 429 -41.50 -8.29 -21.98
N ILE A 430 -42.25 -7.77 -22.95
CA ILE A 430 -41.72 -7.25 -24.21
C ILE A 430 -42.17 -5.82 -24.36
N ILE A 431 -41.22 -4.91 -24.60
CA ILE A 431 -41.50 -3.51 -24.84
C ILE A 431 -41.04 -3.18 -26.25
N THR A 432 -41.96 -2.72 -27.07
CA THR A 432 -41.64 -2.24 -28.39
C THR A 432 -42.13 -0.80 -28.51
N GLU A 433 -41.91 -0.20 -29.67
CA GLU A 433 -42.38 1.17 -29.88
C GLU A 433 -43.90 1.21 -30.02
N LYS A 434 -44.52 0.06 -30.30
CA LYS A 434 -45.98 -0.03 -30.56
C LYS A 434 -46.78 -0.55 -29.37
N ALA A 435 -46.15 -1.38 -28.56
CA ALA A 435 -46.85 -2.20 -27.59
C ALA A 435 -45.99 -2.60 -26.40
N VAL A 436 -46.66 -2.91 -25.30
CA VAL A 436 -46.08 -3.66 -24.20
C VAL A 436 -46.91 -4.92 -24.02
N PHE A 437 -46.23 -6.07 -24.02
CA PHE A 437 -46.85 -7.38 -23.80
C PHE A 437 -46.31 -7.98 -22.51
N ASP A 438 -47.19 -8.53 -21.69
CA ASP A 438 -46.79 -9.47 -20.65
C ASP A 438 -46.75 -10.83 -21.32
N VAL A 439 -45.85 -11.69 -20.82
CA VAL A 439 -45.60 -12.99 -21.43
C VAL A 439 -45.78 -14.07 -20.39
N ASP A 440 -46.66 -15.03 -20.72
CA ASP A 440 -46.91 -16.19 -19.86
C ASP A 440 -46.48 -17.42 -20.63
N ARG A 441 -45.69 -18.25 -19.97
CA ARG A 441 -45.13 -19.46 -20.60
C ARG A 441 -46.19 -20.50 -20.99
N LYS A 442 -47.38 -20.38 -20.42
CA LYS A 442 -48.53 -21.27 -20.73
C LYS A 442 -49.61 -20.59 -21.56
N LYS A 443 -49.98 -19.37 -21.17
CA LYS A 443 -51.09 -18.64 -21.81
C LYS A 443 -50.68 -17.66 -22.91
N GLY A 444 -49.37 -17.43 -23.07
CA GLY A 444 -48.87 -16.62 -24.17
C GLY A 444 -48.85 -15.12 -23.86
N LEU A 445 -49.16 -14.31 -24.85
CA LEU A 445 -49.02 -12.85 -24.74
C LEU A 445 -50.31 -12.15 -24.34
N THR A 446 -50.15 -11.13 -23.50
CA THR A 446 -51.23 -10.18 -23.19
C THR A 446 -50.77 -8.76 -23.48
N LEU A 447 -51.46 -8.11 -24.42
CA LEU A 447 -51.23 -6.71 -24.72
C LEU A 447 -51.73 -5.88 -23.53
N ILE A 448 -50.79 -5.22 -22.84
CA ILE A 448 -51.12 -4.38 -21.68
C ILE A 448 -51.01 -2.86 -21.90
N GLU A 449 -50.25 -2.43 -22.91
CA GLU A 449 -50.20 -1.01 -23.27
C GLU A 449 -50.10 -0.88 -24.75
N LEU A 450 -50.63 0.20 -25.28
CA LEU A 450 -50.70 0.40 -26.73
C LEU A 450 -50.27 1.81 -27.03
N TRP A 451 -49.32 1.99 -27.95
CA TRP A 451 -48.84 3.33 -28.28
C TRP A 451 -50.02 4.17 -28.79
N GLU A 452 -50.15 5.38 -28.27
CA GLU A 452 -51.27 6.24 -28.62
C GLU A 452 -51.36 6.45 -30.12
N GLY A 453 -52.59 6.41 -30.64
CA GLY A 453 -52.78 6.54 -32.08
C GLY A 453 -52.87 5.20 -32.81
N LEU A 454 -52.23 4.16 -32.25
CA LEU A 454 -52.34 2.81 -32.82
C LEU A 454 -53.60 2.13 -32.32
N THR A 455 -54.07 1.18 -33.12
CA THR A 455 -55.22 0.34 -32.77
C THR A 455 -54.76 -1.09 -32.55
N VAL A 456 -55.57 -1.89 -31.88
CA VAL A 456 -55.31 -3.33 -31.76
C VAL A 456 -55.07 -4.00 -33.13
N ASP A 457 -55.81 -3.59 -34.15
CA ASP A 457 -55.61 -4.17 -35.48
C ASP A 457 -54.22 -3.87 -36.02
N ASP A 458 -53.70 -2.69 -35.68
CA ASP A 458 -52.33 -2.32 -36.06
C ASP A 458 -51.33 -3.33 -35.48
N ILE A 459 -51.59 -3.75 -34.26
CA ILE A 459 -50.76 -4.73 -33.58
C ILE A 459 -50.96 -6.12 -34.16
N LYS A 460 -52.20 -6.49 -34.44
CA LYS A 460 -52.48 -7.78 -35.10
C LYS A 460 -51.73 -7.90 -36.44
N LYS A 461 -51.67 -6.81 -37.19
CA LYS A 461 -51.00 -6.79 -38.48
C LYS A 461 -49.47 -6.90 -38.41
N SER A 462 -48.87 -6.50 -37.29
CA SER A 462 -47.42 -6.42 -37.19
C SER A 462 -46.84 -7.45 -36.22
N THR A 463 -47.66 -8.41 -35.82
CA THR A 463 -47.28 -9.41 -34.84
C THR A 463 -47.54 -10.80 -35.42
N GLY A 464 -46.57 -11.69 -35.27
CA GLY A 464 -46.62 -13.03 -35.89
C GLY A 464 -47.34 -14.12 -35.13
N CYS A 465 -48.11 -13.74 -34.13
CA CYS A 465 -48.91 -14.70 -33.39
C CYS A 465 -50.14 -13.99 -32.83
N ASP A 466 -51.01 -14.73 -32.18
CA ASP A 466 -52.15 -14.12 -31.52
C ASP A 466 -51.79 -13.63 -30.12
N PHE A 467 -52.68 -12.85 -29.53
CA PHE A 467 -52.48 -12.33 -28.18
C PHE A 467 -53.80 -11.93 -27.57
N ALA A 468 -53.85 -11.96 -26.23
CA ALA A 468 -54.99 -11.43 -25.48
C ALA A 468 -54.80 -9.93 -25.32
N VAL A 469 -55.91 -9.22 -25.17
CA VAL A 469 -55.88 -7.79 -24.92
C VAL A 469 -56.40 -7.59 -23.51
N SER A 470 -55.59 -6.96 -22.67
CA SER A 470 -55.97 -6.71 -21.29
C SER A 470 -57.26 -5.91 -21.23
N PRO A 471 -58.12 -6.24 -20.26
CA PRO A 471 -59.32 -5.44 -20.01
C PRO A 471 -58.96 -4.07 -19.47
N LYS A 472 -57.76 -3.96 -18.90
CA LYS A 472 -57.24 -2.68 -18.43
C LYS A 472 -56.11 -2.10 -19.29
N LEU A 473 -56.23 -2.26 -20.61
CA LEU A 473 -55.29 -1.67 -21.56
C LEU A 473 -55.21 -0.15 -21.39
N ILE A 474 -53.99 0.36 -21.37
CA ILE A 474 -53.76 1.81 -21.27
C ILE A 474 -52.82 2.25 -22.39
N PRO A 475 -52.83 3.53 -22.75
CA PRO A 475 -51.83 4.00 -23.69
C PRO A 475 -50.42 3.75 -23.15
N MET A 476 -49.47 3.51 -24.05
CA MET A 476 -48.10 3.27 -23.58
C MET A 476 -47.55 4.45 -22.77
N GLN A 477 -47.04 4.12 -21.59
CA GLN A 477 -46.49 5.13 -20.70
C GLN A 477 -45.11 5.57 -21.16
N GLN A 478 -44.69 6.73 -20.69
CA GLN A 478 -43.40 7.30 -21.04
C GLN A 478 -42.88 8.02 -19.80
N VAL A 479 -41.60 7.84 -19.49
CA VAL A 479 -41.00 8.48 -18.33
C VAL A 479 -41.01 10.00 -18.47
N THR A 480 -41.07 10.70 -17.34
CA THR A 480 -41.09 12.16 -17.34
C THR A 480 -39.69 12.72 -17.09
N THR B 1 6.94 39.10 16.07
CA THR B 1 7.12 38.46 17.42
C THR B 1 6.49 39.34 18.48
N LYS B 2 5.66 38.71 19.35
CA LYS B 2 5.06 39.41 20.50
C LYS B 2 5.88 39.07 21.74
N PHE B 3 6.34 40.10 22.44
CA PHE B 3 7.10 39.96 23.66
C PHE B 3 6.21 39.99 24.89
N TYR B 4 6.48 39.08 25.83
CA TYR B 4 5.73 38.94 27.08
C TYR B 4 6.65 39.11 28.26
N THR B 5 6.14 39.72 29.34
CA THR B 5 6.88 39.78 30.60
C THR B 5 6.64 38.54 31.48
N ASP B 6 5.49 37.87 31.28
CA ASP B 6 5.06 36.78 32.14
C ASP B 6 4.80 35.54 31.29
N ALA B 7 5.50 34.47 31.59
CA ALA B 7 5.33 33.22 30.85
C ALA B 7 3.89 32.68 30.89
N VAL B 8 3.20 32.84 32.02
CA VAL B 8 1.82 32.34 32.09
C VAL B 8 0.96 33.04 31.05
N GLU B 9 1.13 34.35 30.88
CA GLU B 9 0.37 35.10 29.89
CA GLU B 9 0.36 35.09 29.89
C GLU B 9 0.61 34.55 28.48
N ALA B 10 1.86 34.15 28.23
CA ALA B 10 2.25 33.54 26.94
C ALA B 10 1.65 32.18 26.62
N VAL B 11 1.23 31.43 27.64
CA VAL B 11 0.69 30.10 27.44
C VAL B 11 -0.75 29.92 27.97
N LYS B 12 -1.37 30.98 28.44
CA LYS B 12 -2.65 30.78 29.13
C LYS B 12 -3.78 30.31 28.22
N ASP B 13 -3.67 30.54 26.90
CA ASP B 13 -4.67 30.11 25.94
C ASP B 13 -4.53 28.70 25.35
N ILE B 14 -3.58 27.91 25.87
CA ILE B 14 -3.51 26.54 25.41
C ILE B 14 -4.75 25.80 25.91
N PRO B 15 -5.53 25.21 25.00
CA PRO B 15 -6.74 24.47 25.44
C PRO B 15 -6.45 23.08 25.95
N ASN B 16 -7.30 22.54 26.80
CA ASN B 16 -7.20 21.17 27.18
C ASN B 16 -7.25 20.32 25.91
N GLY B 17 -6.40 19.29 25.89
CA GLY B 17 -6.38 18.36 24.76
C GLY B 17 -5.41 18.75 23.63
N ALA B 18 -4.74 19.88 23.79
CA ALA B 18 -3.86 20.38 22.73
C ALA B 18 -2.68 19.44 22.55
N THR B 19 -2.15 19.50 21.34
CA THR B 19 -0.84 18.84 21.00
C THR B 19 0.21 19.92 21.14
N VAL B 20 1.20 19.65 21.97
CA VAL B 20 2.21 20.65 22.30
C VAL B 20 3.59 20.01 22.08
N LEU B 21 4.39 20.67 21.24
CA LEU B 21 5.78 20.26 21.03
C LEU B 21 6.62 20.86 22.12
N VAL B 22 7.45 20.06 22.75
CA VAL B 22 8.31 20.55 23.84
C VAL B 22 9.77 20.24 23.56
N GLY B 23 10.58 21.27 23.48
CA GLY B 23 12.03 21.09 23.21
C GLY B 23 12.78 20.39 24.32
N GLY B 24 13.98 19.97 23.98
CA GLY B 24 14.96 19.47 24.91
C GLY B 24 15.38 18.04 24.62
N PHE B 25 16.59 17.72 25.09
CA PHE B 25 17.19 16.36 25.01
C PHE B 25 17.64 16.03 26.42
N GLY B 26 16.93 15.12 27.08
CA GLY B 26 17.16 14.95 28.52
C GLY B 26 16.77 16.23 29.20
N LEU B 27 17.62 16.78 30.05
CA LEU B 27 17.40 18.08 30.66
C LEU B 27 18.12 19.19 29.93
N CYS B 28 18.73 18.89 28.77
CA CYS B 28 19.48 19.85 28.03
C CYS B 28 18.59 20.63 27.04
N GLY B 29 18.51 21.92 27.25
CA GLY B 29 17.62 22.75 26.40
C GLY B 29 16.14 22.58 26.61
N ILE B 30 15.73 22.26 27.83
CA ILE B 30 14.31 22.16 28.12
C ILE B 30 13.77 23.52 28.51
N PRO B 31 12.50 23.75 28.12
CA PRO B 31 11.82 25.01 28.50
C PRO B 31 11.24 24.97 29.89
N GLU B 32 12.12 25.12 30.85
CA GLU B 32 11.78 24.85 32.24
C GLU B 32 10.77 25.90 32.72
N ASN B 33 10.87 27.11 32.22
CA ASN B 33 9.90 28.15 32.64
C ASN B 33 8.53 27.98 32.00
N LEU B 34 8.49 27.60 30.74
CA LEU B 34 7.20 27.35 30.10
C LEU B 34 6.53 26.12 30.68
N ILE B 35 7.26 25.09 31.02
CA ILE B 35 6.73 23.92 31.76
C ILE B 35 6.19 24.37 33.11
N GLY B 36 6.92 25.21 33.81
CA GLY B 36 6.42 25.77 35.08
C GLY B 36 5.13 26.56 34.90
N ALA B 37 5.01 27.24 33.78
CA ALA B 37 3.80 28.05 33.52
C ALA B 37 2.64 27.12 33.30
N LEU B 38 2.84 25.98 32.62
CA LEU B 38 1.74 25.04 32.44
CA LEU B 38 1.75 25.02 32.44
C LEU B 38 1.31 24.39 33.75
N LEU B 39 2.25 24.21 34.69
CA LEU B 39 1.87 23.71 36.01
C LEU B 39 0.89 24.69 36.63
N LYS B 40 1.18 25.98 36.46
CA LYS B 40 0.27 27.03 37.00
C LYS B 40 -1.08 27.12 36.32
N THR B 41 -1.13 26.94 34.98
CA THR B 41 -2.43 27.04 34.29
C THR B 41 -3.27 25.80 34.51
N GLY B 42 -2.64 24.64 34.72
CA GLY B 42 -3.32 23.39 34.96
C GLY B 42 -3.96 22.75 33.74
N VAL B 43 -3.55 23.18 32.54
CA VAL B 43 -4.09 22.68 31.29
C VAL B 43 -3.90 21.15 31.22
N LYS B 44 -4.91 20.43 30.74
CA LYS B 44 -4.84 18.99 30.83
C LYS B 44 -5.10 18.25 29.53
N GLU B 45 -4.95 16.94 29.61
CA GLU B 45 -5.17 16.03 28.50
C GLU B 45 -4.27 16.39 27.32
N LEU B 46 -3.04 16.80 27.61
CA LEU B 46 -2.11 17.20 26.55
C LEU B 46 -1.58 16.02 25.80
N THR B 47 -1.38 16.19 24.48
CA THR B 47 -0.48 15.28 23.74
C THR B 47 0.87 16.00 23.64
N ALA B 48 1.88 15.47 24.31
CA ALA B 48 3.18 16.14 24.40
C ALA B 48 4.15 15.41 23.51
N VAL B 49 4.65 16.14 22.51
CA VAL B 49 5.66 15.61 21.59
C VAL B 49 7.01 16.10 22.10
N SER B 50 7.82 15.18 22.65
CA SER B 50 9.10 15.56 23.25
C SER B 50 9.99 14.36 23.22
N ASN B 51 11.25 14.58 22.93
CA ASN B 51 12.10 13.42 22.75
C ASN B 51 12.11 12.49 23.97
N ASN B 52 12.22 13.07 25.14
CA ASN B 52 12.21 12.34 26.42
C ASN B 52 11.15 12.98 27.31
N ALA B 53 11.06 12.55 28.56
CA ALA B 53 10.18 13.27 29.51
C ALA B 53 10.97 13.71 30.72
N GLY B 54 12.11 14.30 30.51
CA GLY B 54 12.91 14.81 31.59
C GLY B 54 13.31 13.72 32.55
N VAL B 55 13.25 14.04 33.83
CA VAL B 55 13.51 13.07 34.89
C VAL B 55 12.29 13.06 35.77
N ASP B 56 12.27 12.22 36.79
CA ASP B 56 11.06 12.09 37.57
C ASP B 56 10.57 13.41 38.14
N ASN B 57 11.48 14.25 38.57
CA ASN B 57 11.14 15.49 39.25
C ASN B 57 11.57 16.75 38.53
N PHE B 58 11.74 16.70 37.21
CA PHE B 58 12.10 17.93 36.49
C PHE B 58 11.80 17.77 34.99
N GLY B 59 11.70 18.89 34.30
CA GLY B 59 11.29 18.86 32.90
CA GLY B 59 11.29 18.86 32.89
C GLY B 59 9.88 18.33 32.74
N LEU B 60 9.60 17.61 31.65
CA LEU B 60 8.25 17.09 31.44
C LEU B 60 7.81 16.10 32.49
N GLY B 61 8.75 15.51 33.22
CA GLY B 61 8.35 14.70 34.35
C GLY B 61 7.39 15.41 35.29
N LEU B 62 7.55 16.71 35.44
CA LEU B 62 6.66 17.49 36.33
C LEU B 62 5.19 17.44 35.88
N LEU B 63 4.98 17.44 34.56
CA LEU B 63 3.63 17.41 33.99
C LEU B 63 3.02 16.02 34.01
N LEU B 64 3.86 14.99 34.06
CA LEU B 64 3.42 13.62 34.34
C LEU B 64 3.01 13.53 35.80
N GLN B 65 3.83 14.05 36.71
CA GLN B 65 3.50 14.05 38.15
C GLN B 65 2.11 14.68 38.38
N SER B 66 1.84 15.79 37.69
CA SER B 66 0.58 16.52 37.83
C SER B 66 -0.57 15.94 36.99
N LYS B 67 -0.29 14.87 36.23
CA LYS B 67 -1.28 14.17 35.42
CA LYS B 67 -1.30 14.18 35.46
C LYS B 67 -1.90 15.05 34.37
N GLN B 68 -1.08 15.97 33.82
CA GLN B 68 -1.53 16.86 32.78
C GLN B 68 -1.36 16.36 31.33
N ILE B 69 -0.69 15.22 31.19
CA ILE B 69 -0.39 14.67 29.88
C ILE B 69 -1.16 13.38 29.68
N LYS B 70 -1.92 13.34 28.59
CA LYS B 70 -2.64 12.16 28.15
C LYS B 70 -1.75 11.20 27.34
N ARG B 71 -0.95 11.80 26.44
CA ARG B 71 -0.09 11.00 25.55
C ARG B 71 1.26 11.64 25.35
N MET B 72 2.32 10.83 25.47
CA MET B 72 3.69 11.22 25.10
C MET B 72 4.01 10.66 23.74
N ILE B 73 4.62 11.47 22.88
CA ILE B 73 5.18 11.00 21.58
C ILE B 73 6.67 11.28 21.69
N SER B 74 7.45 10.22 21.84
CA SER B 74 8.82 10.33 22.35
C SER B 74 9.71 9.20 21.80
N SER B 75 11.04 9.35 21.89
CA SER B 75 11.90 8.24 21.45
C SER B 75 12.47 7.43 22.60
N TYR B 76 12.59 8.00 23.78
CA TYR B 76 13.23 7.28 24.88
CA TYR B 76 13.23 7.30 24.89
C TYR B 76 12.76 7.81 26.22
N VAL B 77 12.30 6.90 27.07
CA VAL B 77 11.87 7.23 28.43
C VAL B 77 13.05 7.61 29.34
N GLY B 78 14.19 6.94 29.19
CA GLY B 78 15.38 7.31 29.95
C GLY B 78 15.22 7.13 31.43
N GLU B 79 15.92 7.98 32.19
CA GLU B 79 15.95 7.90 33.64
C GLU B 79 14.82 8.71 34.30
N ASN B 80 13.60 8.41 33.87
CA ASN B 80 12.41 8.95 34.48
C ASN B 80 11.60 7.75 34.87
N ALA B 81 11.68 7.38 36.15
CA ALA B 81 10.95 6.23 36.65
C ALA B 81 9.44 6.39 36.63
N GLU B 82 8.94 7.61 36.78
CA GLU B 82 7.47 7.83 36.83
C GLU B 82 6.84 7.76 35.40
N PHE B 83 7.61 8.21 34.42
CA PHE B 83 7.23 8.11 32.99
C PHE B 83 7.05 6.64 32.68
N GLU B 84 8.06 5.85 33.03
CA GLU B 84 8.04 4.39 32.83
C GLU B 84 6.89 3.70 33.58
N ARG B 85 6.69 4.11 34.82
CA ARG B 85 5.63 3.54 35.65
C ARG B 85 4.27 3.77 35.06
N GLN B 86 3.98 5.05 34.77
CA GLN B 86 2.68 5.46 34.19
C GLN B 86 2.37 4.69 32.89
N TYR B 87 3.37 4.53 32.03
CA TYR B 87 3.25 3.78 30.78
C TYR B 87 2.87 2.33 31.07
N LEU B 88 3.69 1.63 31.85
CA LEU B 88 3.39 0.20 32.18
C LEU B 88 2.05 0.02 32.88
N ALA B 89 1.62 1.07 33.59
CA ALA B 89 0.45 0.99 34.49
C ALA B 89 -0.90 1.23 33.82
N GLY B 90 -0.90 1.73 32.59
CA GLY B 90 -2.15 2.05 31.89
C GLY B 90 -2.67 3.47 32.11
N GLU B 91 -1.84 4.35 32.68
CA GLU B 91 -2.28 5.70 33.08
C GLU B 91 -2.00 6.70 31.94
N LEU B 92 -1.12 6.29 31.05
CA LEU B 92 -0.53 7.18 30.06
C LEU B 92 -0.42 6.46 28.71
N GLU B 93 -0.70 7.19 27.62
CA GLU B 93 -0.50 6.69 26.26
C GLU B 93 0.91 7.12 25.83
N VAL B 94 1.64 6.21 25.18
CA VAL B 94 2.99 6.55 24.68
C VAL B 94 3.17 6.01 23.28
N GLU B 95 3.53 6.89 22.34
CA GLU B 95 3.95 6.48 21.02
C GLU B 95 5.46 6.53 20.95
N LEU B 96 6.08 5.37 21.02
CA LEU B 96 7.54 5.29 20.92
C LEU B 96 7.92 5.45 19.47
N THR B 97 8.74 6.45 19.19
CA THR B 97 9.00 6.92 17.86
C THR B 97 10.51 7.01 17.68
N PRO B 98 11.08 6.39 16.60
CA PRO B 98 12.54 6.50 16.46
C PRO B 98 12.94 7.97 16.47
N GLN B 99 14.07 8.29 17.10
CA GLN B 99 14.44 9.68 17.33
C GLN B 99 14.62 10.49 16.05
N GLY B 100 15.28 9.92 15.05
CA GLY B 100 15.44 10.60 13.77
C GLY B 100 14.15 10.75 13.03
N THR B 101 13.25 9.75 13.13
CA THR B 101 11.94 9.89 12.57
C THR B 101 11.13 10.98 13.26
N LEU B 102 11.24 11.04 14.57
CA LEU B 102 10.57 12.12 15.32
C LEU B 102 11.05 13.48 14.79
N ALA B 103 12.38 13.64 14.67
CA ALA B 103 12.96 14.92 14.28
C ALA B 103 12.53 15.25 12.82
N GLU B 104 12.53 14.28 11.91
CA GLU B 104 12.20 14.57 10.52
C GLU B 104 10.71 14.81 10.34
N ARG B 105 9.88 14.10 11.13
CA ARG B 105 8.41 14.34 11.06
C ARG B 105 8.07 15.72 11.50
N ILE B 106 8.75 16.19 12.55
CA ILE B 106 8.57 17.56 13.03
C ILE B 106 9.02 18.53 11.94
N ARG B 107 10.22 18.31 11.38
CA ARG B 107 10.72 19.14 10.28
C ARG B 107 9.72 19.21 9.14
N ALA B 108 9.17 18.07 8.75
CA ALA B 108 8.19 18.02 7.66
C ALA B 108 6.96 18.86 7.99
N GLY B 109 6.57 18.82 9.26
CA GLY B 109 5.41 19.59 9.73
C GLY B 109 5.59 21.08 9.64
N GLY B 110 6.83 21.58 9.64
CA GLY B 110 7.10 22.98 9.41
C GLY B 110 7.40 23.37 7.98
N ALA B 111 7.64 22.36 7.13
CA ALA B 111 8.20 22.60 5.78
C ALA B 111 7.23 22.28 4.66
N GLY B 112 5.96 22.04 4.98
CA GLY B 112 4.98 21.77 3.94
C GLY B 112 5.07 20.44 3.28
N VAL B 113 5.68 19.48 3.99
CA VAL B 113 5.79 18.11 3.50
C VAL B 113 4.87 17.21 4.35
N PRO B 114 3.80 16.62 3.77
CA PRO B 114 2.89 15.84 4.60
C PRO B 114 3.41 14.47 4.95
N ALA B 115 4.38 13.99 4.20
CA ALA B 115 4.89 12.62 4.41
C ALA B 115 6.16 12.43 3.60
N PHE B 116 6.98 11.52 4.08
CA PHE B 116 8.28 11.16 3.47
C PHE B 116 8.61 9.70 3.81
N TYR B 117 9.61 9.17 3.12
CA TYR B 117 10.07 7.80 3.29
C TYR B 117 11.40 7.73 4.02
N THR B 118 11.55 6.71 4.85
CA THR B 118 12.79 6.49 5.61
C THR B 118 13.04 5.05 5.84
N SER B 119 14.31 4.65 5.89
CA SER B 119 14.61 3.22 6.16
CA SER B 119 14.72 3.28 6.16
C SER B 119 14.50 2.90 7.62
N THR B 120 14.57 3.91 8.50
CA THR B 120 14.45 3.72 9.94
C THR B 120 13.16 3.06 10.30
N GLY B 121 13.26 1.92 10.99
CA GLY B 121 12.06 1.24 11.40
C GLY B 121 11.57 0.16 10.44
N TYR B 122 12.13 0.10 9.24
CA TYR B 122 11.79 -0.99 8.32
C TYR B 122 12.12 -2.31 8.98
N GLY B 123 11.18 -3.27 8.88
CA GLY B 123 11.42 -4.60 9.41
C GLY B 123 11.31 -4.71 10.91
N THR B 124 10.75 -3.67 11.54
CA THR B 124 10.57 -3.61 12.97
C THR B 124 9.09 -3.37 13.32
N LEU B 125 8.80 -3.37 14.61
CA LEU B 125 7.44 -3.04 15.07
C LEU B 125 6.95 -1.69 14.61
N VAL B 126 7.86 -0.77 14.31
CA VAL B 126 7.43 0.52 13.78
C VAL B 126 6.71 0.30 12.44
N GLN B 127 7.28 -0.50 11.56
CA GLN B 127 6.60 -0.84 10.32
C GLN B 127 5.39 -1.72 10.57
N GLU B 128 5.53 -2.75 11.39
CA GLU B 128 4.48 -3.78 11.49
C GLU B 128 3.22 -3.29 12.21
N GLY B 129 3.38 -2.32 13.11
CA GLY B 129 2.31 -1.95 14.02
C GLY B 129 2.21 -2.97 15.13
N GLY B 130 1.21 -2.75 15.98
N GLY B 130 1.41 -2.68 16.15
CA GLY B 130 0.68 -3.77 16.90
CA GLY B 130 1.50 -3.46 17.40
C GLY B 130 1.04 -3.59 18.36
C GLY B 130 2.52 -3.01 18.45
N SER B 131 1.78 -2.54 18.67
N SER B 131 3.20 -1.87 18.23
CA SER B 131 2.34 -2.35 20.00
CA SER B 131 3.97 -1.25 19.33
C SER B 131 1.44 -1.50 20.89
C SER B 131 2.95 -0.74 20.34
N PRO B 132 1.43 -1.80 22.19
N PRO B 132 3.08 -1.13 21.63
CA PRO B 132 0.69 -0.99 23.16
CA PRO B 132 2.03 -0.74 22.57
C PRO B 132 1.23 0.43 23.39
C PRO B 132 1.91 0.76 22.77
N ILE B 133 0.69 1.33 22.60
CA ILE B 133 0.51 2.75 22.94
C ILE B 133 -0.18 2.92 24.28
N LYS B 134 -1.16 2.07 24.58
CA LYS B 134 -1.78 2.11 25.89
C LYS B 134 -2.01 0.69 26.37
N TYR B 135 -1.34 0.33 27.47
CA TYR B 135 -1.54 -0.96 28.18
C TYR B 135 -2.71 -1.17 29.16
N ILE B 141 -2.91 -4.88 26.26
CA ILE B 141 -2.83 -3.81 25.24
C ILE B 141 -4.20 -3.20 24.88
N ALA B 142 -4.40 -1.92 25.18
CA ALA B 142 -5.67 -1.21 24.90
C ALA B 142 -5.69 -0.40 23.58
N ILE B 143 -4.55 0.18 23.24
CA ILE B 143 -4.38 0.91 21.96
C ILE B 143 -3.06 0.42 21.42
N ALA B 144 -3.09 0.01 20.16
CA ALA B 144 -1.96 -0.54 19.47
C ALA B 144 -1.51 0.41 18.35
N SER B 145 -0.21 0.49 18.10
CA SER B 145 0.27 1.31 16.98
C SER B 145 -0.23 0.76 15.64
N LYS B 146 -0.39 1.66 14.68
CA LYS B 146 -0.78 1.32 13.32
C LYS B 146 0.45 0.98 12.46
N PRO B 147 0.31 0.10 11.47
CA PRO B 147 1.47 -0.16 10.62
C PRO B 147 1.86 1.06 9.81
N ARG B 148 3.10 1.07 9.31
CA ARG B 148 3.51 2.09 8.38
C ARG B 148 3.65 1.43 7.02
N GLU B 149 3.25 2.14 5.96
CA GLU B 149 3.31 1.62 4.60
C GLU B 149 4.77 1.41 4.17
N VAL B 150 5.01 0.34 3.42
CA VAL B 150 6.34 0.04 2.88
C VAL B 150 6.40 0.31 1.38
N ARG B 151 7.58 0.76 0.93
CA ARG B 151 7.86 1.00 -0.48
C ARG B 151 9.36 0.87 -0.76
N GLU B 152 9.57 0.31 -2.00
CA GLU B 152 10.92 0.11 -2.46
C GLU B 152 11.33 1.26 -3.37
N PHE B 153 12.61 1.79 -3.05
CA PHE B 153 13.20 2.75 -3.95
C PHE B 153 14.63 2.30 -4.19
N ASN B 154 14.99 2.23 -5.46
CA ASN B 154 16.37 1.99 -5.86
C ASN B 154 16.88 0.68 -5.22
N GLY B 155 16.01 -0.34 -5.13
CA GLY B 155 16.42 -1.65 -4.59
C GLY B 155 16.51 -1.77 -3.08
N GLN B 156 16.02 -0.75 -2.38
CA GLN B 156 16.03 -0.73 -0.93
C GLN B 156 14.65 -0.41 -0.37
N HIS B 157 14.37 -0.84 0.84
CA HIS B 157 13.10 -0.72 1.41
CA HIS B 157 13.01 -0.66 1.30
C HIS B 157 12.86 0.38 2.40
N PHE B 158 11.76 1.10 2.30
CA PHE B 158 11.53 2.27 3.14
C PHE B 158 10.07 2.36 3.58
N ILE B 159 9.84 2.96 4.74
CA ILE B 159 8.49 3.12 5.28
C ILE B 159 8.06 4.58 5.25
N LEU B 160 6.76 4.79 5.08
CA LEU B 160 6.18 6.10 4.98
C LEU B 160 5.84 6.64 6.36
N GLU B 161 6.33 7.85 6.65
CA GLU B 161 6.07 8.56 7.89
C GLU B 161 5.41 9.90 7.57
N GLU B 162 4.44 10.29 8.42
CA GLU B 162 3.71 11.52 8.27
C GLU B 162 4.16 12.70 9.16
N ALA B 163 3.96 13.91 8.67
CA ALA B 163 4.35 15.10 9.38
C ALA B 163 3.72 15.16 10.77
N ILE B 164 4.47 15.76 11.71
CA ILE B 164 3.93 16.10 13.04
C ILE B 164 3.88 17.60 13.10
N ARG B 165 2.73 18.13 13.50
CA ARG B 165 2.55 19.53 13.82
C ARG B 165 1.89 19.66 15.21
N GLY B 166 2.15 20.76 15.89
CA GLY B 166 1.49 21.03 17.13
C GLY B 166 0.54 22.20 17.03
N ASP B 167 -0.33 22.23 18.02
CA ASP B 167 -1.09 23.45 18.27
C ASP B 167 -0.17 24.54 18.81
N PHE B 168 0.76 24.10 19.67
CA PHE B 168 1.73 24.98 20.26
C PHE B 168 3.10 24.28 20.28
N ALA B 169 4.14 25.12 20.26
CA ALA B 169 5.51 24.64 20.58
C ALA B 169 6.01 25.43 21.77
N LEU B 170 6.63 24.70 22.70
CA LEU B 170 7.32 25.32 23.83
C LEU B 170 8.82 25.08 23.65
N VAL B 171 9.52 26.16 23.33
CA VAL B 171 10.94 26.10 22.87
C VAL B 171 11.83 26.87 23.83
N LYS B 172 13.03 26.33 24.15
CA LYS B 172 14.04 27.00 24.92
C LYS B 172 15.12 27.49 23.98
N ALA B 173 15.55 28.72 24.12
CA ALA B 173 16.71 29.24 23.37
C ALA B 173 17.61 30.04 24.28
N TRP B 174 18.78 30.41 23.79
CA TRP B 174 19.78 31.09 24.57
C TRP B 174 19.50 32.59 24.56
N LYS B 175 19.52 33.19 23.38
CA LYS B 175 19.34 34.62 23.22
C LYS B 175 18.27 34.86 22.15
N ALA B 176 17.54 35.96 22.35
CA ALA B 176 16.76 36.57 21.28
C ALA B 176 17.20 38.01 21.16
N ASP B 177 17.19 38.52 19.93
CA ASP B 177 17.33 39.96 19.76
C ASP B 177 15.97 40.64 19.92
N GLN B 178 16.01 41.97 19.92
CA GLN B 178 14.78 42.71 20.12
C GLN B 178 13.81 42.60 18.95
N ALA B 179 14.22 41.97 17.84
CA ALA B 179 13.32 41.72 16.71
C ALA B 179 12.66 40.34 16.79
N GLY B 180 13.14 39.49 17.68
CA GLY B 180 12.63 38.13 17.79
C GLY B 180 13.48 37.02 17.11
N ASN B 181 14.63 37.38 16.52
CA ASN B 181 15.54 36.33 16.03
C ASN B 181 16.17 35.62 17.25
N VAL B 182 16.42 34.31 17.09
CA VAL B 182 16.91 33.53 18.24
C VAL B 182 18.08 32.62 17.87
N THR B 183 18.92 32.40 18.87
CA THR B 183 20.07 31.48 18.75
C THR B 183 20.08 30.51 19.94
N PHE B 184 20.78 29.38 19.77
CA PHE B 184 20.90 28.28 20.72
C PHE B 184 22.35 28.07 21.12
N ARG B 185 22.54 27.59 22.36
CA ARG B 185 23.85 27.35 22.92
C ARG B 185 24.26 25.90 22.97
N LYS B 186 25.40 25.61 22.39
CA LYS B 186 25.94 24.25 22.44
C LYS B 186 24.89 23.18 22.04
N SER B 187 24.76 22.08 22.77
CA SER B 187 23.87 20.99 22.41
C SER B 187 22.45 21.18 22.96
N ALA B 188 22.18 22.35 23.52
CA ALA B 188 20.81 22.66 23.93
C ALA B 188 19.88 22.97 22.77
N ARG B 189 20.41 23.06 21.54
CA ARG B 189 19.59 23.21 20.32
C ARG B 189 18.66 22.04 20.06
N ASN B 190 19.20 20.88 19.81
CA ASN B 190 18.46 19.62 19.61
C ASN B 190 17.11 19.77 18.92
N PHE B 191 16.01 19.44 19.59
CA PHE B 191 14.70 19.49 19.00
C PHE B 191 14.08 20.90 19.04
N ASN B 192 14.66 21.83 19.77
CA ASN B 192 14.07 23.17 19.86
C ASN B 192 14.00 23.81 18.49
N LEU B 193 15.06 23.68 17.70
CA LEU B 193 15.07 24.32 16.40
C LEU B 193 13.98 23.86 15.44
N PRO B 194 13.86 22.55 15.14
CA PRO B 194 12.77 22.19 14.23
C PRO B 194 11.37 22.40 14.86
N MET B 195 11.24 22.20 16.15
CA MET B 195 9.93 22.46 16.80
C MET B 195 9.44 23.89 16.65
N CYS B 196 10.32 24.83 16.51
CA CYS B 196 9.99 26.25 16.32
CA CYS B 196 9.90 26.20 16.41
C CYS B 196 9.24 26.50 15.04
N LYS B 197 9.31 25.55 14.12
CA LYS B 197 8.76 25.81 12.77
C LYS B 197 7.46 25.01 12.52
N ALA B 198 7.05 24.18 13.46
CA ALA B 198 6.04 23.14 13.26
C ALA B 198 4.80 23.26 14.13
N ALA B 199 4.47 24.44 14.63
CA ALA B 199 3.26 24.61 15.43
C ALA B 199 2.53 25.86 15.02
N GLU B 200 1.22 25.86 15.29
CA GLU B 200 0.42 27.02 15.00
C GLU B 200 0.90 28.24 15.75
N THR B 201 1.22 28.05 17.04
CA THR B 201 1.77 29.10 17.88
C THR B 201 3.03 28.60 18.59
N THR B 202 4.11 29.28 18.29
CA THR B 202 5.40 29.00 18.89
CA THR B 202 5.41 29.01 18.87
C THR B 202 5.69 29.99 20.01
N VAL B 203 6.09 29.41 21.15
CA VAL B 203 6.41 30.17 22.36
C VAL B 203 7.85 29.84 22.71
N VAL B 204 8.70 30.86 22.69
CA VAL B 204 10.12 30.72 23.01
C VAL B 204 10.48 31.41 24.30
N GLU B 205 11.13 30.71 25.23
CA GLU B 205 11.76 31.32 26.38
C GLU B 205 13.26 31.43 26.15
N VAL B 206 13.82 32.56 26.53
CA VAL B 206 15.26 32.80 26.40
C VAL B 206 15.92 33.23 27.70
N GLU B 207 17.22 33.02 27.77
CA GLU B 207 18.02 33.47 28.94
C GLU B 207 18.36 34.97 28.85
N GLU B 208 18.53 35.48 27.63
CA GLU B 208 18.95 36.86 27.44
C GLU B 208 18.27 37.46 26.24
N ILE B 209 17.84 38.71 26.37
CA ILE B 209 17.42 39.52 25.23
C ILE B 209 18.54 40.52 24.94
N VAL B 210 18.95 40.55 23.66
CA VAL B 210 20.06 41.39 23.21
C VAL B 210 19.61 42.36 22.12
N ASP B 211 20.44 43.39 21.87
CA ASP B 211 20.09 44.39 20.88
C ASP B 211 20.06 43.79 19.46
N ILE B 212 19.16 44.31 18.63
CA ILE B 212 19.25 44.09 17.18
C ILE B 212 20.64 44.49 16.72
N GLY B 213 21.25 43.63 15.92
CA GLY B 213 22.63 43.80 15.50
C GLY B 213 23.64 43.05 16.29
N SER B 214 23.22 42.43 17.40
CA SER B 214 24.10 41.59 18.19
C SER B 214 24.48 40.33 17.49
N PHE B 215 23.60 39.84 16.62
CA PHE B 215 23.89 38.63 15.85
C PHE B 215 24.37 38.99 14.47
N ALA B 216 25.32 38.23 13.96
CA ALA B 216 25.60 38.28 12.54
C ALA B 216 24.37 37.68 11.86
N PRO B 217 23.91 38.32 10.76
CA PRO B 217 22.69 37.82 10.13
C PRO B 217 22.81 36.37 9.61
N GLU B 218 24.03 35.95 9.29
CA GLU B 218 24.29 34.59 8.88
C GLU B 218 24.14 33.57 10.00
N ASP B 219 24.22 34.03 11.26
CA ASP B 219 24.33 33.18 12.44
C ASP B 219 23.10 33.26 13.32
N ILE B 220 21.97 33.59 12.72
CA ILE B 220 20.68 33.49 13.41
C ILE B 220 20.14 32.10 13.16
N HIS B 221 19.91 31.36 14.22
CA HIS B 221 19.52 29.97 14.10
C HIS B 221 18.03 29.81 13.74
N ILE B 222 17.20 30.63 14.36
CA ILE B 222 15.77 30.66 14.05
C ILE B 222 15.42 32.15 13.75
N PRO B 223 15.15 32.43 12.45
CA PRO B 223 14.64 33.77 12.14
C PRO B 223 13.29 34.09 12.81
N LYS B 224 13.10 35.38 13.06
CA LYS B 224 11.95 35.91 13.77
C LYS B 224 10.59 35.47 13.17
N ILE B 225 10.55 35.14 11.87
CA ILE B 225 9.29 34.72 11.25
C ILE B 225 8.65 33.56 12.00
N TYR B 226 9.50 32.73 12.64
CA TYR B 226 9.02 31.53 13.31
C TYR B 226 8.68 31.71 14.77
N VAL B 227 9.00 32.87 15.32
CA VAL B 227 8.94 33.13 16.74
C VAL B 227 7.69 34.00 17.00
N HIS B 228 6.62 33.36 17.47
CA HIS B 228 5.36 34.14 17.58
C HIS B 228 5.26 34.84 18.90
N ARG B 229 5.69 34.16 19.96
CA ARG B 229 5.67 34.71 21.31
C ARG B 229 7.02 34.49 21.98
N LEU B 230 7.54 35.53 22.64
CA LEU B 230 8.88 35.50 23.21
CA LEU B 230 8.88 35.52 23.20
C LEU B 230 8.82 35.98 24.65
N VAL B 231 9.46 35.23 25.56
CA VAL B 231 9.52 35.60 26.98
C VAL B 231 10.91 35.30 27.52
N LYS B 232 11.41 36.14 28.44
CA LYS B 232 12.57 35.74 29.25
C LYS B 232 12.17 34.82 30.37
N GLY B 233 12.78 33.65 30.45
CA GLY B 233 12.48 32.76 31.56
C GLY B 233 12.86 33.42 32.90
N GLU B 234 12.06 33.16 33.92
CA GLU B 234 12.29 33.76 35.26
CA GLU B 234 12.32 33.73 35.24
C GLU B 234 13.50 33.12 35.97
N LYS B 235 13.73 31.84 35.74
CA LYS B 235 14.76 31.12 36.48
C LYS B 235 15.40 30.09 35.56
N TYR B 236 16.72 29.96 35.65
CA TYR B 236 17.47 28.92 34.96
C TYR B 236 18.33 28.15 35.94
N GLU B 237 17.88 26.93 36.24
CA GLU B 237 18.55 26.13 37.27
C GLU B 237 19.81 25.42 36.80
N LYS B 238 19.97 25.29 35.48
CA LYS B 238 21.19 24.70 34.93
C LYS B 238 21.36 23.30 35.49
N ARG B 239 20.26 22.56 35.56
CA ARG B 239 20.31 21.21 36.06
C ARG B 239 21.03 20.22 35.15
N ILE B 240 21.74 19.30 35.79
CA ILE B 240 22.51 18.28 35.14
C ILE B 240 21.99 16.94 35.63
N GLU B 241 21.55 16.12 34.69
N GLU B 241 21.58 16.10 34.70
CA GLU B 241 21.00 14.80 34.99
CA GLU B 241 20.98 14.82 35.06
C GLU B 241 22.09 13.88 35.53
C GLU B 241 21.98 13.69 35.33
N ARG B 242 23.20 13.82 34.81
CA ARG B 242 24.24 12.78 34.98
C ARG B 242 25.60 13.44 34.92
N LEU B 243 26.12 13.83 36.06
CA LEU B 243 27.41 14.43 36.18
C LEU B 243 28.49 13.38 36.05
N SER B 244 29.29 13.53 34.99
CA SER B 244 30.42 12.67 34.68
C SER B 244 31.64 13.56 34.57
N VAL B 245 32.55 13.43 35.51
CA VAL B 245 33.65 14.37 35.67
C VAL B 245 34.93 13.54 35.67
N ARG B 246 35.95 14.00 34.98
CA ARG B 246 37.25 13.32 35.04
C ARG B 246 38.08 14.01 36.09
N LYS B 247 38.97 13.26 36.69
CA LYS B 247 39.83 13.85 37.68
C LYS B 247 41.24 13.84 37.10
N GLU B 248 41.96 14.92 37.31
CA GLU B 248 43.29 15.14 36.69
C GLU B 248 44.26 13.96 36.77
N VAL B 262 36.51 -9.84 31.08
CA VAL B 262 35.63 -10.09 29.93
C VAL B 262 35.43 -8.81 29.13
N ARG B 263 34.90 -7.79 29.79
CA ARG B 263 34.59 -6.54 29.11
C ARG B 263 35.85 -5.83 28.63
N GLU B 264 36.90 -5.90 29.44
CA GLU B 264 38.21 -5.36 29.07
C GLU B 264 38.68 -5.91 27.73
N ARG B 265 38.46 -7.21 27.50
CA ARG B 265 38.84 -7.86 26.25
C ARG B 265 38.06 -7.24 25.09
N ILE B 266 36.78 -7.00 25.32
CA ILE B 266 35.90 -6.49 24.24
C ILE B 266 36.31 -5.05 23.93
N ILE B 267 36.45 -4.27 24.99
CA ILE B 267 36.88 -2.87 24.87
C ILE B 267 38.19 -2.77 24.08
N LYS B 268 39.18 -3.56 24.46
CA LYS B 268 40.49 -3.51 23.80
C LYS B 268 40.52 -4.02 22.36
N ARG B 269 39.54 -4.83 21.97
CA ARG B 269 39.43 -5.22 20.56
C ARG B 269 38.60 -4.18 19.79
N ALA B 270 37.56 -3.66 20.43
CA ALA B 270 36.76 -2.59 19.84
C ALA B 270 37.63 -1.40 19.49
N ALA B 271 38.61 -1.07 20.35
CA ALA B 271 39.54 0.04 20.06
C ALA B 271 40.25 -0.08 18.72
N LEU B 272 40.38 -1.29 18.19
CA LEU B 272 41.07 -1.49 16.91
C LEU B 272 40.18 -1.27 15.70
N GLU B 273 38.90 -0.97 15.93
CA GLU B 273 38.00 -0.64 14.83
C GLU B 273 38.20 0.79 14.31
N PHE B 274 38.89 1.63 15.08
CA PHE B 274 39.08 3.04 14.76
C PHE B 274 40.16 3.22 13.70
N GLU B 275 39.97 4.20 12.83
CA GLU B 275 40.93 4.51 11.77
C GLU B 275 41.15 6.00 11.78
N ASP B 276 42.30 6.44 11.28
CA ASP B 276 42.62 7.86 11.31
C ASP B 276 41.70 8.56 10.33
N GLY B 277 41.15 9.67 10.75
CA GLY B 277 40.19 10.44 9.94
C GLY B 277 38.73 10.01 9.99
N MET B 278 38.44 8.97 10.74
CA MET B 278 37.13 8.35 10.78
C MET B 278 36.13 9.23 11.55
N TYR B 279 34.89 9.20 11.08
CA TYR B 279 33.76 9.74 11.81
C TYR B 279 33.03 8.58 12.42
N ALA B 280 32.79 8.64 13.75
CA ALA B 280 32.14 7.52 14.45
C ALA B 280 31.05 7.96 15.43
N ASN B 281 30.06 7.11 15.63
CA ASN B 281 29.07 7.27 16.67
C ASN B 281 29.20 6.07 17.60
N LEU B 282 29.44 6.34 18.86
CA LEU B 282 29.70 5.28 19.86
C LEU B 282 28.63 5.26 20.91
N GLY B 283 28.03 4.09 21.09
CA GLY B 283 27.02 3.93 22.11
C GLY B 283 27.60 3.85 23.51
N ILE B 284 26.67 3.98 24.44
CA ILE B 284 26.94 3.92 25.88
C ILE B 284 27.62 2.60 26.22
N GLY B 285 28.62 2.67 27.09
CA GLY B 285 29.26 1.47 27.59
C GLY B 285 30.52 1.13 26.83
N ILE B 286 30.61 -0.10 26.35
CA ILE B 286 31.85 -0.59 25.75
C ILE B 286 32.35 0.27 24.59
N PRO B 287 31.46 0.62 23.64
CA PRO B 287 32.01 1.40 22.55
C PRO B 287 32.64 2.72 22.96
N LEU B 288 31.97 3.49 23.81
CA LEU B 288 32.53 4.74 24.27
C LEU B 288 33.84 4.52 25.07
N LEU B 289 33.87 3.46 25.89
CA LEU B 289 35.08 3.17 26.65
C LEU B 289 36.26 2.85 25.71
N ALA B 290 35.98 2.19 24.59
CA ALA B 290 36.99 1.89 23.59
C ALA B 290 37.70 3.15 23.08
N SER B 291 37.01 4.29 23.05
CA SER B 291 37.60 5.53 22.52
C SER B 291 38.76 6.04 23.36
N ASN B 292 38.83 5.58 24.61
CA ASN B 292 39.94 5.91 25.50
C ASN B 292 41.28 5.35 25.04
N PHE B 293 41.24 4.30 24.22
CA PHE B 293 42.45 3.65 23.75
C PHE B 293 42.89 4.14 22.40
N ILE B 294 42.22 5.16 21.87
CA ILE B 294 42.61 5.72 20.58
C ILE B 294 43.96 6.41 20.77
N SER B 295 44.88 6.18 19.84
CA SER B 295 46.23 6.70 19.99
C SER B 295 46.26 8.20 19.68
N PRO B 296 47.15 8.94 20.37
CA PRO B 296 47.33 10.37 20.13
C PRO B 296 47.72 10.69 18.69
N ASN B 297 48.31 9.72 17.99
CA ASN B 297 48.71 9.88 16.59
C ASN B 297 47.56 9.70 15.62
N MET B 298 46.39 9.31 16.11
CA MET B 298 45.24 9.02 15.27
C MET B 298 44.15 10.05 15.58
N THR B 299 43.42 10.44 14.56
CA THR B 299 42.34 11.41 14.74
C THR B 299 41.01 10.79 14.42
N VAL B 300 40.17 10.74 15.42
CA VAL B 300 38.80 10.20 15.26
C VAL B 300 37.79 11.24 15.72
N HIS B 301 36.80 11.48 14.88
CA HIS B 301 35.77 12.48 15.15
C HIS B 301 34.48 11.83 15.59
N LEU B 302 34.12 12.06 16.86
CA LEU B 302 32.94 11.43 17.45
C LEU B 302 31.72 12.34 17.30
N GLN B 303 30.69 11.74 16.74
CA GLN B 303 29.38 12.37 16.53
C GLN B 303 28.39 11.92 17.63
N SER B 304 27.56 12.88 18.04
CA SER B 304 26.55 12.65 19.06
C SER B 304 25.17 13.00 18.46
N GLU B 305 24.22 12.10 18.60
CA GLU B 305 22.97 12.26 17.92
C GLU B 305 22.12 13.40 18.43
N ASN B 306 22.44 13.90 19.60
CA ASN B 306 21.82 15.12 20.07
C ASN B 306 22.33 16.44 19.46
N GLY B 307 23.22 16.30 18.52
CA GLY B 307 23.65 17.40 17.68
C GLY B 307 25.08 17.94 17.90
N ILE B 308 26.04 17.04 18.05
CA ILE B 308 27.42 17.46 18.26
C ILE B 308 28.35 16.67 17.34
N LEU B 309 29.35 17.36 16.76
CA LEU B 309 30.48 16.66 16.10
C LEU B 309 31.76 17.17 16.75
N GLY B 310 32.50 16.18 17.30
CA GLY B 310 33.78 16.44 17.95
C GLY B 310 33.79 16.27 19.45
N LEU B 311 33.14 15.23 19.94
CA LEU B 311 33.18 14.95 21.40
C LEU B 311 34.58 14.72 21.91
N GLY B 312 34.80 15.23 23.10
CA GLY B 312 36.05 15.06 23.84
C GLY B 312 35.81 14.28 25.12
N PRO B 313 36.81 14.30 26.00
CA PRO B 313 36.73 13.58 27.25
C PRO B 313 35.69 14.15 28.18
N TYR B 314 35.39 13.42 29.24
CA TYR B 314 34.56 14.01 30.29
C TYR B 314 35.23 15.25 30.89
N PRO B 315 34.44 16.24 31.31
CA PRO B 315 34.99 17.46 31.82
C PRO B 315 35.68 17.36 33.17
N LEU B 316 36.70 18.18 33.37
CA LEU B 316 37.11 18.56 34.71
C LEU B 316 36.00 19.35 35.37
N GLN B 317 36.05 19.50 36.69
CA GLN B 317 34.99 20.19 37.40
C GLN B 317 34.70 21.58 36.79
N ASN B 318 35.76 22.30 36.43
CA ASN B 318 35.62 23.65 35.92
C ASN B 318 35.17 23.72 34.46
N GLU B 319 35.06 22.57 33.80
CA GLU B 319 34.64 22.52 32.41
C GLU B 319 33.19 22.06 32.27
N VAL B 320 32.56 21.67 33.37
CA VAL B 320 31.19 21.14 33.32
C VAL B 320 30.21 22.21 32.82
N ASP B 321 29.36 21.84 31.87
CA ASP B 321 28.36 22.73 31.31
C ASP B 321 27.06 21.98 31.06
N ALA B 322 25.97 22.46 31.66
CA ALA B 322 24.65 21.85 31.50
C ALA B 322 24.15 21.86 30.05
N ASP B 323 24.73 22.70 29.20
CA ASP B 323 24.34 22.76 27.78
C ASP B 323 25.12 21.78 26.92
N LEU B 324 25.99 20.98 27.52
CA LEU B 324 26.90 20.09 26.78
C LEU B 324 26.90 18.68 27.36
N ILE B 325 26.07 17.84 26.80
CA ILE B 325 25.94 16.44 27.20
C ILE B 325 26.02 15.48 26.02
N ASN B 326 26.34 14.23 26.26
CA ASN B 326 26.33 13.23 25.20
C ASN B 326 24.98 12.52 25.09
N ALA B 327 24.86 11.56 24.20
CA ALA B 327 23.58 10.89 23.97
C ALA B 327 23.10 10.10 25.15
N GLY B 328 24.03 9.62 25.99
CA GLY B 328 23.68 8.96 27.23
C GLY B 328 23.38 9.92 28.38
N LYS B 329 23.29 11.18 28.04
CA LYS B 329 22.98 12.27 28.95
C LYS B 329 24.08 12.61 29.94
N GLU B 330 25.30 12.19 29.67
CA GLU B 330 26.44 12.56 30.52
C GLU B 330 27.07 13.90 30.17
N THR B 331 27.51 14.68 31.14
CA THR B 331 28.30 15.86 30.86
C THR B 331 29.56 15.48 30.08
N VAL B 332 29.85 16.28 29.05
CA VAL B 332 31.01 15.99 28.17
CA VAL B 332 30.98 15.99 28.17
C VAL B 332 31.72 17.28 27.83
N THR B 333 32.83 17.15 27.09
CA THR B 333 33.55 18.27 26.49
C THR B 333 33.54 18.07 24.99
N VAL B 334 33.94 19.12 24.26
CA VAL B 334 34.25 18.97 22.86
C VAL B 334 35.72 19.33 22.63
N LEU B 335 36.25 18.81 21.55
CA LEU B 335 37.62 19.09 21.12
C LEU B 335 37.66 20.29 20.17
N PRO B 336 38.85 20.81 19.82
CA PRO B 336 38.90 21.91 18.87
C PRO B 336 38.30 21.55 17.53
N GLY B 337 37.63 22.51 16.90
CA GLY B 337 37.06 22.24 15.60
C GLY B 337 35.71 21.54 15.64
N ALA B 338 35.10 21.50 16.83
CA ALA B 338 33.81 20.89 16.98
C ALA B 338 32.69 21.78 16.39
N SER B 339 31.50 21.16 16.23
CA SER B 339 30.32 21.89 15.76
C SER B 339 29.08 21.37 16.45
N TYR B 340 28.04 22.24 16.45
CA TYR B 340 26.71 21.93 16.99
C TYR B 340 25.66 22.12 15.90
N PHE B 341 24.62 21.31 15.98
CA PHE B 341 23.56 21.33 14.94
C PHE B 341 22.30 20.75 15.55
N SER B 342 21.18 20.92 14.87
CA SER B 342 19.90 20.52 15.41
C SER B 342 19.68 19.00 15.28
N SER B 343 18.67 18.49 15.98
CA SER B 343 18.34 17.06 15.91
C SER B 343 17.94 16.58 14.52
N ASP B 344 17.18 17.38 13.77
CA ASP B 344 16.89 16.99 12.39
C ASP B 344 18.14 16.91 11.51
N GLU B 345 19.05 17.84 11.73
CA GLU B 345 20.32 17.81 10.99
C GLU B 345 21.19 16.66 11.39
N SER B 346 21.20 16.36 12.69
CA SER B 346 21.98 15.22 13.21
C SER B 346 21.57 13.92 12.58
N PHE B 347 20.25 13.76 12.47
CA PHE B 347 19.72 12.51 11.90
C PHE B 347 19.77 12.45 10.38
N ALA B 348 19.80 13.59 9.72
CA ALA B 348 20.12 13.67 8.29
C ALA B 348 21.53 13.15 8.09
N MET B 349 22.44 13.61 8.93
CA MET B 349 23.85 13.19 8.88
C MET B 349 23.96 11.67 9.05
N ILE B 350 23.22 11.15 10.03
CA ILE B 350 23.17 9.73 10.30
C ILE B 350 22.51 8.89 9.23
N ARG B 351 21.28 9.26 8.90
CA ARG B 351 20.48 8.50 7.95
C ARG B 351 21.10 8.52 6.56
N GLY B 352 21.79 9.60 6.24
CA GLY B 352 22.45 9.75 4.96
C GLY B 352 23.76 9.03 4.80
N GLY B 353 24.17 8.34 5.85
CA GLY B 353 25.39 7.51 5.76
C GLY B 353 26.70 8.25 5.88
N HIS B 354 26.68 9.43 6.51
CA HIS B 354 27.88 10.28 6.61
C HIS B 354 28.83 9.87 7.72
N VAL B 355 28.29 9.17 8.72
CA VAL B 355 29.12 8.61 9.79
C VAL B 355 29.73 7.30 9.25
N ASN B 356 31.03 7.14 9.44
CA ASN B 356 31.73 5.95 8.93
C ASN B 356 31.51 4.65 9.73
N LEU B 357 31.45 4.79 11.05
CA LEU B 357 31.37 3.64 11.95
C LEU B 357 30.35 3.96 13.05
N THR B 358 29.37 3.08 13.22
CA THR B 358 28.46 3.05 14.35
C THR B 358 28.74 1.81 15.17
N MET B 359 29.04 1.99 16.43
CA MET B 359 29.42 0.85 17.30
C MET B 359 28.49 0.92 18.50
N LEU B 360 27.80 -0.19 18.75
CA LEU B 360 26.78 -0.22 19.77
C LEU B 360 26.65 -1.59 20.39
N GLY B 361 25.97 -1.65 21.51
CA GLY B 361 25.71 -2.94 22.18
C GLY B 361 24.50 -3.63 21.59
N ALA B 362 24.32 -4.91 21.95
CA ALA B 362 23.17 -5.65 21.48
C ALA B 362 22.74 -6.69 22.49
N MET B 363 21.45 -7.04 22.48
CA MET B 363 20.98 -8.21 23.24
C MET B 363 21.07 -9.48 22.36
N GLN B 364 20.81 -9.34 21.07
CA GLN B 364 20.86 -10.46 20.12
C GLN B 364 21.29 -9.98 18.75
N VAL B 365 21.97 -10.84 17.99
CA VAL B 365 22.30 -10.60 16.59
C VAL B 365 22.01 -11.88 15.80
N SER B 366 21.40 -11.75 14.63
CA SER B 366 21.08 -12.94 13.83
C SER B 366 22.17 -13.27 12.83
N LYS B 367 22.05 -14.44 12.23
CA LYS B 367 23.03 -14.95 11.28
C LYS B 367 23.35 -14.00 10.13
N TYR B 368 22.32 -13.30 9.64
CA TYR B 368 22.45 -12.39 8.50
C TYR B 368 22.48 -10.91 8.92
N GLY B 369 22.60 -10.68 10.22
CA GLY B 369 22.89 -9.34 10.76
C GLY B 369 21.67 -8.57 11.25
N ASP B 370 20.54 -9.24 11.49
CA ASP B 370 19.44 -8.58 12.22
C ASP B 370 19.93 -8.24 13.63
N LEU B 371 19.43 -7.15 14.21
CA LEU B 371 19.87 -6.67 15.52
C LEU B 371 18.68 -6.48 16.42
N ALA B 372 18.78 -6.90 17.68
CA ALA B 372 17.76 -6.61 18.69
C ALA B 372 18.44 -5.92 19.86
N ASN B 373 18.11 -4.65 20.12
CA ASN B 373 18.75 -3.96 21.22
C ASN B 373 17.89 -2.91 21.94
N TRP B 374 16.56 -2.99 21.85
CA TRP B 374 15.73 -1.94 22.46
C TRP B 374 14.52 -2.35 23.30
N MET B 375 14.05 -3.60 23.19
CA MET B 375 12.82 -3.99 23.83
CA MET B 375 12.81 -3.98 23.85
C MET B 375 12.85 -5.44 24.32
N ILE B 376 12.23 -5.67 25.48
CA ILE B 376 11.97 -7.01 26.04
C ILE B 376 10.55 -6.96 26.57
N PRO B 377 9.60 -7.65 25.89
CA PRO B 377 8.18 -7.61 26.26
C PRO B 377 7.98 -7.69 27.78
N GLY B 378 7.22 -6.74 28.31
CA GLY B 378 6.88 -6.72 29.73
C GLY B 378 7.96 -6.19 30.68
N LYS B 379 9.23 -6.20 30.24
CA LYS B 379 10.34 -5.79 31.09
C LYS B 379 10.92 -4.43 30.68
N LEU B 380 11.47 -4.36 29.47
CA LEU B 380 12.17 -3.16 28.97
C LEU B 380 11.32 -2.49 27.92
N VAL B 381 10.74 -1.35 28.29
CA VAL B 381 9.78 -0.65 27.42
C VAL B 381 10.13 0.84 27.25
N LYS B 382 11.42 1.14 27.35
CA LYS B 382 11.90 2.52 27.37
C LYS B 382 12.00 3.20 26.00
N GLY B 383 11.88 2.46 24.92
CA GLY B 383 12.00 3.06 23.58
C GLY B 383 13.35 2.77 22.94
N MET B 384 13.39 3.15 21.68
CA MET B 384 14.54 2.85 20.85
C MET B 384 15.52 3.97 20.68
N GLY B 385 15.20 5.17 21.16
CA GLY B 385 16.09 6.30 20.97
C GLY B 385 16.50 6.45 19.52
N GLY B 386 17.82 6.66 19.31
CA GLY B 386 18.40 6.77 18.00
C GLY B 386 18.87 5.47 17.36
N ALA B 387 18.64 4.36 18.04
CA ALA B 387 19.26 3.13 17.58
C ALA B 387 18.79 2.67 16.20
N MET B 388 17.50 2.79 15.90
CA MET B 388 16.98 2.37 14.63
C MET B 388 17.54 3.22 13.49
N ASP B 389 17.74 4.52 13.75
CA ASP B 389 18.36 5.37 12.73
C ASP B 389 19.85 5.07 12.53
N LEU B 390 20.55 4.77 13.61
CA LEU B 390 21.98 4.55 13.56
C LEU B 390 22.35 3.35 12.72
N VAL B 391 21.45 2.37 12.61
CA VAL B 391 21.73 1.16 11.80
C VAL B 391 21.02 1.17 10.47
N SER B 392 20.45 2.31 10.07
CA SER B 392 19.57 2.36 8.90
C SER B 392 20.22 2.54 7.56
N SER B 393 21.48 2.99 7.56
CA SER B 393 22.23 3.23 6.30
CA SER B 393 22.23 3.24 6.32
C SER B 393 23.19 2.10 5.94
N ALA B 394 23.05 1.59 4.71
CA ALA B 394 24.02 0.62 4.20
C ALA B 394 25.47 1.18 4.11
N LYS B 395 25.64 2.50 4.08
CA LYS B 395 26.94 3.13 3.94
C LYS B 395 27.77 3.17 5.22
N THR B 396 27.14 2.99 6.38
CA THR B 396 27.86 3.08 7.63
C THR B 396 28.16 1.67 8.11
N LYS B 397 29.40 1.43 8.56
CA LYS B 397 29.79 0.13 9.12
C LYS B 397 29.20 0.03 10.52
N VAL B 398 28.45 -1.04 10.79
CA VAL B 398 27.82 -1.26 12.10
C VAL B 398 28.51 -2.42 12.80
N VAL B 399 29.08 -2.12 13.94
CA VAL B 399 29.84 -3.07 14.76
C VAL B 399 29.15 -3.22 16.11
N VAL B 400 28.74 -4.45 16.43
CA VAL B 400 28.14 -4.78 17.71
C VAL B 400 29.24 -5.24 18.65
N THR B 401 29.27 -4.68 19.84
CA THR B 401 30.16 -5.13 20.95
C THR B 401 29.28 -5.70 22.05
N MET B 402 29.46 -6.98 22.38
CA MET B 402 28.62 -7.60 23.39
C MET B 402 29.24 -8.87 23.98
N GLU B 403 28.80 -9.20 25.19
CA GLU B 403 29.17 -10.49 25.78
C GLU B 403 28.58 -11.58 24.92
N HIS B 404 29.36 -12.65 24.69
CA HIS B 404 28.99 -13.66 23.70
C HIS B 404 27.65 -14.33 23.98
N SER B 405 27.41 -14.68 25.24
CA SER B 405 26.25 -15.46 25.62
C SER B 405 25.57 -14.85 26.83
N ALA B 406 24.29 -15.18 26.99
CA ALA B 406 23.52 -14.77 28.15
C ALA B 406 23.63 -15.80 29.28
N LYS B 407 23.01 -15.49 30.40
CA LYS B 407 22.90 -16.40 31.54
C LYS B 407 22.51 -17.82 31.08
N GLY B 408 23.09 -18.82 31.73
CA GLY B 408 22.80 -20.23 31.39
C GLY B 408 23.26 -20.65 29.99
N ASN B 409 24.26 -19.95 29.48
CA ASN B 409 24.79 -20.17 28.14
C ASN B 409 23.72 -20.01 27.06
N ALA B 410 22.70 -19.18 27.34
CA ALA B 410 21.66 -18.91 26.35
C ALA B 410 22.25 -18.10 25.20
N HIS B 411 22.00 -18.57 23.97
CA HIS B 411 22.56 -17.96 22.77
C HIS B 411 22.09 -16.52 22.61
N LYS B 412 23.04 -15.63 22.29
CA LYS B 412 22.72 -14.25 21.88
C LYS B 412 22.95 -14.10 20.37
N ILE B 413 23.90 -14.86 19.85
CA ILE B 413 24.08 -14.94 18.41
C ILE B 413 23.38 -16.18 17.93
N MET B 414 22.48 -16.04 16.96
CA MET B 414 21.67 -17.19 16.53
C MET B 414 20.98 -17.01 15.19
N GLU B 415 20.25 -18.04 14.77
CA GLU B 415 19.62 -18.05 13.46
C GLU B 415 18.70 -16.85 13.24
N LYS B 416 17.89 -16.58 14.25
CA LYS B 416 16.91 -15.50 14.21
C LYS B 416 16.87 -14.89 15.59
N CYS B 417 16.66 -13.57 15.64
CA CYS B 417 16.41 -12.93 16.90
C CYS B 417 15.04 -13.33 17.39
N THR B 418 14.89 -13.43 18.69
CA THR B 418 13.60 -13.70 19.31
C THR B 418 13.03 -12.43 19.97
N LEU B 419 13.87 -11.41 20.16
CA LEU B 419 13.40 -10.15 20.73
C LEU B 419 13.13 -9.18 19.59
N PRO B 420 12.31 -8.14 19.83
CA PRO B 420 12.02 -7.16 18.77
C PRO B 420 13.26 -6.56 18.09
N LEU B 421 13.19 -6.45 16.78
CA LEU B 421 14.34 -5.99 16.01
C LEU B 421 14.50 -4.49 16.08
N THR B 422 15.75 -4.09 16.15
CA THR B 422 16.16 -2.70 15.90
C THR B 422 16.33 -2.46 14.39
N GLY B 423 16.81 -3.46 13.65
CA GLY B 423 16.90 -3.37 12.21
C GLY B 423 17.14 -4.76 11.63
N LYS B 424 16.96 -4.86 10.32
CA LYS B 424 17.16 -6.12 9.57
C LYS B 424 18.44 -6.04 8.77
N GLN B 425 19.28 -7.09 8.84
CA GLN B 425 20.47 -7.21 8.01
C GLN B 425 21.30 -5.93 8.04
N CYS B 426 21.62 -5.49 9.26
CA CYS B 426 22.26 -4.19 9.46
C CYS B 426 23.64 -4.26 10.11
N VAL B 427 23.98 -5.40 10.72
CA VAL B 427 25.22 -5.53 11.44
C VAL B 427 26.29 -6.07 10.48
N ASN B 428 27.46 -5.45 10.50
CA ASN B 428 28.56 -5.84 9.63
C ASN B 428 29.61 -6.67 10.38
N ARG B 429 29.75 -6.43 11.67
CA ARG B 429 30.75 -7.12 12.48
C ARG B 429 30.25 -7.26 13.92
N ILE B 430 30.56 -8.41 14.54
CA ILE B 430 30.29 -8.67 15.94
C ILE B 430 31.62 -8.91 16.64
N ILE B 431 31.82 -8.21 17.75
CA ILE B 431 32.97 -8.39 18.64
C ILE B 431 32.47 -8.84 20.00
N THR B 432 32.86 -10.07 20.38
CA THR B 432 32.59 -10.58 21.74
C THR B 432 33.92 -10.81 22.45
N GLU B 433 33.85 -11.28 23.69
CA GLU B 433 35.09 -11.64 24.40
C GLU B 433 35.77 -12.89 23.80
N LYS B 434 35.04 -13.67 23.03
CA LYS B 434 35.52 -14.96 22.52
C LYS B 434 35.87 -14.90 21.07
N ALA B 435 35.17 -14.06 20.32
CA ALA B 435 35.23 -14.13 18.88
C ALA B 435 35.01 -12.78 18.24
N VAL B 436 35.49 -12.66 17.01
CA VAL B 436 35.06 -11.61 16.09
C VAL B 436 34.49 -12.28 14.84
N PHE B 437 33.25 -11.94 14.51
CA PHE B 437 32.61 -12.41 13.28
C PHE B 437 32.44 -11.26 12.32
N ASP B 438 32.72 -11.50 11.05
CA ASP B 438 32.20 -10.65 9.99
C ASP B 438 30.81 -11.16 9.68
N VAL B 439 29.91 -10.25 9.31
CA VAL B 439 28.54 -10.60 9.03
C VAL B 439 28.19 -10.15 7.63
N ASP B 440 27.58 -11.04 6.86
CA ASP B 440 27.16 -10.75 5.50
C ASP B 440 25.68 -11.07 5.34
N ARG B 441 24.95 -10.17 4.69
CA ARG B 441 23.50 -10.29 4.58
C ARG B 441 23.06 -11.51 3.78
N LYS B 442 23.96 -12.03 2.95
CA LYS B 442 23.67 -13.22 2.13
C LYS B 442 24.45 -14.46 2.57
N LYS B 443 25.72 -14.30 2.93
CA LYS B 443 26.59 -15.43 3.27
C LYS B 443 26.57 -15.79 4.75
N GLY B 444 26.09 -14.87 5.60
CA GLY B 444 26.01 -15.12 7.03
C GLY B 444 27.28 -14.75 7.76
N LEU B 445 27.63 -15.57 8.75
CA LEU B 445 28.75 -15.30 9.63
C LEU B 445 30.06 -15.95 9.17
N THR B 446 31.16 -15.23 9.37
CA THR B 446 32.51 -15.78 9.15
C THR B 446 33.32 -15.46 10.38
N LEU B 447 33.79 -16.49 11.08
CA LEU B 447 34.68 -16.28 12.22
C LEU B 447 36.03 -15.83 11.69
N ILE B 448 36.48 -14.65 12.11
CA ILE B 448 37.74 -14.07 11.63
C ILE B 448 38.80 -13.91 12.71
N GLU B 449 38.38 -13.84 13.97
CA GLU B 449 39.30 -13.86 15.09
C GLU B 449 38.68 -14.69 16.23
N LEU B 450 39.56 -15.28 17.03
CA LEU B 450 39.19 -16.20 18.10
C LEU B 450 40.12 -15.94 19.25
N TRP B 451 39.56 -15.81 20.44
CA TRP B 451 40.36 -15.50 21.61
C TRP B 451 41.43 -16.57 21.85
N GLU B 452 42.65 -16.12 22.12
CA GLU B 452 43.79 -17.02 22.40
C GLU B 452 43.41 -18.12 23.41
N GLY B 453 43.51 -19.37 22.97
CA GLY B 453 43.28 -20.50 23.88
C GLY B 453 41.96 -21.20 23.64
N LEU B 454 40.98 -20.48 23.11
CA LEU B 454 39.70 -21.07 22.77
C LEU B 454 39.79 -21.83 21.47
N THR B 455 38.79 -22.67 21.24
CA THR B 455 38.71 -23.47 20.05
C THR B 455 37.49 -23.07 19.22
N VAL B 456 37.52 -23.35 17.92
CA VAL B 456 36.36 -23.17 17.06
C VAL B 456 35.16 -23.88 17.68
N ASP B 457 35.38 -25.07 18.25
CA ASP B 457 34.27 -25.80 18.87
C ASP B 457 33.70 -25.07 20.08
N ASP B 458 34.56 -24.38 20.82
CA ASP B 458 34.10 -23.54 21.92
C ASP B 458 33.09 -22.50 21.41
N ILE B 459 33.38 -21.95 20.24
CA ILE B 459 32.50 -20.98 19.59
C ILE B 459 31.20 -21.66 19.12
N LYS B 460 31.32 -22.82 18.54
CA LYS B 460 30.18 -23.56 18.10
C LYS B 460 29.20 -23.78 19.20
N LYS B 461 29.69 -24.15 20.34
CA LYS B 461 28.87 -24.47 21.51
C LYS B 461 28.16 -23.26 22.11
N SER B 462 28.71 -22.08 21.85
CA SER B 462 28.19 -20.82 22.40
CA SER B 462 28.17 -20.83 22.40
C SER B 462 27.49 -19.95 21.34
N THR B 463 27.39 -20.46 20.12
CA THR B 463 26.76 -19.70 19.03
C THR B 463 25.57 -20.52 18.50
N GLY B 464 24.41 -19.88 18.38
CA GLY B 464 23.17 -20.58 18.01
C GLY B 464 22.88 -20.75 16.53
N CYS B 465 23.91 -20.62 15.70
CA CYS B 465 23.79 -20.88 14.27
C CYS B 465 25.15 -21.32 13.76
N ASP B 466 25.23 -21.72 12.49
CA ASP B 466 26.54 -22.04 11.92
C ASP B 466 27.25 -20.80 11.39
N PHE B 467 28.53 -20.98 11.12
CA PHE B 467 29.40 -19.93 10.64
C PHE B 467 30.59 -20.50 9.91
N ALA B 468 31.07 -19.75 8.91
CA ALA B 468 32.28 -20.09 8.20
C ALA B 468 33.47 -19.74 9.08
N VAL B 469 34.61 -20.38 8.83
CA VAL B 469 35.85 -20.00 9.50
C VAL B 469 36.80 -19.50 8.44
N SER B 470 37.35 -18.31 8.66
CA SER B 470 38.27 -17.69 7.73
C SER B 470 39.55 -18.51 7.62
N PRO B 471 40.02 -18.75 6.38
CA PRO B 471 41.34 -19.37 6.21
C PRO B 471 42.46 -18.55 6.83
N LYS B 472 42.24 -17.25 6.97
CA LYS B 472 43.22 -16.34 7.60
C LYS B 472 42.86 -16.02 9.08
N LEU B 473 42.18 -16.96 9.74
CA LEU B 473 41.88 -16.85 11.18
C LEU B 473 43.12 -16.50 12.01
N ILE B 474 42.95 -15.64 13.00
CA ILE B 474 44.04 -15.24 13.88
C ILE B 474 43.53 -15.18 15.32
N PRO B 475 44.45 -15.16 16.29
CA PRO B 475 44.07 -14.85 17.66
C PRO B 475 43.45 -13.44 17.74
N MET B 476 42.52 -13.24 18.67
CA MET B 476 41.85 -11.93 18.76
C MET B 476 42.82 -10.85 19.18
N GLN B 477 42.85 -9.77 18.39
CA GLN B 477 43.75 -8.67 18.62
C GLN B 477 43.34 -7.89 19.87
N GLN B 478 44.29 -7.19 20.45
CA GLN B 478 44.02 -6.31 21.55
C GLN B 478 44.86 -5.08 21.34
N VAL B 479 44.29 -3.93 21.56
CA VAL B 479 45.01 -2.68 21.47
C VAL B 479 46.14 -2.62 22.48
N THR B 480 47.22 -1.94 22.13
CA THR B 480 48.40 -1.82 23.01
C THR B 480 48.50 -0.57 23.84
N THR C 1 38.74 16.02 6.15
CA THR C 1 38.84 16.91 4.97
C THR C 1 40.24 16.86 4.43
N LYS C 2 40.35 16.70 3.13
CA LYS C 2 41.65 16.75 2.45
C LYS C 2 41.81 18.13 1.85
N PHE C 3 42.85 18.85 2.24
CA PHE C 3 43.21 20.14 1.75
C PHE C 3 44.04 20.02 0.50
N TYR C 4 43.61 20.70 -0.56
CA TYR C 4 44.27 20.70 -1.85
C TYR C 4 44.89 22.00 -2.13
N THR C 5 46.09 21.93 -2.73
CA THR C 5 46.83 23.11 -3.11
C THR C 5 46.45 23.60 -4.53
N ASP C 6 45.70 22.77 -5.27
CA ASP C 6 45.38 23.02 -6.66
C ASP C 6 43.94 22.56 -6.98
N ALA C 7 43.15 23.49 -7.52
CA ALA C 7 41.74 23.20 -7.87
C ALA C 7 41.61 22.10 -8.94
N VAL C 8 42.48 22.08 -9.94
CA VAL C 8 42.38 21.03 -10.94
C VAL C 8 42.57 19.64 -10.31
N GLU C 9 43.56 19.52 -9.40
CA GLU C 9 43.75 18.23 -8.76
C GLU C 9 42.54 17.80 -7.93
N ALA C 10 41.84 18.77 -7.36
CA ALA C 10 40.65 18.44 -6.54
C ALA C 10 39.53 17.89 -7.39
N VAL C 11 39.52 18.18 -8.68
CA VAL C 11 38.44 17.70 -9.56
C VAL C 11 38.86 16.78 -10.68
N LYS C 12 40.13 16.32 -10.64
CA LYS C 12 40.66 15.59 -11.80
C LYS C 12 40.01 14.25 -12.05
N ASP C 13 39.45 13.65 -11.02
CA ASP C 13 38.89 12.31 -11.11
C ASP C 13 37.39 12.23 -11.40
N ILE C 14 36.78 13.36 -11.74
CA ILE C 14 35.36 13.29 -12.14
C ILE C 14 35.28 12.57 -13.46
N PRO C 15 34.52 11.47 -13.56
CA PRO C 15 34.43 10.75 -14.82
C PRO C 15 33.48 11.41 -15.82
N ASN C 16 33.69 11.16 -17.12
CA ASN C 16 32.70 11.55 -18.09
C ASN C 16 31.36 10.91 -17.70
N GLY C 17 30.28 11.69 -17.86
CA GLY C 17 28.93 11.23 -17.58
C GLY C 17 28.48 11.41 -16.13
N ALA C 18 29.34 11.94 -15.28
CA ALA C 18 29.02 12.12 -13.86
C ALA C 18 27.85 13.08 -13.69
N THR C 19 27.11 12.87 -12.59
CA THR C 19 26.19 13.88 -12.11
C THR C 19 26.96 14.74 -11.13
N VAL C 20 26.93 16.04 -11.36
CA VAL C 20 27.68 16.99 -10.57
C VAL C 20 26.71 18.09 -10.09
N LEU C 21 26.65 18.29 -8.78
CA LEU C 21 25.89 19.40 -8.16
C LEU C 21 26.78 20.58 -8.17
N VAL C 22 26.26 21.73 -8.58
CA VAL C 22 27.02 22.97 -8.68
C VAL C 22 26.30 24.10 -7.93
N GLY C 23 26.91 24.63 -6.87
CA GLY C 23 26.28 25.65 -6.03
C GLY C 23 26.09 26.97 -6.74
N GLY C 24 25.37 27.91 -6.11
CA GLY C 24 25.19 29.25 -6.63
C GLY C 24 23.74 29.59 -7.02
N PHE C 25 23.48 30.85 -6.86
CA PHE C 25 22.20 31.43 -7.31
C PHE C 25 22.60 32.60 -8.17
N GLY C 26 22.25 32.58 -9.43
CA GLY C 26 22.79 33.53 -10.35
C GLY C 26 24.30 33.42 -10.39
N LEU C 27 24.97 34.55 -10.21
CA LEU C 27 26.42 34.57 -10.07
C LEU C 27 26.85 34.68 -8.61
N CYS C 28 25.91 34.47 -7.70
CA CYS C 28 26.13 34.64 -6.25
C CYS C 28 26.42 33.29 -5.61
N GLY C 29 27.65 33.18 -5.08
CA GLY C 29 28.10 31.95 -4.48
C GLY C 29 28.33 30.78 -5.43
N ILE C 30 28.88 31.15 -6.59
CA ILE C 30 29.24 30.15 -7.58
C ILE C 30 30.71 29.73 -7.43
N PRO C 31 30.96 28.46 -7.64
CA PRO C 31 32.34 27.95 -7.54
C PRO C 31 33.17 28.23 -8.77
N GLU C 32 33.57 29.49 -8.89
CA GLU C 32 34.21 29.94 -10.13
C GLU C 32 35.53 29.26 -10.42
N ASN C 33 36.32 29.01 -9.38
CA ASN C 33 37.61 28.32 -9.58
C ASN C 33 37.42 26.87 -9.93
N LEU C 34 36.44 26.15 -9.35
CA LEU C 34 36.19 24.75 -9.66
C LEU C 34 35.63 24.59 -11.06
N ILE C 35 34.74 25.49 -11.44
CA ILE C 35 34.27 25.54 -12.84
C ILE C 35 35.43 25.73 -13.82
N GLY C 36 36.30 26.66 -13.49
CA GLY C 36 37.51 26.87 -14.33
C GLY C 36 38.36 25.61 -14.39
N ALA C 37 38.46 24.88 -13.28
CA ALA C 37 39.19 23.63 -13.28
C ALA C 37 38.55 22.60 -14.18
N LEU C 38 37.22 22.53 -14.21
CA LEU C 38 36.56 21.61 -15.13
CA LEU C 38 36.55 21.61 -15.12
C LEU C 38 36.82 21.96 -16.58
N LEU C 39 36.98 23.24 -16.87
CA LEU C 39 37.28 23.65 -18.26
C LEU C 39 38.61 23.07 -18.63
N LYS C 40 39.54 23.07 -17.68
CA LYS C 40 40.87 22.49 -17.93
C LYS C 40 40.86 20.98 -18.07
N THR C 41 40.13 20.26 -17.23
CA THR C 41 40.06 18.81 -17.41
C THR C 41 39.30 18.34 -18.62
N GLY C 42 38.30 19.09 -19.07
CA GLY C 42 37.56 18.74 -20.27
C GLY C 42 36.51 17.65 -20.07
N VAL C 43 36.24 17.29 -18.82
CA VAL C 43 35.29 16.24 -18.54
C VAL C 43 33.95 16.56 -19.21
N LYS C 44 33.30 15.55 -19.78
CA LYS C 44 32.11 15.82 -20.56
C LYS C 44 30.95 14.89 -20.28
N GLU C 45 29.84 15.17 -20.98
CA GLU C 45 28.57 14.46 -20.84
C GLU C 45 28.03 14.52 -19.41
N LEU C 46 28.27 15.65 -18.75
CA LEU C 46 27.85 15.80 -17.36
C LEU C 46 26.35 16.01 -17.26
N THR C 47 25.76 15.55 -16.14
CA THR C 47 24.42 15.96 -15.73
C THR C 47 24.72 16.95 -14.61
N ALA C 48 24.44 18.24 -14.84
CA ALA C 48 24.75 19.33 -13.94
C ALA C 48 23.47 19.62 -13.25
N VAL C 49 23.47 19.54 -11.91
CA VAL C 49 22.34 19.95 -11.08
C VAL C 49 22.74 21.32 -10.59
N SER C 50 22.10 22.39 -11.06
CA SER C 50 22.52 23.75 -10.82
C SER C 50 21.25 24.59 -10.85
N ASN C 51 21.05 25.41 -9.86
CA ASN C 51 19.83 26.21 -9.84
C ASN C 51 19.61 26.97 -11.14
N ASN C 52 20.65 27.61 -11.63
CA ASN C 52 20.61 28.47 -12.80
C ASN C 52 21.63 28.06 -13.76
N ALA C 53 21.57 28.72 -14.91
CA ALA C 53 22.53 28.48 -16.02
C ALA C 53 23.64 29.53 -16.07
N GLY C 54 23.94 30.22 -14.97
CA GLY C 54 24.93 31.30 -14.97
C GLY C 54 24.51 32.33 -15.97
N VAL C 55 25.48 32.89 -16.68
CA VAL C 55 25.19 33.76 -17.82
C VAL C 55 26.01 33.23 -18.98
N ASP C 56 25.87 33.84 -20.15
CA ASP C 56 26.54 33.26 -21.29
C ASP C 56 28.00 32.86 -21.11
N ASN C 57 28.76 33.74 -20.46
CA ASN C 57 30.22 33.46 -20.32
CA ASN C 57 30.18 33.52 -20.29
C ASN C 57 30.67 33.24 -18.88
N PHE C 58 29.79 33.27 -17.88
CA PHE C 58 30.28 33.00 -16.53
C PHE C 58 29.49 31.88 -15.86
N GLY C 59 29.98 31.42 -14.73
CA GLY C 59 29.33 30.35 -14.00
C GLY C 59 29.15 29.14 -14.87
N LEU C 60 28.06 28.41 -14.65
CA LEU C 60 27.76 27.20 -15.46
C LEU C 60 27.78 27.46 -16.96
N GLY C 61 27.52 28.71 -17.34
CA GLY C 61 27.52 29.12 -18.74
C GLY C 61 28.80 28.72 -19.43
N LEU C 62 29.91 28.76 -18.69
CA LEU C 62 31.21 28.40 -19.24
C LEU C 62 31.28 26.95 -19.72
N LEU C 63 30.56 26.07 -19.05
CA LEU C 63 30.57 24.65 -19.34
C LEU C 63 29.58 24.32 -20.44
N LEU C 64 28.65 25.25 -20.69
CA LEU C 64 27.79 25.12 -21.87
C LEU C 64 28.57 25.60 -23.07
N GLN C 65 29.31 26.70 -22.94
CA GLN C 65 30.17 27.13 -24.06
C GLN C 65 31.12 26.02 -24.53
N SER C 66 31.68 25.25 -23.62
CA SER C 66 32.58 24.16 -23.96
C SER C 66 31.88 22.82 -24.23
N LYS C 67 30.55 22.80 -24.23
CA LYS C 67 29.75 21.61 -24.50
C LYS C 67 30.07 20.44 -23.60
N GLN C 68 30.34 20.73 -22.32
CA GLN C 68 30.67 19.69 -21.36
C GLN C 68 29.45 19.13 -20.63
N ILE C 69 28.27 19.71 -20.83
CA ILE C 69 27.04 19.34 -20.10
C ILE C 69 26.06 18.72 -21.07
N LYS C 70 25.66 17.49 -20.80
CA LYS C 70 24.59 16.77 -21.49
C LYS C 70 23.18 17.16 -21.03
N ARG C 71 23.01 17.26 -19.71
CA ARG C 71 21.71 17.56 -19.13
C ARG C 71 21.88 18.51 -17.99
N MET C 72 20.96 19.45 -17.89
CA MET C 72 20.87 20.32 -16.74
C MET C 72 19.57 19.99 -15.97
N ILE C 73 19.68 20.02 -14.64
CA ILE C 73 18.51 20.01 -13.76
C ILE C 73 18.54 21.31 -13.01
N SER C 74 17.54 22.18 -13.23
CA SER C 74 17.65 23.59 -12.91
C SER C 74 16.27 24.20 -12.72
N SER C 75 16.17 25.31 -12.01
CA SER C 75 14.85 26.00 -11.86
C SER C 75 14.68 27.20 -12.71
N TYR C 76 15.72 27.91 -13.05
CA TYR C 76 15.56 29.18 -13.75
C TYR C 76 16.78 29.36 -14.60
N VAL C 77 16.55 29.54 -15.87
CA VAL C 77 17.61 29.45 -16.86
C VAL C 77 17.59 30.67 -17.77
N GLY C 78 16.95 31.74 -17.33
CA GLY C 78 16.95 32.99 -18.08
C GLY C 78 18.32 33.64 -18.07
N GLU C 79 18.48 34.67 -18.90
CA GLU C 79 19.71 35.49 -19.00
C GLU C 79 20.94 34.71 -19.51
N ASN C 80 20.70 33.68 -20.32
CA ASN C 80 21.78 32.95 -20.92
C ASN C 80 21.28 32.52 -22.30
N ALA C 81 21.66 33.32 -23.30
CA ALA C 81 21.21 33.04 -24.66
C ALA C 81 21.80 31.75 -25.24
N GLU C 82 23.02 31.39 -24.84
CA GLU C 82 23.61 30.16 -25.32
C GLU C 82 22.91 28.93 -24.77
N PHE C 83 22.52 29.00 -23.47
CA PHE C 83 21.71 27.95 -22.90
C PHE C 83 20.42 27.79 -23.73
N GLU C 84 19.73 28.92 -23.95
CA GLU C 84 18.46 28.82 -24.64
C GLU C 84 18.59 28.26 -26.05
N ARG C 85 19.64 28.67 -26.76
CA ARG C 85 19.94 28.13 -28.09
C ARG C 85 20.10 26.61 -28.05
N GLN C 86 20.94 26.13 -27.13
CA GLN C 86 21.21 24.71 -27.07
C GLN C 86 19.98 23.89 -26.74
N TYR C 87 19.20 24.38 -25.78
CA TYR C 87 17.96 23.70 -25.39
C TYR C 87 16.92 23.68 -26.55
N LEU C 88 16.64 24.85 -27.12
CA LEU C 88 15.58 24.92 -28.15
C LEU C 88 16.04 24.21 -29.43
N ALA C 89 17.34 24.16 -29.70
CA ALA C 89 17.87 23.47 -30.90
C ALA C 89 17.94 21.96 -30.81
N GLY C 90 17.77 21.40 -29.61
CA GLY C 90 17.85 19.97 -29.42
C GLY C 90 19.23 19.46 -29.08
N GLU C 91 20.13 20.36 -28.68
CA GLU C 91 21.50 19.99 -28.28
C GLU C 91 21.68 19.69 -26.78
N LEU C 92 20.79 20.22 -25.94
CA LEU C 92 20.94 20.10 -24.49
C LEU C 92 19.65 19.57 -23.88
N GLU C 93 19.72 18.65 -22.93
CA GLU C 93 18.56 18.16 -22.17
C GLU C 93 18.44 19.02 -20.92
N VAL C 94 17.19 19.37 -20.60
CA VAL C 94 16.91 20.18 -19.42
C VAL C 94 15.69 19.74 -18.69
N GLU C 95 15.83 19.43 -17.40
CA GLU C 95 14.67 19.21 -16.52
C GLU C 95 14.41 20.46 -15.72
N LEU C 96 13.43 21.24 -16.15
CA LEU C 96 13.04 22.46 -15.43
C LEU C 96 12.27 21.99 -14.19
N THR C 97 12.79 22.37 -13.04
CA THR C 97 12.42 21.81 -11.77
C THR C 97 12.08 22.98 -10.80
N PRO C 98 10.89 22.93 -10.12
CA PRO C 98 10.58 24.02 -9.17
C PRO C 98 11.74 24.18 -8.18
N GLN C 99 12.11 25.40 -7.91
CA GLN C 99 13.32 25.68 -7.06
C GLN C 99 13.22 25.09 -5.68
N GLY C 100 12.06 25.14 -5.04
CA GLY C 100 11.90 24.57 -3.70
C GLY C 100 11.94 23.04 -3.80
N THR C 101 11.45 22.45 -4.88
CA THR C 101 11.52 21.02 -5.05
C THR C 101 12.95 20.61 -5.31
N LEU C 102 13.68 21.41 -6.09
CA LEU C 102 15.09 21.14 -6.35
C LEU C 102 15.85 21.15 -5.02
N ALA C 103 15.62 22.17 -4.19
CA ALA C 103 16.31 22.26 -2.92
C ALA C 103 15.99 21.07 -2.04
N GLU C 104 14.71 20.72 -1.94
CA GLU C 104 14.32 19.63 -1.05
C GLU C 104 14.72 18.25 -1.53
N ARG C 105 14.67 18.04 -2.84
CA ARG C 105 15.17 16.76 -3.43
C ARG C 105 16.69 16.60 -3.14
N ILE C 106 17.45 17.66 -3.29
CA ILE C 106 18.90 17.59 -2.92
C ILE C 106 19.10 17.35 -1.40
N ARG C 107 18.38 18.08 -0.58
CA ARG C 107 18.41 17.80 0.84
C ARG C 107 18.08 16.34 1.14
N ALA C 108 17.03 15.85 0.55
CA ALA C 108 16.64 14.44 0.74
C ALA C 108 17.78 13.48 0.40
N GLY C 109 18.51 13.81 -0.69
CA GLY C 109 19.61 13.01 -1.13
C GLY C 109 20.75 12.99 -0.17
N GLY C 110 20.84 14.00 0.69
CA GLY C 110 21.86 13.98 1.72
C GLY C 110 21.43 13.41 3.04
N ALA C 111 20.13 13.21 3.22
CA ALA C 111 19.52 12.90 4.53
C ALA C 111 18.94 11.49 4.59
N GLY C 112 19.19 10.65 3.60
CA GLY C 112 18.68 9.29 3.61
C GLY C 112 17.19 9.17 3.30
N VAL C 113 16.61 10.22 2.68
CA VAL C 113 15.15 10.19 2.34
C VAL C 113 15.02 10.01 0.84
N PRO C 114 14.48 8.85 0.37
CA PRO C 114 14.45 8.62 -1.09
C PRO C 114 13.39 9.37 -1.85
N ALA C 115 12.34 9.81 -1.15
CA ALA C 115 11.20 10.47 -1.77
C ALA C 115 10.35 11.14 -0.67
N PHE C 116 9.65 12.20 -1.06
CA PHE C 116 8.79 12.92 -0.17
C PHE C 116 7.65 13.53 -1.00
N TYR C 117 6.60 14.04 -0.33
CA TYR C 117 5.51 14.71 -1.02
C TYR C 117 5.54 16.22 -0.88
N THR C 118 5.09 16.90 -1.93
CA THR C 118 5.01 18.34 -1.95
C THR C 118 3.83 18.75 -2.79
N SER C 119 3.18 19.84 -2.42
CA SER C 119 2.10 20.37 -3.25
CA SER C 119 2.11 20.44 -3.22
C SER C 119 2.61 21.08 -4.49
N THR C 120 3.87 21.49 -4.45
CA THR C 120 4.46 22.28 -5.53
C THR C 120 4.42 21.55 -6.85
N GLY C 121 3.83 22.20 -7.86
CA GLY C 121 3.75 21.61 -9.21
C GLY C 121 2.47 20.87 -9.51
N TYR C 122 1.62 20.64 -8.52
CA TYR C 122 0.35 19.99 -8.79
C TYR C 122 -0.43 20.82 -9.81
N GLY C 123 -1.01 20.14 -10.79
CA GLY C 123 -1.82 20.82 -11.81
C GLY C 123 -1.05 21.45 -12.94
N THR C 124 0.26 21.24 -12.95
CA THR C 124 1.17 21.75 -13.98
C THR C 124 1.85 20.58 -14.71
N LEU C 125 2.67 20.94 -15.69
CA LEU C 125 3.45 19.92 -16.41
C LEU C 125 4.40 19.15 -15.50
N VAL C 126 4.75 19.72 -14.33
CA VAL C 126 5.61 18.96 -13.42
C VAL C 126 4.86 17.70 -12.98
N GLN C 127 3.64 17.87 -12.50
CA GLN C 127 2.84 16.74 -12.03
C GLN C 127 2.29 15.85 -13.17
N GLU C 128 1.78 16.53 -14.19
CA GLU C 128 1.12 15.82 -15.31
C GLU C 128 2.08 15.09 -16.22
N GLY C 129 3.35 15.50 -16.26
CA GLY C 129 4.28 15.00 -17.25
C GLY C 129 4.14 15.80 -18.51
N GLY C 130 5.01 15.54 -19.45
CA GLY C 130 4.97 16.23 -20.71
C GLY C 130 5.74 17.53 -20.76
N SER C 131 6.52 17.82 -19.71
CA SER C 131 7.43 18.97 -19.77
C SER C 131 8.58 18.66 -20.75
N PRO C 132 8.87 19.59 -21.67
CA PRO C 132 9.91 19.28 -22.65
C PRO C 132 11.32 19.20 -22.02
N ILE C 133 11.94 18.04 -22.17
CA ILE C 133 13.31 17.82 -21.68
C ILE C 133 14.32 17.93 -22.84
N LYS C 134 14.01 17.35 -24.01
CA LYS C 134 14.90 17.49 -25.15
C LYS C 134 14.05 17.61 -26.40
N TYR C 135 14.45 18.53 -27.26
CA TYR C 135 13.89 18.68 -28.62
C TYR C 135 14.69 17.86 -29.65
N ASN C 136 14.01 17.44 -30.71
CA ASN C 136 14.67 17.03 -31.93
C ASN C 136 15.11 18.26 -32.71
N LYS C 137 15.99 18.06 -33.69
CA LYS C 137 16.48 19.18 -34.49
C LYS C 137 15.36 19.95 -35.22
N ASP C 138 14.29 19.24 -35.58
CA ASP C 138 13.12 19.85 -36.24
C ASP C 138 12.12 20.55 -35.32
N GLY C 139 12.37 20.57 -34.01
CA GLY C 139 11.50 21.27 -33.08
C GLY C 139 10.44 20.38 -32.46
N SER C 140 10.35 19.13 -32.90
CA SER C 140 9.44 18.18 -32.28
C SER C 140 10.11 17.70 -30.99
N ILE C 141 9.39 16.94 -30.17
CA ILE C 141 9.91 16.51 -28.86
C ILE C 141 10.63 15.20 -28.96
N ALA C 142 11.84 15.16 -28.40
CA ALA C 142 12.59 13.92 -28.26
C ALA C 142 12.34 13.24 -26.91
N ILE C 143 12.40 14.01 -25.83
CA ILE C 143 12.24 13.49 -24.46
C ILE C 143 11.31 14.47 -23.71
N ALA C 144 10.26 13.91 -23.10
CA ALA C 144 9.37 14.68 -22.21
C ALA C 144 9.36 14.07 -20.83
N SER C 145 9.02 14.91 -19.86
CA SER C 145 9.05 14.47 -18.49
C SER C 145 7.96 13.47 -18.19
N LYS C 146 8.18 12.67 -17.15
CA LYS C 146 7.20 11.71 -16.70
C LYS C 146 6.32 12.28 -15.63
N PRO C 147 5.09 11.79 -15.54
CA PRO C 147 4.20 12.28 -14.50
C PRO C 147 4.75 11.99 -13.10
N ARG C 148 4.41 12.87 -12.16
CA ARG C 148 4.71 12.62 -10.74
C ARG C 148 3.43 12.07 -10.13
N GLU C 149 3.56 11.06 -9.27
CA GLU C 149 2.44 10.40 -8.62
C GLU C 149 1.76 11.33 -7.66
N VAL C 150 0.43 11.32 -7.66
CA VAL C 150 -0.38 12.17 -6.82
C VAL C 150 -0.97 11.37 -5.67
N ARG C 151 -0.95 11.95 -4.48
CA ARG C 151 -1.60 11.35 -3.31
C ARG C 151 -2.23 12.45 -2.49
N GLU C 152 -3.43 12.19 -1.95
CA GLU C 152 -4.12 13.16 -1.15
C GLU C 152 -3.76 12.96 0.32
N PHE C 153 -3.46 14.06 1.01
CA PHE C 153 -3.28 14.05 2.46
C PHE C 153 -4.07 15.20 3.02
N ASN C 154 -4.82 14.91 4.07
CA ASN C 154 -5.48 15.99 4.85
C ASN C 154 -6.37 16.82 3.91
N GLY C 155 -6.98 16.14 2.93
CA GLY C 155 -7.88 16.77 1.96
C GLY C 155 -7.27 17.56 0.81
N GLN C 156 -5.95 17.45 0.61
CA GLN C 156 -5.22 18.27 -0.35
C GLN C 156 -4.34 17.33 -1.16
N HIS C 157 -4.09 17.69 -2.42
CA HIS C 157 -3.33 16.86 -3.35
C HIS C 157 -1.85 17.21 -3.35
N PHE C 158 -1.04 16.17 -3.28
CA PHE C 158 0.44 16.35 -3.26
C PHE C 158 1.02 15.42 -4.32
N ILE C 159 2.26 15.72 -4.69
CA ILE C 159 2.98 14.88 -5.64
C ILE C 159 4.27 14.33 -5.03
N LEU C 160 4.61 13.12 -5.46
CA LEU C 160 5.83 12.42 -5.00
C LEU C 160 7.07 12.85 -5.76
N GLU C 161 8.09 13.33 -5.03
CA GLU C 161 9.36 13.74 -5.65
C GLU C 161 10.50 12.92 -5.05
N GLU C 162 11.47 12.58 -5.90
CA GLU C 162 12.56 11.70 -5.51
C GLU C 162 13.88 12.43 -5.24
N ALA C 163 14.64 11.90 -4.30
CA ALA C 163 15.96 12.43 -3.95
C ALA C 163 16.89 12.59 -5.18
N ILE C 164 17.66 13.67 -5.13
CA ILE C 164 18.74 13.96 -6.07
C ILE C 164 20.05 13.80 -5.30
N ARG C 165 20.93 12.99 -5.87
CA ARG C 165 22.27 12.86 -5.37
C ARG C 165 23.29 13.04 -6.50
N GLY C 166 24.50 13.46 -6.17
CA GLY C 166 25.51 13.59 -7.20
C GLY C 166 26.68 12.66 -6.95
N ASP C 167 27.44 12.42 -8.00
CA ASP C 167 28.74 11.83 -7.84
C ASP C 167 29.67 12.79 -7.20
N PHE C 168 29.60 14.07 -7.57
CA PHE C 168 30.38 15.15 -7.04
C PHE C 168 29.48 16.38 -6.77
N ALA C 169 29.93 17.23 -5.86
CA ALA C 169 29.41 18.58 -5.66
C ALA C 169 30.55 19.53 -5.73
N LEU C 170 30.32 20.66 -6.40
CA LEU C 170 31.20 21.76 -6.49
C LEU C 170 30.58 22.92 -5.76
N VAL C 171 31.17 23.31 -4.66
CA VAL C 171 30.56 24.23 -3.70
C VAL C 171 31.50 25.42 -3.45
N LYS C 172 30.95 26.61 -3.37
CA LYS C 172 31.59 27.86 -2.97
C LYS C 172 31.19 28.20 -1.57
N ALA C 173 32.17 28.54 -0.75
CA ALA C 173 31.94 29.06 0.59
C ALA C 173 32.88 30.20 0.89
N TRP C 174 32.67 30.85 2.01
CA TRP C 174 33.41 32.04 2.41
C TRP C 174 34.71 31.65 3.07
N LYS C 175 34.64 30.98 4.23
CA LYS C 175 35.81 30.61 5.02
C LYS C 175 35.74 29.15 5.36
N ALA C 176 36.89 28.52 5.46
CA ALA C 176 37.04 27.22 6.06
C ALA C 176 38.04 27.35 7.19
N ASP C 177 37.83 26.62 8.28
CA ASP C 177 38.92 26.54 9.26
C ASP C 177 39.84 25.41 8.85
N GLN C 178 40.95 25.28 9.57
CA GLN C 178 41.92 24.23 9.27
C GLN C 178 41.47 22.80 9.55
N ALA C 179 40.34 22.66 10.24
CA ALA C 179 39.66 21.37 10.35
C ALA C 179 38.71 20.98 9.20
N GLY C 180 38.34 21.96 8.36
CA GLY C 180 37.44 21.69 7.26
C GLY C 180 36.02 22.18 7.50
N ASN C 181 35.76 22.82 8.62
CA ASN C 181 34.44 23.40 8.85
C ASN C 181 34.33 24.61 7.93
N VAL C 182 33.11 24.90 7.43
CA VAL C 182 32.91 26.01 6.50
C VAL C 182 31.71 26.87 6.82
N THR C 183 31.84 28.15 6.46
CA THR C 183 30.79 29.13 6.59
C THR C 183 30.53 29.84 5.26
N PHE C 184 29.37 30.49 5.17
CA PHE C 184 28.93 31.18 3.97
C PHE C 184 28.57 32.62 4.31
N ARG C 185 28.74 33.50 3.33
CA ARG C 185 28.52 34.93 3.51
C ARG C 185 27.26 35.39 2.82
N LYS C 186 26.46 36.12 3.60
CA LYS C 186 25.25 36.71 3.09
C LYS C 186 24.41 35.72 2.28
N SER C 187 23.94 36.13 1.10
CA SER C 187 23.06 35.31 0.29
C SER C 187 23.80 34.36 -0.65
N ALA C 188 25.12 34.27 -0.50
CA ALA C 188 25.92 33.36 -1.30
C ALA C 188 25.81 31.88 -0.79
N ARG C 189 25.08 31.67 0.31
CA ARG C 189 24.83 30.32 0.85
C ARG C 189 23.96 29.50 -0.12
N ASN C 190 22.70 29.94 -0.30
CA ASN C 190 21.75 29.36 -1.25
C ASN C 190 21.83 27.81 -1.36
N PHE C 191 22.18 27.28 -2.53
CA PHE C 191 22.22 25.87 -2.79
C PHE C 191 23.57 25.20 -2.38
N ASN C 192 24.56 26.00 -2.08
CA ASN C 192 25.88 25.43 -1.67
C ASN C 192 25.72 24.55 -0.45
N LEU C 193 24.86 24.99 0.47
CA LEU C 193 24.76 24.27 1.76
C LEU C 193 24.13 22.88 1.58
N PRO C 194 22.93 22.79 0.99
CA PRO C 194 22.42 21.45 0.84
C PRO C 194 23.22 20.55 -0.11
N MET C 195 23.78 21.18 -1.16
CA MET C 195 24.57 20.39 -2.12
C MET C 195 25.79 19.76 -1.46
N CYS C 196 26.30 20.35 -0.39
CA CYS C 196 27.47 19.79 0.34
CA CYS C 196 27.49 19.78 0.22
C CYS C 196 27.18 18.43 0.94
N LYS C 197 25.92 18.11 1.15
CA LYS C 197 25.51 16.92 1.84
C LYS C 197 25.07 15.78 0.95
N ALA C 198 24.92 16.05 -0.35
CA ALA C 198 24.22 15.14 -1.25
C ALA C 198 25.07 14.58 -2.34
N ALA C 199 26.40 14.58 -2.20
CA ALA C 199 27.23 13.92 -3.21
C ALA C 199 28.23 12.98 -2.59
N GLU C 200 28.62 11.99 -3.39
CA GLU C 200 29.65 11.02 -2.96
C GLU C 200 30.96 11.73 -2.62
N THR C 201 31.37 12.73 -3.42
CA THR C 201 32.56 13.51 -3.13
C THR C 201 32.23 14.99 -3.22
N THR C 202 32.39 15.73 -2.14
CA THR C 202 32.17 17.16 -2.13
CA THR C 202 32.17 17.16 -2.10
C THR C 202 33.48 17.89 -2.19
N VAL C 203 33.55 18.90 -3.05
CA VAL C 203 34.70 19.72 -3.26
C VAL C 203 34.27 21.15 -3.01
N VAL C 204 34.85 21.80 -2.02
CA VAL C 204 34.55 23.14 -1.59
C VAL C 204 35.72 24.05 -1.89
N GLU C 205 35.44 25.21 -2.50
CA GLU C 205 36.39 26.30 -2.61
C GLU C 205 36.02 27.43 -1.70
N VAL C 206 36.99 28.03 -1.04
CA VAL C 206 36.76 29.12 -0.12
C VAL C 206 37.66 30.31 -0.43
N GLU C 207 37.25 31.47 0.04
CA GLU C 207 38.02 32.70 -0.08
C GLU C 207 39.20 32.76 0.92
N GLU C 208 39.00 32.22 2.11
CA GLU C 208 39.94 32.33 3.21
CA GLU C 208 39.94 32.33 3.21
C GLU C 208 39.98 31.02 4.02
N ILE C 209 41.16 30.61 4.45
CA ILE C 209 41.32 29.52 5.42
C ILE C 209 41.79 30.16 6.74
N VAL C 210 41.09 29.85 7.83
CA VAL C 210 41.30 30.50 9.10
C VAL C 210 41.71 29.43 10.11
N ASP C 211 42.21 29.90 11.25
CA ASP C 211 42.63 28.97 12.30
C ASP C 211 41.44 28.21 12.91
N ILE C 212 41.65 26.98 13.33
CA ILE C 212 40.66 26.30 14.20
C ILE C 212 40.40 27.18 15.40
N GLY C 213 39.12 27.36 15.77
CA GLY C 213 38.75 28.25 16.85
C GLY C 213 38.26 29.61 16.41
N SER C 214 38.41 29.91 15.12
CA SER C 214 37.94 31.15 14.56
C SER C 214 36.41 31.24 14.53
N PHE C 215 35.74 30.09 14.44
CA PHE C 215 34.28 30.04 14.38
C PHE C 215 33.75 29.68 15.74
N ALA C 216 32.68 30.30 16.16
CA ALA C 216 31.89 29.72 17.24
C ALA C 216 31.35 28.37 16.75
N PRO C 217 31.41 27.32 17.55
CA PRO C 217 30.96 26.01 17.11
C PRO C 217 29.51 25.93 16.71
N GLU C 218 28.67 26.75 17.35
CA GLU C 218 27.27 26.86 16.98
C GLU C 218 27.05 27.43 15.59
N ASP C 219 28.05 28.12 15.08
CA ASP C 219 27.86 28.98 13.88
C ASP C 219 28.67 28.49 12.70
N ILE C 220 28.92 27.20 12.69
CA ILE C 220 29.54 26.47 11.60
C ILE C 220 28.38 26.02 10.70
N HIS C 221 28.33 26.54 9.47
CA HIS C 221 27.18 26.28 8.60
C HIS C 221 27.22 24.92 7.98
N ILE C 222 28.43 24.47 7.63
CA ILE C 222 28.68 23.12 7.14
C ILE C 222 29.80 22.47 7.96
N PRO C 223 29.42 21.57 8.85
CA PRO C 223 30.46 20.78 9.57
C PRO C 223 31.38 20.00 8.63
N LYS C 224 32.62 19.81 9.10
CA LYS C 224 33.71 19.18 8.34
C LYS C 224 33.39 17.79 7.81
N ILE C 225 32.47 17.08 8.45
CA ILE C 225 32.07 15.72 8.02
C ILE C 225 31.59 15.72 6.57
N TYR C 226 31.07 16.86 6.12
CA TYR C 226 30.53 16.97 4.77
C TYR C 226 31.52 17.43 3.76
N VAL C 227 32.70 17.89 4.20
CA VAL C 227 33.67 18.60 3.34
C VAL C 227 34.78 17.60 3.05
N HIS C 228 34.79 17.00 1.88
CA HIS C 228 35.73 15.96 1.59
C HIS C 228 37.02 16.52 1.06
N ARG C 229 36.94 17.56 0.25
CA ARG C 229 38.08 18.18 -0.41
C ARG C 229 37.92 19.66 -0.33
N LEU C 230 38.97 20.39 0.03
CA LEU C 230 38.89 21.81 0.33
CA LEU C 230 38.88 21.81 0.29
C LEU C 230 40.02 22.53 -0.42
N VAL C 231 39.70 23.57 -1.17
CA VAL C 231 40.74 24.34 -1.84
C VAL C 231 40.53 25.81 -1.60
N LYS C 232 41.57 26.61 -1.46
CA LYS C 232 41.44 28.05 -1.39
C LYS C 232 41.46 28.59 -2.81
N GLY C 233 40.36 29.18 -3.24
CA GLY C 233 40.25 29.66 -4.63
C GLY C 233 41.32 30.68 -4.96
N GLU C 234 41.91 30.53 -6.15
CA GLU C 234 43.03 31.40 -6.60
C GLU C 234 42.58 32.80 -6.95
N LYS C 235 41.38 32.91 -7.48
CA LYS C 235 40.89 34.18 -8.04
C LYS C 235 39.39 34.31 -7.77
N TYR C 236 38.98 35.50 -7.32
CA TYR C 236 37.56 35.83 -7.10
C TYR C 236 37.24 37.16 -7.77
N GLU C 237 36.47 37.08 -8.84
CA GLU C 237 36.19 38.22 -9.70
C GLU C 237 35.10 39.10 -9.16
N LYS C 238 34.30 38.58 -8.23
CA LYS C 238 33.23 39.37 -7.63
C LYS C 238 32.30 39.98 -8.71
N ARG C 239 31.94 39.17 -9.72
CA ARG C 239 31.10 39.68 -10.80
C ARG C 239 29.68 39.97 -10.36
N ILE C 240 29.17 41.10 -10.81
CA ILE C 240 27.81 41.56 -10.58
C ILE C 240 27.05 41.40 -11.87
N GLU C 241 26.00 40.61 -11.85
CA GLU C 241 25.18 40.41 -13.05
C GLU C 241 24.30 41.62 -13.36
N ARG C 242 23.64 42.18 -12.37
CA ARG C 242 22.68 43.28 -12.56
C ARG C 242 22.96 44.33 -11.49
N LEU C 243 23.46 45.48 -11.90
CA LEU C 243 23.78 46.55 -10.96
C LEU C 243 22.51 47.37 -10.78
N SER C 244 21.96 47.35 -9.59
CA SER C 244 20.71 48.04 -9.29
C SER C 244 21.02 48.93 -8.09
N VAL C 245 20.88 50.25 -8.28
CA VAL C 245 21.32 51.21 -7.27
C VAL C 245 20.27 52.24 -6.90
N ARG C 246 20.46 52.82 -5.72
CA ARG C 246 19.57 53.98 -5.29
C ARG C 246 20.28 55.18 -5.93
N ASN C 261 7.96 54.66 -16.25
CA ASN C 261 6.85 55.10 -15.39
C ASN C 261 5.86 53.98 -15.07
N VAL C 262 5.57 53.12 -16.05
CA VAL C 262 4.57 52.05 -15.91
C VAL C 262 4.89 51.07 -14.79
N ARG C 263 6.14 50.63 -14.71
CA ARG C 263 6.58 49.74 -13.63
C ARG C 263 6.52 50.42 -12.26
N GLU C 264 6.92 51.69 -12.22
CA GLU C 264 6.83 52.47 -10.98
C GLU C 264 5.37 52.67 -10.54
N ARG C 265 4.48 52.91 -11.50
CA ARG C 265 3.07 53.06 -11.21
C ARG C 265 2.52 51.80 -10.58
N ILE C 266 2.84 50.67 -11.19
CA ILE C 266 2.37 49.39 -10.67
C ILE C 266 2.89 49.18 -9.24
N ILE C 267 4.18 49.43 -9.01
CA ILE C 267 4.77 49.10 -7.70
C ILE C 267 4.30 50.09 -6.64
N LYS C 268 4.01 51.33 -7.06
CA LYS C 268 3.42 52.30 -6.11
C LYS C 268 2.03 51.93 -5.67
N ARG C 269 1.31 51.15 -6.47
CA ARG C 269 0.08 50.55 -5.98
C ARG C 269 0.34 49.28 -5.18
N ALA C 270 1.29 48.47 -5.65
CA ALA C 270 1.60 47.20 -4.98
C ALA C 270 2.14 47.40 -3.57
N ALA C 271 2.84 48.51 -3.34
CA ALA C 271 3.35 48.79 -2.00
C ALA C 271 2.21 48.90 -0.96
N LEU C 272 1.00 49.24 -1.42
CA LEU C 272 -0.12 49.39 -0.52
C LEU C 272 -0.71 48.06 -0.08
N GLU C 273 -0.22 46.95 -0.65
CA GLU C 273 -0.64 45.62 -0.23
C GLU C 273 0.07 45.18 1.05
N PHE C 274 1.16 45.85 1.39
CA PHE C 274 1.92 45.50 2.60
C PHE C 274 1.18 45.97 3.83
N GLU C 275 1.26 45.21 4.91
CA GLU C 275 0.69 45.59 6.21
C GLU C 275 1.78 45.62 7.27
N ASP C 276 1.58 46.39 8.34
CA ASP C 276 2.61 46.50 9.37
C ASP C 276 2.78 45.11 9.95
N GLY C 277 4.04 44.67 10.02
CA GLY C 277 4.38 43.37 10.57
C GLY C 277 4.26 42.19 9.61
N MET C 278 3.91 42.45 8.36
CA MET C 278 3.69 41.38 7.37
C MET C 278 5.02 40.76 6.98
N TYR C 279 4.97 39.45 6.70
CA TYR C 279 6.05 38.76 5.99
C TYR C 279 5.61 38.56 4.56
N ALA C 280 6.35 39.20 3.66
CA ALA C 280 6.02 39.15 2.22
C ALA C 280 7.19 38.80 1.37
N ASN C 281 6.97 37.91 0.42
CA ASN C 281 8.01 37.56 -0.53
C ASN C 281 7.91 38.35 -1.83
N LEU C 282 9.04 38.70 -2.42
CA LEU C 282 9.08 39.37 -3.74
C LEU C 282 9.73 38.45 -4.76
N GLY C 283 8.97 38.07 -5.77
CA GLY C 283 9.46 37.25 -6.88
C GLY C 283 10.17 38.05 -7.95
N ILE C 284 10.83 37.36 -8.84
CA ILE C 284 11.54 38.01 -9.92
C ILE C 284 10.65 38.88 -10.81
N GLY C 285 11.26 39.96 -11.29
CA GLY C 285 10.58 40.92 -12.16
C GLY C 285 10.10 42.17 -11.46
N ILE C 286 8.92 42.63 -11.86
CA ILE C 286 8.39 43.88 -11.33
C ILE C 286 8.35 43.90 -9.78
N PRO C 287 7.94 42.79 -9.12
CA PRO C 287 7.84 42.84 -7.65
C PRO C 287 9.09 43.34 -6.92
N LEU C 288 10.26 43.09 -7.49
CA LEU C 288 11.52 43.40 -6.83
C LEU C 288 11.67 44.87 -6.45
N LEU C 289 11.07 45.74 -7.25
CA LEU C 289 11.15 47.17 -6.99
C LEU C 289 10.58 47.52 -5.63
N ALA C 290 9.67 46.68 -5.11
CA ALA C 290 8.91 47.00 -3.90
C ALA C 290 9.77 47.20 -2.65
N SER C 291 10.98 46.61 -2.62
CA SER C 291 11.81 46.79 -1.43
C SER C 291 12.29 48.24 -1.29
N ASN C 292 12.05 49.07 -2.31
CA ASN C 292 12.36 50.50 -2.29
C ASN C 292 11.17 51.38 -1.93
N PHE C 293 10.03 50.78 -1.65
CA PHE C 293 8.78 51.52 -1.42
C PHE C 293 8.07 51.10 -0.12
N ILE C 294 8.82 50.66 0.88
CA ILE C 294 8.22 50.42 2.16
C ILE C 294 8.05 51.77 2.90
N SER C 295 6.86 52.05 3.39
CA SER C 295 6.58 53.30 4.06
C SER C 295 7.27 53.43 5.36
N PRO C 296 7.64 54.64 5.72
CA PRO C 296 8.51 54.79 6.88
C PRO C 296 7.77 54.56 8.16
N ASN C 297 6.48 54.49 8.09
CA ASN C 297 5.75 54.21 9.30
C ASN C 297 5.20 52.83 9.36
N MET C 298 5.87 51.91 8.65
CA MET C 298 5.41 50.51 8.74
CA MET C 298 5.43 50.53 8.57
C MET C 298 6.65 49.58 8.74
N THR C 299 6.50 48.44 9.37
CA THR C 299 7.53 47.42 9.39
C THR C 299 7.07 46.29 8.49
N VAL C 300 7.81 46.08 7.40
CA VAL C 300 7.51 44.98 6.48
C VAL C 300 8.75 44.13 6.33
N HIS C 301 8.58 42.84 6.57
CA HIS C 301 9.71 41.92 6.47
C HIS C 301 9.62 41.20 5.15
N LEU C 302 10.56 41.53 4.26
CA LEU C 302 10.55 41.05 2.91
C LEU C 302 11.48 39.88 2.79
N GLN C 303 10.96 38.77 2.26
CA GLN C 303 11.67 37.50 2.07
C GLN C 303 12.07 37.42 0.61
N SER C 304 13.27 36.89 0.41
CA SER C 304 13.83 36.63 -0.92
C SER C 304 14.13 35.15 -0.99
N GLU C 305 13.72 34.49 -2.05
CA GLU C 305 13.77 33.05 -2.10
C GLU C 305 15.17 32.46 -2.07
N ASN C 306 16.10 33.28 -2.47
CA ASN C 306 17.53 32.90 -2.44
C ASN C 306 18.15 32.83 -1.05
N GLY C 307 17.38 33.20 -0.03
CA GLY C 307 17.66 32.84 1.36
C GLY C 307 17.87 34.10 2.20
N ILE C 308 16.97 35.10 2.10
CA ILE C 308 17.08 36.32 2.88
C ILE C 308 15.75 36.65 3.52
N LEU C 309 15.79 37.15 4.76
CA LEU C 309 14.62 37.74 5.38
C LEU C 309 15.05 39.10 5.86
N GLY C 310 14.41 40.12 5.33
CA GLY C 310 14.74 41.49 5.67
C GLY C 310 15.33 42.31 4.53
N LEU C 311 14.84 42.12 3.30
CA LEU C 311 15.33 42.90 2.17
C LEU C 311 15.09 44.38 2.38
N GLY C 312 16.04 45.18 1.94
CA GLY C 312 15.95 46.61 1.98
C GLY C 312 16.02 47.18 0.59
N PRO C 313 16.14 48.48 0.51
CA PRO C 313 16.27 49.13 -0.80
C PRO C 313 17.55 48.82 -1.56
N TYR C 314 17.59 49.16 -2.84
CA TYR C 314 18.80 49.00 -3.60
C TYR C 314 19.93 49.81 -2.97
N PRO C 315 21.16 49.33 -3.06
CA PRO C 315 22.27 50.04 -2.47
C PRO C 315 22.71 51.31 -3.22
N LEU C 316 23.39 52.22 -2.51
CA LEU C 316 24.22 53.20 -3.21
C LEU C 316 25.29 52.42 -4.00
N GLN C 317 25.75 52.97 -5.11
CA GLN C 317 26.78 52.28 -5.90
C GLN C 317 27.92 51.69 -5.07
N ASN C 318 28.43 52.48 -4.14
CA ASN C 318 29.53 52.06 -3.32
C ASN C 318 29.22 50.98 -2.28
N GLU C 319 27.94 50.74 -2.02
CA GLU C 319 27.50 49.74 -1.06
C GLU C 319 27.18 48.39 -1.73
N VAL C 320 27.35 48.30 -3.03
CA VAL C 320 27.07 47.07 -3.76
C VAL C 320 27.94 45.93 -3.23
N ASP C 321 27.33 44.74 -3.08
CA ASP C 321 28.05 43.56 -2.59
C ASP C 321 27.59 42.38 -3.45
N ALA C 322 28.54 41.76 -4.14
CA ALA C 322 28.28 40.59 -5.00
C ALA C 322 27.67 39.42 -4.25
N ASP C 323 27.77 39.41 -2.92
CA ASP C 323 27.18 38.34 -2.13
C ASP C 323 25.76 38.62 -1.70
N LEU C 324 25.23 39.77 -2.07
CA LEU C 324 23.90 40.20 -1.64
C LEU C 324 23.03 40.64 -2.82
N ILE C 325 22.19 39.72 -3.26
CA ILE C 325 21.30 40.00 -4.40
C ILE C 325 19.89 39.49 -4.06
N ASN C 326 18.91 39.96 -4.80
CA ASN C 326 17.50 39.54 -4.64
C ASN C 326 17.17 38.42 -5.66
N ALA C 327 15.91 38.05 -5.75
CA ALA C 327 15.55 36.88 -6.58
C ALA C 327 15.72 37.08 -8.06
N GLY C 328 15.80 38.34 -8.48
CA GLY C 328 16.11 38.71 -9.84
C GLY C 328 17.57 39.01 -10.09
N LYS C 329 18.42 38.68 -9.11
CA LYS C 329 19.85 38.79 -9.25
C LYS C 329 20.30 40.25 -9.29
N GLU C 330 19.51 41.13 -8.69
CA GLU C 330 19.84 42.54 -8.59
C GLU C 330 20.56 42.78 -7.27
N THR C 331 21.58 43.63 -7.26
CA THR C 331 22.22 44.04 -6.01
C THR C 331 21.20 44.67 -5.07
N VAL C 332 21.18 44.25 -3.80
CA VAL C 332 20.27 44.80 -2.82
CA VAL C 332 20.25 44.79 -2.84
C VAL C 332 20.98 45.08 -1.49
N THR C 333 20.24 45.62 -0.51
CA THR C 333 20.67 45.73 0.87
C THR C 333 19.69 44.94 1.75
N VAL C 334 20.03 44.81 3.03
CA VAL C 334 19.10 44.31 4.02
C VAL C 334 18.95 45.33 5.14
N LEU C 335 17.84 45.19 5.88
CA LEU C 335 17.46 46.10 6.97
C LEU C 335 17.99 45.51 8.29
N PRO C 336 17.95 46.28 9.37
CA PRO C 336 18.39 45.72 10.67
C PRO C 336 17.57 44.51 11.07
N GLY C 337 18.20 43.55 11.69
CA GLY C 337 17.51 42.37 12.13
C GLY C 337 17.27 41.32 11.06
N ALA C 338 17.94 41.46 9.94
CA ALA C 338 17.81 40.51 8.83
C ALA C 338 18.55 39.20 9.15
N SER C 339 18.19 38.15 8.39
CA SER C 339 18.83 36.85 8.50
C SER C 339 19.05 36.25 7.13
N TYR C 340 20.05 35.37 7.02
CA TYR C 340 20.32 34.59 5.85
C TYR C 340 20.16 33.12 6.15
N PHE C 341 19.79 32.33 5.15
CA PHE C 341 19.56 30.89 5.33
C PHE C 341 19.66 30.21 3.97
N SER C 342 19.73 28.89 3.96
CA SER C 342 19.97 28.16 2.75
C SER C 342 18.72 28.06 1.89
N SER C 343 18.87 27.56 0.68
CA SER C 343 17.73 27.41 -0.22
C SER C 343 16.73 26.38 0.27
N ASP C 344 17.18 25.28 0.84
CA ASP C 344 16.23 24.31 1.38
C ASP C 344 15.43 24.95 2.54
N GLU C 345 16.09 25.76 3.34
CA GLU C 345 15.37 26.40 4.50
CA GLU C 345 15.40 26.39 4.43
C GLU C 345 14.41 27.45 3.96
N SER C 346 14.82 28.15 2.95
CA SER C 346 13.99 29.18 2.35
C SER C 346 12.70 28.59 1.86
N PHE C 347 12.79 27.49 1.14
CA PHE C 347 11.57 26.85 0.65
C PHE C 347 10.78 26.06 1.67
N ALA C 348 11.41 25.61 2.76
CA ALA C 348 10.64 25.11 3.87
C ALA C 348 9.77 26.24 4.45
N MET C 349 10.33 27.41 4.58
CA MET C 349 9.62 28.58 5.08
C MET C 349 8.41 28.89 4.19
N ILE C 350 8.62 28.85 2.89
CA ILE C 350 7.61 29.16 1.90
C ILE C 350 6.54 28.08 1.81
N ARG C 351 6.99 26.84 1.59
CA ARG C 351 6.09 25.71 1.45
CA ARG C 351 6.09 25.71 1.45
C ARG C 351 5.30 25.43 2.73
N GLY C 352 5.83 25.85 3.87
CA GLY C 352 5.16 25.63 5.10
C GLY C 352 4.17 26.69 5.51
N GLY C 353 4.00 27.67 4.65
CA GLY C 353 2.98 28.68 4.86
C GLY C 353 3.31 29.81 5.80
N HIS C 354 4.57 30.02 6.04
CA HIS C 354 5.03 31.01 7.01
C HIS C 354 5.04 32.41 6.44
N VAL C 355 5.03 32.50 5.11
CA VAL C 355 5.06 33.80 4.46
C VAL C 355 3.60 34.18 4.15
N ASN C 356 3.25 35.43 4.45
CA ASN C 356 1.83 35.86 4.42
C ASN C 356 1.38 36.21 3.01
N LEU C 357 2.29 36.71 2.17
CA LEU C 357 1.93 37.22 0.89
C LEU C 357 3.10 37.07 -0.02
N THR C 358 2.85 36.79 -1.31
CA THR C 358 3.92 36.82 -2.33
C THR C 358 3.45 37.67 -3.49
N MET C 359 4.38 38.46 -4.01
CA MET C 359 4.21 39.39 -5.12
CA MET C 359 4.20 39.35 -5.13
C MET C 359 5.03 38.79 -6.30
N LEU C 360 4.33 38.46 -7.37
CA LEU C 360 4.88 37.70 -8.50
C LEU C 360 4.61 38.43 -9.80
N GLY C 361 5.51 38.31 -10.74
CA GLY C 361 5.21 38.72 -12.12
C GLY C 361 4.45 37.66 -12.91
N ALA C 362 3.97 38.02 -14.11
CA ALA C 362 3.17 37.06 -14.92
C ALA C 362 3.28 37.36 -16.38
N MET C 363 3.23 36.31 -17.19
CA MET C 363 3.02 36.47 -18.63
CA MET C 363 2.93 36.52 -18.63
C MET C 363 1.51 36.47 -18.94
N GLN C 364 0.78 35.64 -18.24
CA GLN C 364 -0.70 35.56 -18.34
C GLN C 364 -1.35 35.25 -17.00
N VAL C 365 -2.59 35.72 -16.82
CA VAL C 365 -3.41 35.36 -15.70
C VAL C 365 -4.82 35.10 -16.23
N SER C 366 -5.44 34.02 -15.80
CA SER C 366 -6.78 33.70 -16.27
C SER C 366 -7.86 34.29 -15.37
N LYS C 367 -9.09 34.23 -15.89
CA LYS C 367 -10.29 34.73 -15.22
C LYS C 367 -10.47 34.22 -13.81
N TYR C 368 -10.11 32.96 -13.58
CA TYR C 368 -10.25 32.32 -12.27
C TYR C 368 -8.93 32.22 -11.50
N GLY C 369 -7.89 32.82 -12.02
CA GLY C 369 -6.65 33.00 -11.26
C GLY C 369 -5.55 32.03 -11.58
N ASP C 370 -5.63 31.30 -12.69
CA ASP C 370 -4.48 30.52 -13.17
C ASP C 370 -3.39 31.52 -13.53
N LEU C 371 -2.14 31.12 -13.33
CA LEU C 371 -0.98 31.93 -13.58
C LEU C 371 -0.05 31.21 -14.54
N ALA C 372 0.49 31.94 -15.51
CA ALA C 372 1.52 31.41 -16.40
C ALA C 372 2.70 32.35 -16.41
N ASN C 373 3.89 31.87 -16.01
CA ASN C 373 5.03 32.77 -16.02
C ASN C 373 6.41 32.15 -16.21
N TRP C 374 6.48 31.00 -16.88
CA TRP C 374 7.78 30.30 -16.98
C TRP C 374 8.26 29.98 -18.38
N MET C 375 7.37 29.96 -19.38
CA MET C 375 7.79 29.56 -20.71
C MET C 375 6.81 30.01 -21.78
N ILE C 376 7.35 30.44 -22.89
CA ILE C 376 6.59 30.61 -24.14
C ILE C 376 7.14 29.51 -25.04
N PRO C 377 6.41 28.42 -25.21
CA PRO C 377 6.96 27.23 -25.87
C PRO C 377 7.66 27.50 -27.19
N GLY C 378 8.88 27.02 -27.27
CA GLY C 378 9.72 27.18 -28.45
C GLY C 378 10.27 28.57 -28.68
N LYS C 379 10.00 29.53 -27.80
CA LYS C 379 10.32 30.94 -28.03
C LYS C 379 11.08 31.63 -26.88
N LEU C 380 10.70 31.34 -25.65
CA LEU C 380 11.35 32.00 -24.54
C LEU C 380 11.30 31.04 -23.36
N VAL C 381 12.47 30.70 -22.83
CA VAL C 381 12.57 29.76 -21.72
C VAL C 381 13.12 30.44 -20.47
N LYS C 382 12.27 30.62 -19.45
CA LYS C 382 12.68 31.24 -18.22
C LYS C 382 12.89 30.15 -17.15
N GLY C 383 11.95 29.23 -17.06
CA GLY C 383 11.87 28.36 -15.88
C GLY C 383 11.04 28.99 -14.82
N MET C 384 10.49 28.11 -13.98
CA MET C 384 9.56 28.56 -12.96
C MET C 384 10.21 29.17 -11.73
N GLY C 385 11.52 28.93 -11.49
CA GLY C 385 12.15 29.42 -10.28
C GLY C 385 11.36 28.98 -9.06
N GLY C 386 11.13 29.90 -8.11
CA GLY C 386 10.35 29.59 -6.93
C GLY C 386 8.84 29.79 -7.07
N ALA C 387 8.34 30.22 -8.25
CA ALA C 387 6.93 30.57 -8.33
C ALA C 387 5.98 29.45 -8.09
N MET C 388 6.26 28.22 -8.53
CA MET C 388 5.31 27.15 -8.23
C MET C 388 5.21 26.89 -6.73
N ASP C 389 6.33 27.06 -6.01
CA ASP C 389 6.31 26.85 -4.56
C ASP C 389 5.57 27.99 -3.87
N LEU C 390 5.79 29.21 -4.36
CA LEU C 390 5.18 30.39 -3.76
C LEU C 390 3.67 30.42 -3.93
N VAL C 391 3.13 29.80 -4.94
CA VAL C 391 1.68 29.78 -5.11
C VAL C 391 1.02 28.53 -4.54
N SER C 392 1.81 27.71 -3.87
CA SER C 392 1.38 26.41 -3.36
CA SER C 392 1.33 26.48 -3.38
C SER C 392 0.83 26.39 -1.99
N SER C 393 0.94 27.43 -1.20
CA SER C 393 0.34 27.41 0.25
CA SER C 393 0.30 27.29 0.18
C SER C 393 -0.98 28.04 0.33
N ALA C 394 -1.98 27.45 0.95
CA ALA C 394 -3.28 28.10 1.24
C ALA C 394 -3.15 29.32 2.12
N LYS C 395 -2.04 29.42 2.84
CA LYS C 395 -1.84 30.47 3.78
C LYS C 395 -1.18 31.72 3.21
N THR C 396 -0.83 31.67 1.93
CA THR C 396 -0.08 32.75 1.33
C THR C 396 -0.90 33.41 0.22
N LYS C 397 -1.22 34.68 0.41
CA LYS C 397 -1.93 35.46 -0.60
C LYS C 397 -1.00 35.72 -1.78
N VAL C 398 -1.54 35.69 -2.98
CA VAL C 398 -0.76 35.85 -4.22
C VAL C 398 -1.26 37.09 -4.95
N VAL C 399 -0.39 38.07 -5.10
CA VAL C 399 -0.66 39.30 -5.84
C VAL C 399 0.25 39.31 -7.05
N VAL C 400 -0.31 39.44 -8.25
CA VAL C 400 0.46 39.58 -9.45
C VAL C 400 0.60 41.03 -9.80
N THR C 401 1.82 41.43 -10.15
CA THR C 401 2.13 42.77 -10.61
C THR C 401 2.59 42.62 -12.05
N MET C 402 1.87 43.19 -13.00
CA MET C 402 2.20 43.01 -14.41
CA MET C 402 2.19 43.03 -14.39
C MET C 402 1.72 44.14 -15.30
N GLU C 403 2.42 44.36 -16.40
CA GLU C 403 1.90 45.22 -17.45
C GLU C 403 0.64 44.58 -17.99
N HIS C 404 -0.35 45.41 -18.26
CA HIS C 404 -1.68 44.95 -18.58
C HIS C 404 -1.76 44.08 -19.82
N SER C 405 -1.11 44.54 -20.89
CA SER C 405 -1.18 43.83 -22.18
C SER C 405 0.20 43.63 -22.73
N ALA C 406 0.33 42.70 -23.69
CA ALA C 406 1.62 42.47 -24.32
C ALA C 406 1.72 43.33 -25.60
N LYS C 407 2.85 43.27 -26.29
CA LYS C 407 3.04 44.06 -27.51
C LYS C 407 1.90 43.82 -28.52
N GLY C 408 1.45 44.91 -29.13
CA GLY C 408 0.31 44.89 -30.06
C GLY C 408 -1.04 44.79 -29.40
N ASN C 409 -1.10 45.24 -28.14
CA ASN C 409 -2.32 45.12 -27.30
C ASN C 409 -2.82 43.68 -27.17
N ALA C 410 -1.92 42.70 -27.29
CA ALA C 410 -2.27 41.29 -27.12
C ALA C 410 -2.64 41.04 -25.65
N HIS C 411 -3.77 40.37 -25.42
CA HIS C 411 -4.28 40.20 -24.06
C HIS C 411 -3.32 39.32 -23.27
N LYS C 412 -3.10 39.72 -22.03
CA LYS C 412 -2.43 38.87 -21.01
C LYS C 412 -3.41 38.37 -19.97
N ILE C 413 -4.46 39.12 -19.67
CA ILE C 413 -5.55 38.65 -18.84
C ILE C 413 -6.65 38.11 -19.76
N MET C 414 -7.03 36.85 -19.56
CA MET C 414 -7.84 36.13 -20.53
C MET C 414 -8.67 35.07 -19.89
N GLU C 415 -9.59 34.48 -20.66
CA GLU C 415 -10.46 33.47 -20.14
C GLU C 415 -9.65 32.28 -19.61
N LYS C 416 -8.69 31.85 -20.42
CA LYS C 416 -7.81 30.71 -20.12
C LYS C 416 -6.41 31.12 -20.52
N CYS C 417 -5.41 30.68 -19.76
CA CYS C 417 -4.04 30.82 -20.21
C CYS C 417 -3.75 29.91 -21.41
N THR C 418 -2.92 30.39 -22.33
CA THR C 418 -2.44 29.60 -23.45
C THR C 418 -1.00 29.15 -23.28
N LEU C 419 -0.30 29.71 -22.28
CA LEU C 419 1.09 29.36 -21.96
C LEU C 419 1.13 28.40 -20.81
N PRO C 420 2.20 27.58 -20.73
CA PRO C 420 2.34 26.62 -19.62
C PRO C 420 2.03 27.19 -18.22
N LEU C 421 1.25 26.46 -17.45
CA LEU C 421 0.73 26.95 -16.17
C LEU C 421 1.81 26.87 -15.08
N THR C 422 1.88 27.94 -14.31
CA THR C 422 2.60 27.96 -13.03
C THR C 422 1.74 27.39 -11.93
N GLY C 423 0.44 27.68 -11.96
CA GLY C 423 -0.49 27.19 -11.00
C GLY C 423 -1.91 27.45 -11.46
N LYS C 424 -2.83 26.62 -10.99
CA LYS C 424 -4.27 26.85 -11.19
C LYS C 424 -4.93 27.58 -10.02
N GLN C 425 -5.79 28.53 -10.33
CA GLN C 425 -6.63 29.17 -9.36
C GLN C 425 -5.83 29.58 -8.14
N CYS C 426 -4.77 30.29 -8.42
CA CYS C 426 -3.82 30.64 -7.36
C CYS C 426 -3.67 32.14 -7.15
N VAL C 427 -4.07 32.96 -8.11
CA VAL C 427 -3.87 34.39 -7.98
C VAL C 427 -5.08 35.01 -7.26
N ASN C 428 -4.84 35.85 -6.26
CA ASN C 428 -5.91 36.54 -5.51
C ASN C 428 -6.18 37.96 -5.98
N ARG C 429 -5.18 38.62 -6.51
CA ARG C 429 -5.26 40.02 -6.93
C ARG C 429 -4.31 40.26 -8.06
N ILE C 430 -4.72 41.09 -9.03
CA ILE C 430 -3.87 41.51 -10.14
C ILE C 430 -3.75 43.00 -10.12
N ILE C 431 -2.54 43.51 -10.14
CA ILE C 431 -2.24 44.93 -10.25
C ILE C 431 -1.51 45.19 -11.54
N THR C 432 -2.12 46.02 -12.40
CA THR C 432 -1.52 46.47 -13.64
C THR C 432 -1.42 47.98 -13.60
N GLU C 433 -0.90 48.56 -14.67
CA GLU C 433 -0.74 50.01 -14.69
C GLU C 433 -2.09 50.68 -14.97
N LYS C 434 -3.07 49.90 -15.41
CA LYS C 434 -4.44 50.38 -15.70
C LYS C 434 -5.50 50.01 -14.69
N ALA C 435 -5.33 48.88 -14.01
CA ALA C 435 -6.40 48.25 -13.28
C ALA C 435 -5.88 47.50 -12.06
N VAL C 436 -6.74 47.40 -11.05
CA VAL C 436 -6.62 46.38 -10.01
C VAL C 436 -7.83 45.48 -10.06
N PHE C 437 -7.60 44.18 -10.14
CA PHE C 437 -8.66 43.19 -10.10
C PHE C 437 -8.52 42.33 -8.89
N ASP C 438 -9.61 42.10 -8.18
CA ASP C 438 -9.73 40.94 -7.31
C ASP C 438 -10.01 39.69 -8.13
N VAL C 439 -9.53 38.55 -7.68
CA VAL C 439 -9.72 37.32 -8.41
C VAL C 439 -10.33 36.31 -7.49
N ASP C 440 -11.36 35.61 -7.97
CA ASP C 440 -12.03 34.58 -7.17
C ASP C 440 -12.11 33.32 -8.01
N ARG C 441 -11.73 32.20 -7.44
CA ARG C 441 -11.64 30.98 -8.17
C ARG C 441 -12.98 30.46 -8.74
N LYS C 442 -14.09 30.97 -8.20
CA LYS C 442 -15.41 30.59 -8.70
C LYS C 442 -16.10 31.71 -9.46
N LYS C 443 -15.97 32.95 -8.99
CA LYS C 443 -16.70 34.07 -9.57
C LYS C 443 -15.93 34.85 -10.62
N GLY C 444 -14.61 34.66 -10.69
CA GLY C 444 -13.81 35.36 -11.67
C GLY C 444 -13.28 36.72 -11.20
N LEU C 445 -13.22 37.66 -12.13
CA LEU C 445 -12.53 38.93 -11.91
C LEU C 445 -13.50 40.01 -11.49
N THR C 446 -13.08 40.85 -10.57
CA THR C 446 -13.82 42.05 -10.17
C THR C 446 -12.86 43.22 -10.25
N LEU C 447 -13.16 44.18 -11.13
CA LEU C 447 -12.37 45.38 -11.21
C LEU C 447 -12.66 46.25 -9.99
N ILE C 448 -11.64 46.55 -9.19
CA ILE C 448 -11.83 47.32 -7.94
C ILE C 448 -11.17 48.70 -7.97
N GLU C 449 -10.19 48.90 -8.82
CA GLU C 449 -9.55 50.20 -9.02
C GLU C 449 -9.23 50.39 -10.50
N LEU C 450 -9.21 51.65 -10.91
CA LEU C 450 -9.01 52.03 -12.29
C LEU C 450 -8.08 53.24 -12.35
N TRP C 451 -7.06 53.19 -13.19
CA TRP C 451 -6.15 54.32 -13.27
C TRP C 451 -6.93 55.59 -13.67
N GLU C 452 -6.69 56.65 -12.92
CA GLU C 452 -7.32 57.95 -13.14
C GLU C 452 -7.25 58.39 -14.58
N GLY C 453 -8.42 58.64 -15.16
CA GLY C 453 -8.49 59.06 -16.55
C GLY C 453 -8.71 57.96 -17.56
N LEU C 454 -8.85 56.71 -17.09
CA LEU C 454 -9.30 55.64 -17.95
C LEU C 454 -10.76 55.35 -17.67
N THR C 455 -11.37 54.62 -18.59
CA THR C 455 -12.74 54.18 -18.47
C THR C 455 -12.81 52.68 -18.29
N VAL C 456 -13.94 52.19 -17.80
CA VAL C 456 -14.17 50.77 -17.80
C VAL C 456 -14.03 50.21 -19.21
N ASP C 457 -14.53 50.91 -20.24
CA ASP C 457 -14.35 50.40 -21.60
C ASP C 457 -12.88 50.27 -22.06
N ASP C 458 -12.01 51.15 -21.57
CA ASP C 458 -10.58 51.04 -21.85
C ASP C 458 -10.03 49.70 -21.31
N ILE C 459 -10.51 49.32 -20.14
CA ILE C 459 -10.14 48.02 -19.55
C ILE C 459 -10.76 46.88 -20.37
N LYS C 460 -12.02 47.02 -20.74
CA LYS C 460 -12.66 46.02 -21.60
C LYS C 460 -11.87 45.75 -22.86
N LYS C 461 -11.40 46.81 -23.52
CA LYS C 461 -10.68 46.68 -24.79
C LYS C 461 -9.29 46.00 -24.64
N SER C 462 -8.77 46.00 -23.41
CA SER C 462 -7.42 45.50 -23.12
C SER C 462 -7.44 44.22 -22.25
N THR C 463 -8.61 43.59 -22.13
CA THR C 463 -8.81 42.43 -21.27
C THR C 463 -9.63 41.38 -22.03
N GLY C 464 -9.13 40.15 -22.06
CA GLY C 464 -9.69 39.12 -22.91
C GLY C 464 -10.67 38.19 -22.26
N CYS C 465 -11.38 38.68 -21.25
CA CYS C 465 -12.49 37.95 -20.66
C CYS C 465 -13.41 38.98 -20.03
N ASP C 466 -14.60 38.53 -19.62
CA ASP C 466 -15.53 39.41 -18.92
C ASP C 466 -15.05 39.62 -17.50
N PHE C 467 -15.55 40.69 -16.90
CA PHE C 467 -15.29 40.99 -15.49
C PHE C 467 -16.43 41.78 -14.87
N ALA C 468 -16.62 41.55 -13.58
CA ALA C 468 -17.48 42.34 -12.72
C ALA C 468 -16.75 43.62 -12.40
N VAL C 469 -17.51 44.65 -12.05
CA VAL C 469 -16.99 45.91 -11.60
C VAL C 469 -17.54 46.13 -10.19
N SER C 470 -16.66 46.46 -9.25
CA SER C 470 -17.04 46.66 -7.87
C SER C 470 -17.92 47.90 -7.72
N PRO C 471 -18.97 47.79 -6.89
CA PRO C 471 -19.69 49.01 -6.50
C PRO C 471 -18.78 50.05 -5.89
N LYS C 472 -17.68 49.60 -5.30
CA LYS C 472 -16.69 50.48 -4.66
C LYS C 472 -15.51 50.92 -5.57
N LEU C 473 -15.72 50.87 -6.88
CA LEU C 473 -14.67 51.21 -7.84
C LEU C 473 -14.12 52.60 -7.60
N ILE C 474 -12.80 52.70 -7.47
CA ILE C 474 -12.12 53.95 -7.16
C ILE C 474 -10.93 54.14 -8.05
N PRO C 475 -10.41 55.37 -8.14
CA PRO C 475 -9.16 55.54 -8.86
C PRO C 475 -8.05 54.74 -8.20
N MET C 476 -7.12 54.27 -9.01
CA MET C 476 -6.00 53.48 -8.49
C MET C 476 -5.17 54.29 -7.51
N GLN C 477 -4.90 53.67 -6.38
CA GLN C 477 -4.14 54.30 -5.32
C GLN C 477 -2.65 54.28 -5.62
N GLN C 478 -1.92 55.21 -5.05
CA GLN C 478 -0.48 55.27 -5.16
C GLN C 478 0.15 55.62 -3.80
N VAL C 479 1.15 54.88 -3.40
CA VAL C 479 1.83 55.10 -2.14
C VAL C 479 2.45 56.47 -2.17
N THR C 480 2.48 57.16 -1.04
CA THR C 480 3.18 58.41 -1.06
C THR C 480 4.64 58.16 -0.71
N THR D 1 -29.62 -2.74 0.78
CA THR D 1 -29.40 -3.12 2.21
C THR D 1 -30.26 -2.26 3.14
N LYS D 2 -30.95 -2.93 4.05
CA LYS D 2 -31.74 -2.22 5.08
C LYS D 2 -30.96 -2.28 6.40
N PHE D 3 -30.75 -1.13 7.02
CA PHE D 3 -30.00 -1.04 8.25
C PHE D 3 -30.95 -1.06 9.43
N TYR D 4 -30.54 -1.76 10.48
CA TYR D 4 -31.30 -1.90 11.73
C TYR D 4 -30.41 -1.48 12.90
N THR D 5 -31.03 -0.92 13.94
CA THR D 5 -30.33 -0.67 15.18
C THR D 5 -30.52 -1.83 16.16
N ASP D 6 -31.70 -2.41 16.11
CA ASP D 6 -32.13 -3.47 17.03
C ASP D 6 -32.02 -4.81 16.31
N ALA D 7 -31.13 -5.66 16.80
CA ALA D 7 -30.92 -7.00 16.24
C ALA D 7 -32.21 -7.82 16.22
N VAL D 8 -33.05 -7.68 17.24
CA VAL D 8 -34.32 -8.40 17.25
C VAL D 8 -35.22 -8.00 16.09
N GLU D 9 -35.27 -6.71 15.76
CA GLU D 9 -36.10 -6.28 14.64
C GLU D 9 -35.63 -6.92 13.34
N ALA D 10 -34.32 -7.13 13.25
CA ALA D 10 -33.71 -7.69 12.04
C ALA D 10 -34.03 -9.18 11.85
N VAL D 11 -34.36 -9.86 12.94
CA VAL D 11 -34.65 -11.30 12.88
C VAL D 11 -36.06 -11.69 13.31
N LYS D 12 -36.92 -10.71 13.56
CA LYS D 12 -38.22 -11.02 14.17
C LYS D 12 -39.19 -11.84 13.29
N ASP D 13 -38.97 -11.86 11.99
CA ASP D 13 -39.88 -12.55 11.07
C ASP D 13 -39.40 -13.96 10.66
N ILE D 14 -38.38 -14.49 11.32
CA ILE D 14 -37.97 -15.86 11.03
C ILE D 14 -39.07 -16.76 11.56
N PRO D 15 -39.67 -17.58 10.70
CA PRO D 15 -40.74 -18.46 11.18
C PRO D 15 -40.23 -19.71 11.86
N ASN D 16 -41.03 -20.31 12.72
CA ASN D 16 -40.70 -21.62 13.25
C ASN D 16 -40.48 -22.58 12.09
N GLY D 17 -39.47 -23.43 12.25
CA GLY D 17 -39.16 -24.47 11.28
C GLY D 17 -38.24 -24.02 10.15
N ALA D 18 -37.85 -22.74 10.22
CA ALA D 18 -36.94 -22.16 9.24
C ALA D 18 -35.60 -22.89 9.17
N THR D 19 -35.02 -22.86 7.97
CA THR D 19 -33.64 -23.26 7.82
C THR D 19 -32.79 -21.99 7.86
N VAL D 20 -31.83 -21.98 8.79
CA VAL D 20 -30.99 -20.81 9.08
C VAL D 20 -29.49 -21.21 8.99
N LEU D 21 -28.74 -20.50 8.14
CA LEU D 21 -27.30 -20.69 8.01
C LEU D 21 -26.65 -19.78 9.06
N VAL D 22 -25.72 -20.34 9.81
CA VAL D 22 -25.05 -19.62 10.92
C VAL D 22 -23.56 -19.62 10.69
N GLY D 23 -22.98 -18.43 10.54
CA GLY D 23 -21.54 -18.35 10.32
C GLY D 23 -20.66 -18.73 11.48
N GLY D 24 -19.38 -18.92 11.20
CA GLY D 24 -18.38 -19.18 12.21
C GLY D 24 -17.64 -20.50 12.09
N PHE D 25 -16.42 -20.50 12.61
CA PHE D 25 -15.60 -21.69 12.72
C PHE D 25 -15.16 -21.71 14.18
N GLY D 26 -15.58 -22.74 14.92
CA GLY D 26 -15.39 -22.73 16.35
C GLY D 26 -16.11 -21.52 16.94
N LEU D 27 -15.38 -20.71 17.71
CA LEU D 27 -15.99 -19.48 18.24
C LEU D 27 -15.50 -18.26 17.45
N CYS D 28 -14.87 -18.51 16.30
CA CYS D 28 -14.29 -17.46 15.45
C CYS D 28 -15.23 -16.97 14.36
N GLY D 29 -15.57 -15.70 14.41
CA GLY D 29 -16.54 -15.15 13.48
C GLY D 29 -17.96 -15.65 13.68
N ILE D 30 -18.38 -15.79 14.93
CA ILE D 30 -19.77 -16.17 15.20
C ILE D 30 -20.65 -14.94 15.40
N PRO D 31 -21.88 -14.98 14.85
CA PRO D 31 -22.84 -13.90 14.97
C PRO D 31 -23.49 -13.90 16.33
N GLU D 32 -22.73 -13.44 17.31
CA GLU D 32 -23.17 -13.56 18.71
C GLU D 32 -24.39 -12.67 19.04
N ASN D 33 -24.47 -11.49 18.46
CA ASN D 33 -25.68 -10.65 18.66
C ASN D 33 -26.94 -11.16 17.97
N LEU D 34 -26.78 -11.76 16.80
CA LEU D 34 -27.94 -12.28 16.12
C LEU D 34 -28.41 -13.55 16.81
N ILE D 35 -27.48 -14.36 17.30
CA ILE D 35 -27.84 -15.52 18.12
C ILE D 35 -28.59 -15.04 19.36
N GLY D 36 -28.09 -13.98 20.00
CA GLY D 36 -28.78 -13.40 21.18
C GLY D 36 -30.19 -12.97 20.86
N ALA D 37 -30.39 -12.40 19.67
CA ALA D 37 -31.71 -11.95 19.25
C ALA D 37 -32.65 -13.13 19.07
N LEU D 38 -32.18 -14.24 18.51
CA LEU D 38 -33.02 -15.42 18.37
CA LEU D 38 -33.00 -15.44 18.37
C LEU D 38 -33.41 -15.98 19.74
N LEU D 39 -32.54 -15.85 20.74
CA LEU D 39 -32.91 -16.28 22.08
C LEU D 39 -34.10 -15.46 22.58
N LYS D 40 -34.14 -14.19 22.21
CA LYS D 40 -35.26 -13.32 22.59
C LYS D 40 -36.56 -13.64 21.82
N THR D 41 -36.48 -13.91 20.52
CA THR D 41 -37.71 -14.17 19.77
C THR D 41 -38.26 -15.54 20.12
N GLY D 42 -37.40 -16.46 20.50
CA GLY D 42 -37.79 -17.81 20.84
C GLY D 42 -38.15 -18.70 19.67
N VAL D 43 -37.84 -18.27 18.45
CA VAL D 43 -38.18 -19.05 17.25
C VAL D 43 -37.64 -20.46 17.41
N LYS D 44 -38.41 -21.48 17.00
CA LYS D 44 -37.99 -22.84 17.29
C LYS D 44 -38.15 -23.79 16.10
N GLU D 45 -37.82 -25.05 16.37
CA GLU D 45 -37.79 -26.13 15.39
C GLU D 45 -36.86 -25.80 14.24
N LEU D 46 -35.78 -25.06 14.52
CA LEU D 46 -34.88 -24.61 13.44
C LEU D 46 -34.06 -25.75 12.87
N THR D 47 -33.83 -25.70 11.56
CA THR D 47 -32.70 -26.43 10.95
C THR D 47 -31.53 -25.47 10.80
N ALA D 48 -30.47 -25.72 11.56
CA ALA D 48 -29.28 -24.86 11.59
C ALA D 48 -28.16 -25.50 10.73
N VAL D 49 -27.73 -24.76 9.71
CA VAL D 49 -26.58 -25.16 8.93
C VAL D 49 -25.41 -24.34 9.50
N SER D 50 -24.51 -25.04 10.18
CA SER D 50 -23.48 -24.39 11.01
C SER D 50 -22.33 -25.32 11.01
N ASN D 51 -21.15 -24.81 10.66
CA ASN D 51 -20.01 -25.73 10.60
C ASN D 51 -19.75 -26.51 11.88
N ASN D 52 -19.84 -25.82 13.01
CA ASN D 52 -19.68 -26.44 14.31
C ASN D 52 -20.85 -26.14 15.22
N ALA D 53 -20.78 -26.69 16.44
CA ALA D 53 -21.85 -26.51 17.42
C ALA D 53 -21.46 -25.49 18.52
N GLY D 54 -20.52 -24.59 18.22
CA GLY D 54 -20.06 -23.67 19.26
C GLY D 54 -19.48 -24.43 20.44
N VAL D 55 -19.79 -23.94 21.64
CA VAL D 55 -19.55 -24.69 22.86
C VAL D 55 -20.82 -24.65 23.67
N ASP D 56 -20.87 -25.33 24.81
CA ASP D 56 -22.13 -25.49 25.51
C ASP D 56 -22.87 -24.18 25.72
N ASN D 57 -22.12 -23.13 26.08
CA ASN D 57 -22.70 -21.84 26.42
C ASN D 57 -22.35 -20.68 25.50
N PHE D 58 -22.04 -20.96 24.25
CA PHE D 58 -21.77 -19.88 23.33
C PHE D 58 -21.93 -20.30 21.90
N GLY D 59 -22.18 -19.33 21.02
CA GLY D 59 -22.47 -19.65 19.62
C GLY D 59 -23.72 -20.51 19.53
N LEU D 60 -23.71 -21.49 18.62
CA LEU D 60 -24.86 -22.36 18.40
C LEU D 60 -25.31 -23.07 19.67
N GLY D 61 -24.39 -23.33 20.59
CA GLY D 61 -24.73 -23.98 21.87
C GLY D 61 -25.84 -23.30 22.63
N LEU D 62 -25.88 -21.98 22.55
CA LEU D 62 -26.95 -21.25 23.24
C LEU D 62 -28.35 -21.62 22.78
N LEU D 63 -28.47 -21.92 21.48
CA LEU D 63 -29.75 -22.25 20.88
C LEU D 63 -30.09 -23.72 21.15
N LEU D 64 -29.08 -24.51 21.49
CA LEU D 64 -29.35 -25.87 21.97
C LEU D 64 -29.83 -25.78 23.42
N GLN D 65 -29.23 -24.90 24.22
CA GLN D 65 -29.64 -24.76 25.63
CA GLN D 65 -29.64 -24.80 25.63
C GLN D 65 -31.11 -24.40 25.73
N SER D 66 -31.57 -23.59 24.80
CA SER D 66 -32.97 -23.18 24.77
C SER D 66 -33.89 -24.11 23.96
N LYS D 67 -33.31 -25.18 23.43
CA LYS D 67 -34.06 -26.17 22.60
C LYS D 67 -34.74 -25.58 21.39
N GLN D 68 -34.08 -24.60 20.73
CA GLN D 68 -34.68 -23.96 19.54
C GLN D 68 -34.28 -24.63 18.22
N ILE D 69 -33.34 -25.54 18.30
CA ILE D 69 -32.86 -26.28 17.12
C ILE D 69 -33.33 -27.77 17.10
N LYS D 70 -33.83 -28.17 15.95
CA LYS D 70 -34.34 -29.51 15.70
C LYS D 70 -33.32 -30.34 14.96
N ARG D 71 -32.67 -29.69 14.03
CA ARG D 71 -31.79 -30.37 13.15
CA ARG D 71 -31.76 -30.36 13.03
C ARG D 71 -30.59 -29.48 12.87
N MET D 72 -29.45 -30.14 12.77
CA MET D 72 -28.22 -29.46 12.33
C MET D 72 -27.58 -30.14 11.15
N ILE D 73 -26.86 -29.33 10.38
CA ILE D 73 -25.98 -29.79 9.31
C ILE D 73 -24.62 -29.17 9.58
N SER D 74 -23.62 -30.00 9.83
CA SER D 74 -22.36 -29.58 10.45
C SER D 74 -21.25 -30.51 10.06
N SER D 75 -19.99 -30.10 10.20
CA SER D 75 -18.83 -30.99 9.94
C SER D 75 -18.13 -31.48 11.19
N TYR D 76 -18.21 -30.76 12.29
CA TYR D 76 -17.54 -31.18 13.51
C TYR D 76 -18.32 -30.58 14.69
N VAL D 77 -18.72 -31.43 15.63
CA VAL D 77 -19.64 -31.05 16.68
C VAL D 77 -19.11 -31.38 18.06
N GLY D 78 -17.78 -31.51 18.19
CA GLY D 78 -17.14 -31.74 19.48
C GLY D 78 -17.16 -30.51 20.38
N GLU D 79 -16.73 -30.72 21.62
CA GLU D 79 -16.62 -29.65 22.62
C GLU D 79 -17.95 -29.02 23.00
N ASN D 80 -19.03 -29.80 22.89
CA ASN D 80 -20.35 -29.36 23.32
C ASN D 80 -21.11 -30.52 23.94
N ALA D 81 -21.14 -30.57 25.27
CA ALA D 81 -21.80 -31.64 26.00
C ALA D 81 -23.31 -31.63 25.86
N GLU D 82 -23.90 -30.45 25.76
CA GLU D 82 -25.33 -30.33 25.56
C GLU D 82 -25.73 -30.97 24.21
N PHE D 83 -24.95 -30.68 23.17
CA PHE D 83 -25.15 -31.31 21.86
C PHE D 83 -25.18 -32.82 22.01
N GLU D 84 -24.17 -33.37 22.67
CA GLU D 84 -24.02 -34.82 22.82
C GLU D 84 -25.22 -35.45 23.52
N ARG D 85 -25.61 -34.87 24.64
CA ARG D 85 -26.77 -35.36 25.37
C ARG D 85 -28.05 -35.35 24.52
N GLN D 86 -28.32 -34.28 23.81
CA GLN D 86 -29.53 -34.16 23.02
C GLN D 86 -29.52 -35.16 21.87
N TYR D 87 -28.36 -35.29 21.21
CA TYR D 87 -28.26 -36.20 20.10
C TYR D 87 -28.46 -37.65 20.58
N LEU D 88 -27.77 -38.03 21.64
CA LEU D 88 -27.89 -39.40 22.11
C LEU D 88 -29.30 -39.72 22.60
N ALA D 89 -30.03 -38.71 23.07
CA ALA D 89 -31.38 -38.84 23.61
C ALA D 89 -32.46 -38.85 22.54
N GLY D 90 -32.10 -38.57 21.30
CA GLY D 90 -33.07 -38.51 20.24
C GLY D 90 -33.82 -37.21 20.14
N GLU D 91 -33.25 -36.15 20.67
CA GLU D 91 -33.84 -34.83 20.60
CA GLU D 91 -33.89 -34.83 20.63
C GLU D 91 -33.30 -33.95 19.50
N LEU D 92 -32.24 -34.38 18.89
CA LEU D 92 -31.59 -33.58 17.89
C LEU D 92 -31.24 -34.44 16.68
N GLU D 93 -31.58 -33.97 15.46
CA GLU D 93 -31.16 -34.62 14.24
CA GLU D 93 -31.22 -34.61 14.17
C GLU D 93 -29.91 -33.96 13.74
N VAL D 94 -28.95 -34.74 13.25
CA VAL D 94 -27.65 -34.21 12.87
C VAL D 94 -27.15 -34.90 11.63
N GLU D 95 -26.84 -34.14 10.58
CA GLU D 95 -26.13 -34.67 9.40
C GLU D 95 -24.69 -34.19 9.41
N LEU D 96 -23.77 -35.10 9.67
CA LEU D 96 -22.36 -34.75 9.61
C LEU D 96 -21.91 -34.76 8.16
N THR D 97 -21.36 -33.63 7.73
CA THR D 97 -21.06 -33.40 6.34
C THR D 97 -19.60 -32.96 6.27
N PRO D 98 -18.82 -33.50 5.30
CA PRO D 98 -17.45 -33.07 5.23
C PRO D 98 -17.37 -31.54 5.10
N GLN D 99 -16.38 -30.93 5.76
CA GLN D 99 -16.32 -29.47 5.83
C GLN D 99 -16.25 -28.80 4.46
N GLY D 100 -15.41 -29.35 3.55
CA GLY D 100 -15.31 -28.81 2.20
C GLY D 100 -16.57 -28.98 1.42
N THR D 101 -17.23 -30.15 1.60
CA THR D 101 -18.53 -30.36 0.99
C THR D 101 -19.57 -29.37 1.51
N LEU D 102 -19.58 -29.16 2.81
CA LEU D 102 -20.51 -28.20 3.38
C LEU D 102 -20.28 -26.83 2.72
N ALA D 103 -19.02 -26.40 2.63
CA ALA D 103 -18.71 -25.10 2.09
C ALA D 103 -19.12 -24.97 0.60
N GLU D 104 -18.86 -26.01 -0.20
CA GLU D 104 -19.16 -25.98 -1.61
C GLU D 104 -20.66 -26.11 -1.86
N ARG D 105 -21.35 -26.87 -1.00
CA ARG D 105 -22.79 -27.00 -1.15
C ARG D 105 -23.48 -25.70 -0.88
N ILE D 106 -22.98 -24.98 0.13
CA ILE D 106 -23.49 -23.61 0.44
C ILE D 106 -23.19 -22.65 -0.72
N ARG D 107 -21.96 -22.68 -1.20
CA ARG D 107 -21.62 -21.89 -2.38
C ARG D 107 -22.51 -22.16 -3.59
N ALA D 108 -22.75 -23.42 -3.88
CA ALA D 108 -23.61 -23.82 -4.98
C ALA D 108 -25.01 -23.25 -4.79
N GLY D 109 -25.48 -23.25 -3.55
CA GLY D 109 -26.78 -22.73 -3.26
C GLY D 109 -26.92 -21.23 -3.51
N GLY D 110 -25.82 -20.48 -3.44
CA GLY D 110 -25.84 -19.08 -3.82
C GLY D 110 -25.56 -18.79 -5.28
N ALA D 111 -25.08 -19.80 -6.01
CA ALA D 111 -24.53 -19.62 -7.38
C ALA D 111 -25.39 -20.23 -8.48
N GLY D 112 -26.59 -20.68 -8.15
CA GLY D 112 -27.46 -21.32 -9.16
C GLY D 112 -27.05 -22.71 -9.65
N VAL D 113 -26.26 -23.42 -8.84
CA VAL D 113 -25.80 -24.76 -9.17
C VAL D 113 -26.52 -25.73 -8.21
N PRO D 114 -27.41 -26.59 -8.74
CA PRO D 114 -28.16 -27.48 -7.85
C PRO D 114 -27.39 -28.66 -7.32
N ALA D 115 -26.32 -29.04 -8.00
CA ALA D 115 -25.56 -30.20 -7.64
C ALA D 115 -24.22 -30.18 -8.36
N PHE D 116 -23.25 -30.80 -7.73
CA PHE D 116 -21.90 -30.92 -8.25
C PHE D 116 -21.27 -32.23 -7.77
N TYR D 117 -20.16 -32.61 -8.38
CA TYR D 117 -19.40 -33.80 -8.00
C TYR D 117 -18.13 -33.49 -7.22
N THR D 118 -17.80 -34.34 -6.24
CA THR D 118 -16.59 -34.22 -5.44
C THR D 118 -16.02 -35.57 -5.05
N SER D 119 -14.72 -35.64 -4.90
CA SER D 119 -14.01 -36.85 -4.50
C SER D 119 -14.19 -37.11 -3.01
N THR D 120 -14.43 -36.01 -2.26
CA THR D 120 -14.54 -36.06 -0.82
C THR D 120 -15.68 -36.95 -0.37
N GLY D 121 -15.35 -37.96 0.42
CA GLY D 121 -16.37 -38.89 0.88
C GLY D 121 -16.60 -40.14 0.04
N TYR D 122 -16.05 -40.21 -1.16
CA TYR D 122 -16.15 -41.45 -1.92
C TYR D 122 -15.54 -42.55 -1.10
N GLY D 123 -16.19 -43.71 -1.09
CA GLY D 123 -15.63 -44.87 -0.42
C GLY D 123 -15.79 -44.87 1.09
N THR D 124 -16.53 -43.88 1.62
CA THR D 124 -16.78 -43.74 3.07
C THR D 124 -18.30 -43.80 3.35
N LEU D 125 -18.61 -43.70 4.63
CA LEU D 125 -20.00 -43.62 5.06
C LEU D 125 -20.80 -42.48 4.44
N VAL D 126 -20.12 -41.44 3.99
CA VAL D 126 -20.82 -40.36 3.29
C VAL D 126 -21.45 -40.87 2.00
N GLN D 127 -20.68 -41.64 1.25
CA GLN D 127 -21.19 -42.22 0.03
C GLN D 127 -22.22 -43.33 0.33
N GLU D 128 -21.89 -44.19 1.28
CA GLU D 128 -22.69 -45.41 1.52
C GLU D 128 -24.04 -45.10 2.14
N GLY D 129 -24.08 -44.09 3.00
CA GLY D 129 -25.30 -43.81 3.75
C GLY D 129 -25.48 -44.79 4.89
N GLY D 130 -26.60 -44.66 5.58
CA GLY D 130 -26.96 -45.61 6.64
C GLY D 130 -26.54 -45.23 8.04
N SER D 131 -25.88 -44.10 8.20
CA SER D 131 -25.47 -43.66 9.50
C SER D 131 -26.65 -43.04 10.23
N PRO D 132 -26.72 -43.22 11.56
CA PRO D 132 -27.79 -42.55 12.30
C PRO D 132 -27.72 -41.04 12.24
N ILE D 133 -28.76 -40.41 11.74
CA ILE D 133 -29.00 -38.94 11.82
C ILE D 133 -29.84 -38.56 13.03
N LYS D 134 -30.72 -39.48 13.45
CA LYS D 134 -31.56 -39.27 14.61
C LYS D 134 -31.78 -40.59 15.30
N TYR D 135 -31.66 -40.57 16.63
CA TYR D 135 -32.06 -41.70 17.48
C TYR D 135 -33.48 -41.49 18.02
N ASN D 136 -34.02 -42.61 18.47
CA ASN D 136 -35.17 -42.61 19.35
C ASN D 136 -34.67 -42.65 20.77
N LYS D 137 -35.59 -42.38 21.72
CA LYS D 137 -35.24 -42.30 23.13
C LYS D 137 -34.75 -43.64 23.68
N ASP D 138 -35.15 -44.77 23.08
CA ASP D 138 -34.69 -46.10 23.51
C ASP D 138 -33.37 -46.52 22.92
N GLY D 139 -32.79 -45.66 22.09
CA GLY D 139 -31.47 -45.94 21.48
C GLY D 139 -31.55 -46.54 20.09
N SER D 140 -32.75 -46.85 19.63
CA SER D 140 -32.95 -47.29 18.26
C SER D 140 -32.74 -46.13 17.28
N ILE D 141 -32.59 -46.47 16.01
CA ILE D 141 -32.34 -45.46 14.97
C ILE D 141 -33.69 -44.97 14.44
N ALA D 142 -33.91 -43.68 14.47
CA ALA D 142 -35.11 -43.07 13.89
C ALA D 142 -34.93 -42.68 12.41
N ILE D 143 -33.77 -42.08 12.09
CA ILE D 143 -33.51 -41.54 10.74
C ILE D 143 -32.07 -41.90 10.40
N ALA D 144 -31.85 -42.47 9.21
CA ALA D 144 -30.52 -42.83 8.72
C ALA D 144 -30.19 -41.98 7.51
N SER D 145 -28.90 -41.73 7.31
CA SER D 145 -28.45 -40.97 6.14
C SER D 145 -28.70 -41.72 4.84
N LYS D 146 -28.93 -40.95 3.78
CA LYS D 146 -29.10 -41.50 2.45
C LYS D 146 -27.75 -41.59 1.74
N PRO D 147 -27.62 -42.57 0.86
CA PRO D 147 -26.41 -42.67 0.04
C PRO D 147 -26.23 -41.50 -0.90
N ARG D 148 -25.02 -41.34 -1.39
CA ARG D 148 -24.72 -40.40 -2.46
C ARG D 148 -24.42 -41.21 -3.73
N GLU D 149 -24.91 -40.71 -4.85
CA GLU D 149 -24.64 -41.29 -6.16
C GLU D 149 -23.19 -41.18 -6.50
N VAL D 150 -22.69 -42.17 -7.22
N VAL D 150 -22.67 -42.21 -7.14
CA VAL D 150 -21.27 -42.26 -7.60
CA VAL D 150 -21.27 -42.26 -7.60
C VAL D 150 -21.10 -42.28 -9.11
C VAL D 150 -21.24 -42.10 -9.12
N ARG D 151 -20.15 -41.48 -9.60
CA ARG D 151 -19.90 -41.38 -11.02
C ARG D 151 -18.41 -41.23 -11.25
N GLU D 152 -17.92 -41.87 -12.31
CA GLU D 152 -16.52 -41.78 -12.68
C GLU D 152 -16.28 -40.69 -13.73
N PHE D 153 -15.23 -39.88 -13.48
CA PHE D 153 -14.75 -38.87 -14.43
C PHE D 153 -13.23 -38.98 -14.52
N ASN D 154 -12.71 -38.95 -15.74
CA ASN D 154 -11.27 -38.96 -15.97
C ASN D 154 -10.55 -40.06 -15.16
N GLY D 155 -11.16 -41.26 -15.08
CA GLY D 155 -10.57 -42.37 -14.35
C GLY D 155 -10.57 -42.32 -12.82
N GLN D 156 -11.38 -41.44 -12.24
CA GLN D 156 -11.48 -41.34 -10.78
C GLN D 156 -12.94 -41.30 -10.38
N HIS D 157 -13.24 -41.76 -9.17
CA HIS D 157 -14.63 -41.79 -8.70
C HIS D 157 -14.96 -40.57 -7.81
N PHE D 158 -16.17 -40.07 -8.03
CA PHE D 158 -16.73 -38.89 -7.38
C PHE D 158 -18.17 -39.17 -6.93
N ILE D 159 -18.63 -38.39 -5.95
CA ILE D 159 -20.00 -38.51 -5.50
C ILE D 159 -20.75 -37.20 -5.72
N LEU D 160 -22.05 -37.30 -5.96
CA LEU D 160 -22.94 -36.18 -6.25
C LEU D 160 -23.44 -35.56 -4.93
N GLU D 161 -23.21 -34.24 -4.76
CA GLU D 161 -23.70 -33.51 -3.59
C GLU D 161 -24.61 -32.38 -4.10
N GLU D 162 -25.65 -32.03 -3.33
CA GLU D 162 -26.63 -31.03 -3.74
C GLU D 162 -26.48 -29.72 -2.96
N ALA D 163 -26.92 -28.66 -3.59
CA ALA D 163 -26.81 -27.31 -3.01
C ALA D 163 -27.57 -27.25 -1.69
N ILE D 164 -27.06 -26.39 -0.78
CA ILE D 164 -27.76 -26.02 0.45
C ILE D 164 -28.14 -24.56 0.35
N ARG D 165 -29.41 -24.25 0.63
CA ARG D 165 -29.87 -22.89 0.77
C ARG D 165 -30.61 -22.79 2.10
N GLY D 166 -30.66 -21.59 2.63
CA GLY D 166 -31.46 -21.31 3.80
C GLY D 166 -32.58 -20.32 3.55
N ASP D 167 -33.56 -20.32 4.46
CA ASP D 167 -34.51 -19.23 4.52
C ASP D 167 -33.84 -17.92 5.01
N PHE D 168 -32.94 -18.06 5.98
CA PHE D 168 -32.15 -16.95 6.52
C PHE D 168 -30.69 -17.35 6.70
N ALA D 169 -29.80 -16.36 6.67
CA ALA D 169 -28.41 -16.50 7.07
C ALA D 169 -28.11 -15.47 8.14
N LEU D 170 -27.41 -15.93 9.16
CA LEU D 170 -26.91 -15.09 10.26
C LEU D 170 -25.40 -15.05 10.14
N VAL D 171 -24.89 -13.87 9.75
CA VAL D 171 -23.51 -13.69 9.36
C VAL D 171 -22.83 -12.63 10.25
N LYS D 172 -21.61 -12.94 10.70
CA LYS D 172 -20.74 -11.98 11.40
C LYS D 172 -19.72 -11.42 10.43
N ALA D 173 -19.54 -10.10 10.40
CA ALA D 173 -18.45 -9.49 9.61
C ALA D 173 -17.78 -8.41 10.45
N TRP D 174 -16.74 -7.80 9.90
CA TRP D 174 -15.94 -6.85 10.64
C TRP D 174 -16.50 -5.44 10.48
N LYS D 175 -16.52 -4.94 9.24
CA LYS D 175 -17.02 -3.60 8.95
C LYS D 175 -17.99 -3.66 7.80
N ALA D 176 -18.97 -2.75 7.84
CA ALA D 176 -19.80 -2.46 6.69
C ALA D 176 -19.66 -0.97 6.38
N ASP D 177 -19.73 -0.61 5.10
CA ASP D 177 -19.88 0.81 4.75
C ASP D 177 -21.36 1.15 4.76
N GLN D 178 -21.68 2.45 4.63
CA GLN D 178 -23.09 2.87 4.63
C GLN D 178 -23.90 2.45 3.40
N ALA D 179 -23.23 1.85 2.42
CA ALA D 179 -23.92 1.27 1.28
C ALA D 179 -24.31 -0.18 1.51
N GLY D 180 -23.75 -0.79 2.53
CA GLY D 180 -23.96 -2.19 2.84
C GLY D 180 -22.88 -3.15 2.36
N ASN D 181 -21.78 -2.61 1.83
CA ASN D 181 -20.65 -3.46 1.48
C ASN D 181 -19.99 -3.93 2.74
N VAL D 182 -19.46 -5.17 2.75
CA VAL D 182 -18.94 -5.76 3.97
C VAL D 182 -17.54 -6.39 3.80
N THR D 183 -16.72 -6.31 4.87
CA THR D 183 -15.41 -6.94 4.96
C THR D 183 -15.27 -7.81 6.20
N PHE D 184 -14.32 -8.74 6.18
CA PHE D 184 -14.11 -9.69 7.27
C PHE D 184 -12.67 -9.59 7.74
N ARG D 185 -12.47 -9.88 9.01
CA ARG D 185 -11.17 -9.78 9.66
C ARG D 185 -10.49 -11.12 9.89
N LYS D 186 -9.24 -11.24 9.42
CA LYS D 186 -8.41 -12.39 9.66
C LYS D 186 -9.17 -13.70 9.35
N SER D 187 -9.12 -14.69 10.24
CA SER D 187 -9.74 -16.01 9.99
C SER D 187 -11.23 -16.07 10.39
N ALA D 188 -11.81 -14.93 10.78
CA ALA D 188 -13.24 -14.85 11.09
C ALA D 188 -14.17 -14.91 9.87
N ARG D 189 -13.57 -14.89 8.67
CA ARG D 189 -14.29 -14.94 7.42
C ARG D 189 -15.00 -16.31 7.24
N ASN D 190 -14.19 -17.34 7.19
CA ASN D 190 -14.62 -18.75 7.12
C ASN D 190 -15.93 -18.96 6.37
N PHE D 191 -16.98 -19.44 7.04
CA PHE D 191 -18.26 -19.75 6.40
C PHE D 191 -19.17 -18.52 6.25
N ASN D 192 -18.87 -17.44 6.96
CA ASN D 192 -19.67 -16.23 6.88
C ASN D 192 -19.79 -15.75 5.45
N LEU D 193 -18.70 -15.79 4.70
CA LEU D 193 -18.75 -15.26 3.34
C LEU D 193 -19.70 -16.05 2.40
N PRO D 194 -19.46 -17.39 2.24
CA PRO D 194 -20.39 -18.10 1.33
C PRO D 194 -21.84 -18.12 1.81
N MET D 195 -22.02 -18.21 3.13
CA MET D 195 -23.38 -18.19 3.67
C MET D 195 -24.17 -16.90 3.36
N CYS D 196 -23.46 -15.78 3.15
CA CYS D 196 -24.07 -14.51 2.71
CA CYS D 196 -24.15 -14.56 2.78
C CYS D 196 -24.80 -14.60 1.39
N LYS D 197 -24.49 -15.62 0.59
CA LYS D 197 -24.99 -15.68 -0.76
C LYS D 197 -26.06 -16.73 -0.97
N ALA D 198 -26.37 -17.50 0.08
CA ALA D 198 -27.12 -18.76 -0.05
C ALA D 198 -28.45 -18.78 0.73
N ALA D 199 -28.99 -17.64 1.14
CA ALA D 199 -30.25 -17.60 1.84
C ALA D 199 -31.18 -16.57 1.22
N GLU D 200 -32.49 -16.81 1.37
CA GLU D 200 -33.50 -15.86 0.89
C GLU D 200 -33.30 -14.48 1.54
N THR D 201 -33.06 -14.49 2.84
CA THR D 201 -32.80 -13.26 3.60
C THR D 201 -31.50 -13.37 4.42
N THR D 202 -30.54 -12.52 4.12
CA THR D 202 -29.26 -12.50 4.79
CA THR D 202 -29.26 -12.49 4.78
C THR D 202 -29.21 -11.35 5.80
N VAL D 203 -28.80 -11.68 7.01
CA VAL D 203 -28.70 -10.71 8.10
C VAL D 203 -27.25 -10.73 8.60
N VAL D 204 -26.59 -9.57 8.51
CA VAL D 204 -25.20 -9.41 8.85
C VAL D 204 -25.07 -8.48 10.04
N GLU D 205 -24.25 -8.90 11.01
CA GLU D 205 -23.86 -8.04 12.11
C GLU D 205 -22.41 -7.69 11.94
N VAL D 206 -22.11 -6.40 12.17
CA VAL D 206 -20.74 -5.94 12.09
C VAL D 206 -20.33 -5.20 13.34
N GLU D 207 -19.02 -5.10 13.54
CA GLU D 207 -18.42 -4.40 14.67
C GLU D 207 -18.38 -2.87 14.45
N GLU D 208 -18.30 -2.43 13.20
CA GLU D 208 -18.19 -1.00 12.90
C GLU D 208 -18.84 -0.67 11.58
N ILE D 209 -19.53 0.45 11.51
CA ILE D 209 -20.05 0.99 10.24
C ILE D 209 -19.16 2.20 9.86
N VAL D 210 -18.68 2.20 8.61
CA VAL D 210 -17.76 3.22 8.09
C VAL D 210 -18.37 3.95 6.90
N ASP D 211 -17.80 5.12 6.56
CA ASP D 211 -18.32 5.90 5.44
C ASP D 211 -18.16 5.14 4.11
N ILE D 212 -19.09 5.35 3.19
CA ILE D 212 -18.90 4.92 1.80
C ILE D 212 -17.59 5.55 1.32
N GLY D 213 -16.76 4.77 0.63
CA GLY D 213 -15.43 5.19 0.22
C GLY D 213 -14.31 4.76 1.15
N SER D 214 -14.64 4.19 2.32
CA SER D 214 -13.61 3.70 3.24
C SER D 214 -12.89 2.46 2.74
N PHE D 215 -13.57 1.70 1.87
CA PHE D 215 -12.98 0.52 1.27
C PHE D 215 -12.47 0.81 -0.14
N ALA D 216 -11.36 0.20 -0.49
CA ALA D 216 -11.00 0.07 -1.89
C ALA D 216 -12.07 -0.83 -2.52
N PRO D 217 -12.61 -0.45 -3.69
CA PRO D 217 -13.69 -1.26 -4.29
C PRO D 217 -13.26 -2.68 -4.64
N GLU D 218 -11.98 -2.86 -4.88
CA GLU D 218 -11.41 -4.18 -5.13
C GLU D 218 -11.35 -5.07 -3.89
N ASP D 219 -11.46 -4.47 -2.71
CA ASP D 219 -11.22 -5.17 -1.47
C ASP D 219 -12.48 -5.28 -0.62
N ILE D 220 -13.62 -5.21 -1.28
CA ILE D 220 -14.91 -5.47 -0.66
C ILE D 220 -15.16 -7.00 -0.71
N HIS D 221 -15.23 -7.65 0.45
CA HIS D 221 -15.29 -9.13 0.48
C HIS D 221 -16.67 -9.63 0.11
N ILE D 222 -17.70 -8.92 0.57
CA ILE D 222 -19.08 -9.23 0.24
C ILE D 222 -19.75 -7.95 -0.26
N PRO D 223 -19.98 -7.88 -1.59
CA PRO D 223 -20.72 -6.74 -2.12
C PRO D 223 -22.16 -6.62 -1.60
N LYS D 224 -22.65 -5.39 -1.55
CA LYS D 224 -23.95 -5.03 -0.95
C LYS D 224 -25.16 -5.79 -1.48
N ILE D 225 -25.05 -6.32 -2.69
CA ILE D 225 -26.14 -7.05 -3.32
C ILE D 225 -26.53 -8.27 -2.47
N TYR D 226 -25.60 -8.77 -1.69
CA TYR D 226 -25.81 -9.99 -0.89
C TYR D 226 -26.28 -9.69 0.54
N VAL D 227 -26.24 -8.42 0.92
CA VAL D 227 -26.43 -7.99 2.30
C VAL D 227 -27.83 -7.39 2.39
N HIS D 228 -28.81 -8.19 2.78
CA HIS D 228 -30.18 -7.67 2.78
C HIS D 228 -30.49 -6.83 4.01
N ARG D 229 -29.97 -7.24 5.15
CA ARG D 229 -30.20 -6.57 6.43
C ARG D 229 -28.89 -6.46 7.21
N LEU D 230 -28.66 -5.31 7.80
CA LEU D 230 -27.38 -5.03 8.44
C LEU D 230 -27.61 -4.40 9.80
N VAL D 231 -26.91 -4.87 10.80
CA VAL D 231 -27.01 -4.31 12.11
C VAL D 231 -25.64 -4.19 12.73
N LYS D 232 -25.38 -3.08 13.40
CA LYS D 232 -24.16 -3.02 14.15
C LYS D 232 -24.32 -3.72 15.50
N GLY D 233 -23.47 -4.68 15.79
CA GLY D 233 -23.67 -5.45 16.99
C GLY D 233 -23.46 -4.66 18.25
N GLU D 234 -24.32 -4.87 19.24
CA GLU D 234 -24.28 -4.11 20.49
C GLU D 234 -23.10 -4.48 21.38
N LYS D 235 -22.76 -5.77 21.37
CA LYS D 235 -21.77 -6.30 22.29
C LYS D 235 -20.92 -7.35 21.59
N TYR D 236 -19.61 -7.27 21.81
CA TYR D 236 -18.68 -8.30 21.33
C TYR D 236 -17.73 -8.77 22.42
N GLU D 237 -17.91 -10.01 22.84
CA GLU D 237 -17.18 -10.58 23.98
C GLU D 237 -15.77 -11.09 23.67
N LYS D 238 -15.45 -11.26 22.41
CA LYS D 238 -14.10 -11.64 21.98
C LYS D 238 -13.67 -12.94 22.70
N ARG D 239 -14.62 -13.88 22.84
CA ARG D 239 -14.36 -15.14 23.53
C ARG D 239 -13.39 -16.03 22.78
N ILE D 240 -12.53 -16.68 23.56
CA ILE D 240 -11.47 -17.54 23.05
C ILE D 240 -11.65 -18.91 23.63
N GLU D 241 -11.84 -19.90 22.76
CA GLU D 241 -12.11 -21.26 23.21
C GLU D 241 -10.85 -21.92 23.80
N ARG D 242 -9.72 -21.72 23.14
CA ARG D 242 -8.46 -22.33 23.52
C ARG D 242 -7.36 -21.29 23.46
N LEU D 243 -6.91 -20.88 24.62
CA LEU D 243 -5.86 -19.88 24.75
C LEU D 243 -4.48 -20.54 24.67
N SER D 244 -3.83 -20.40 23.52
CA SER D 244 -2.55 -21.06 23.27
C SER D 244 -1.47 -20.02 23.08
N VAL D 245 -0.55 -19.94 24.04
CA VAL D 245 0.47 -18.88 24.04
C VAL D 245 1.83 -19.51 24.22
N ARG D 246 2.86 -18.93 23.60
CA ARG D 246 4.21 -19.44 23.77
C ARG D 246 4.89 -18.69 24.91
N ASN D 261 12.06 -42.10 23.28
CA ASN D 261 10.66 -41.68 23.34
C ASN D 261 9.94 -41.83 22.00
N VAL D 262 8.77 -42.46 22.02
CA VAL D 262 8.07 -42.83 20.80
C VAL D 262 7.66 -41.62 19.97
N ARG D 263 6.90 -40.69 20.57
CA ARG D 263 6.39 -39.54 19.81
C ARG D 263 7.50 -38.68 19.25
N GLU D 264 8.54 -38.41 20.04
CA GLU D 264 9.66 -37.60 19.57
C GLU D 264 10.37 -38.22 18.37
N ARG D 265 10.47 -39.54 18.36
CA ARG D 265 11.04 -40.25 17.22
C ARG D 265 10.22 -39.98 15.95
N ILE D 266 8.91 -40.07 16.08
CA ILE D 266 8.00 -39.85 14.94
C ILE D 266 8.09 -38.40 14.48
N ILE D 267 8.00 -37.48 15.44
CA ILE D 267 8.11 -36.04 15.14
C ILE D 267 9.42 -35.70 14.43
N LYS D 268 10.52 -36.22 14.93
CA LYS D 268 11.82 -35.97 14.31
C LYS D 268 12.00 -36.60 12.93
N ARG D 269 11.27 -37.66 12.62
CA ARG D 269 11.27 -38.18 11.23
C ARG D 269 10.30 -37.39 10.35
N ALA D 270 9.12 -37.09 10.88
CA ALA D 270 8.11 -36.31 10.17
C ALA D 270 8.68 -34.96 9.69
N ALA D 271 9.54 -34.36 10.51
CA ALA D 271 10.22 -33.09 10.16
C ALA D 271 11.02 -33.15 8.85
N LEU D 272 11.50 -34.34 8.49
CA LEU D 272 12.28 -34.50 7.24
C LEU D 272 11.42 -34.59 5.96
N GLU D 273 10.10 -34.55 6.11
CA GLU D 273 9.19 -34.50 4.98
C GLU D 273 9.04 -33.10 4.37
N PHE D 274 9.43 -32.08 5.13
CA PHE D 274 9.36 -30.69 4.68
C PHE D 274 10.44 -30.34 3.67
N GLU D 275 10.04 -29.72 2.55
CA GLU D 275 10.95 -29.27 1.51
C GLU D 275 10.83 -27.75 1.41
N ASP D 276 11.89 -27.11 0.93
CA ASP D 276 11.90 -25.66 0.78
C ASP D 276 10.90 -25.22 -0.28
N GLY D 277 10.05 -24.24 0.07
CA GLY D 277 9.02 -23.73 -0.85
C GLY D 277 7.69 -24.49 -0.79
N MET D 278 7.63 -25.48 0.09
CA MET D 278 6.50 -26.41 0.17
C MET D 278 5.29 -25.73 0.80
N TYR D 279 4.11 -26.07 0.27
CA TYR D 279 2.83 -25.75 0.89
C TYR D 279 2.37 -26.98 1.62
N ALA D 280 2.08 -26.87 2.91
CA ALA D 280 1.65 -28.03 3.69
C ALA D 280 0.44 -27.73 4.54
N ASN D 281 -0.35 -28.76 4.81
CA ASN D 281 -1.40 -28.69 5.82
C ASN D 281 -1.11 -29.73 6.86
N LEU D 282 -0.96 -29.31 8.11
CA LEU D 282 -0.53 -30.17 9.21
C LEU D 282 -1.64 -30.39 10.23
N GLY D 283 -1.95 -31.65 10.50
CA GLY D 283 -2.99 -31.99 11.46
C GLY D 283 -2.55 -31.78 12.88
N ILE D 284 -3.53 -31.85 13.78
CA ILE D 284 -3.31 -31.70 15.22
C ILE D 284 -2.36 -32.77 15.74
N GLY D 285 -1.49 -32.37 16.66
CA GLY D 285 -0.56 -33.30 17.31
C GLY D 285 0.80 -33.40 16.63
N ILE D 286 1.20 -34.63 16.32
CA ILE D 286 2.54 -34.87 15.78
C ILE D 286 2.91 -34.03 14.56
N PRO D 287 2.02 -33.93 13.54
CA PRO D 287 2.42 -33.17 12.35
C PRO D 287 2.74 -31.70 12.66
N LEU D 288 1.89 -31.07 13.45
CA LEU D 288 2.11 -29.65 13.80
C LEU D 288 3.39 -29.50 14.63
N LEU D 289 3.59 -30.40 15.59
CA LEU D 289 4.82 -30.43 16.40
C LEU D 289 6.07 -30.59 15.52
N ALA D 290 5.95 -31.35 14.43
CA ALA D 290 7.04 -31.49 13.50
C ALA D 290 7.50 -30.17 12.86
N SER D 291 6.60 -29.20 12.72
CA SER D 291 6.95 -27.93 12.07
C SER D 291 7.96 -27.14 12.88
N ASN D 292 8.00 -27.39 14.18
CA ASN D 292 8.96 -26.76 15.07
C ASN D 292 10.40 -27.12 14.79
N PHE D 293 10.62 -28.11 13.94
CA PHE D 293 11.96 -28.60 13.62
C PHE D 293 12.39 -28.27 12.19
N ILE D 294 11.60 -27.45 11.50
CA ILE D 294 11.87 -27.13 10.10
C ILE D 294 13.19 -26.36 9.96
N MET D 298 14.87 -23.37 5.46
CA MET D 298 13.73 -23.79 4.66
C MET D 298 12.55 -22.84 4.80
N THR D 299 11.93 -22.49 3.69
CA THR D 299 10.65 -21.81 3.68
C THR D 299 9.52 -22.83 3.48
N VAL D 300 8.64 -22.96 4.48
CA VAL D 300 7.44 -23.84 4.38
C VAL D 300 6.19 -23.07 4.76
N HIS D 301 5.22 -23.05 3.85
CA HIS D 301 4.00 -22.27 4.03
C HIS D 301 2.87 -23.14 4.51
N LEU D 302 2.42 -22.89 5.73
CA LEU D 302 1.40 -23.73 6.35
C LEU D 302 0.00 -23.18 6.08
N GLN D 303 -0.87 -24.06 5.57
CA GLN D 303 -2.25 -23.74 5.26
C GLN D 303 -3.15 -24.25 6.37
N SER D 304 -4.20 -23.46 6.64
CA SER D 304 -5.21 -23.80 7.64
C SER D 304 -6.60 -23.83 7.01
N GLU D 305 -7.30 -24.94 7.16
CA GLU D 305 -8.52 -25.11 6.46
CA GLU D 305 -8.53 -25.17 6.50
C GLU D 305 -9.64 -24.13 6.78
N ASN D 306 -9.49 -23.43 7.91
CA ASN D 306 -10.40 -22.40 8.24
C ASN D 306 -10.15 -21.10 7.53
N GLY D 307 -9.16 -21.11 6.65
CA GLY D 307 -8.94 -20.04 5.71
C GLY D 307 -7.71 -19.16 5.85
N ILE D 308 -6.59 -19.78 6.15
CA ILE D 308 -5.32 -19.09 6.31
C ILE D 308 -4.21 -19.73 5.50
N LEU D 309 -3.35 -18.93 4.88
CA LEU D 309 -2.10 -19.48 4.33
C LEU D 309 -0.98 -18.65 4.95
N GLY D 310 -0.02 -19.35 5.57
CA GLY D 310 1.13 -18.72 6.26
C GLY D 310 1.02 -18.69 7.76
N LEU D 311 0.51 -19.76 8.36
CA LEU D 311 0.51 -19.91 9.80
C LEU D 311 1.90 -19.76 10.41
N GLY D 312 1.94 -19.11 11.57
CA GLY D 312 3.17 -18.97 12.33
C GLY D 312 3.01 -19.60 13.69
N PRO D 313 3.93 -19.26 14.61
CA PRO D 313 3.91 -19.87 15.93
C PRO D 313 2.78 -19.36 16.80
N TYR D 314 2.62 -20.00 17.95
CA TYR D 314 1.62 -19.55 18.91
C TYR D 314 1.98 -18.13 19.35
N PRO D 315 0.97 -17.32 19.68
CA PRO D 315 1.24 -15.93 20.03
C PRO D 315 1.89 -15.76 21.38
N LEU D 316 2.61 -14.66 21.54
CA LEU D 316 2.89 -14.12 22.86
C LEU D 316 1.61 -13.54 23.40
N GLN D 317 1.49 -13.37 24.71
CA GLN D 317 0.20 -12.96 25.26
C GLN D 317 -0.40 -11.75 24.59
N ASN D 318 0.41 -10.77 24.26
CA ASN D 318 -0.11 -9.55 23.63
C ASN D 318 -0.33 -9.63 22.13
N GLU D 319 -0.02 -10.78 21.55
CA GLU D 319 -0.32 -11.06 20.15
C GLU D 319 -1.63 -11.85 19.99
N VAL D 320 -2.22 -12.28 21.09
CA VAL D 320 -3.43 -13.12 21.06
C VAL D 320 -4.59 -12.36 20.44
N ASP D 321 -5.29 -13.00 19.48
CA ASP D 321 -6.39 -12.38 18.79
C ASP D 321 -7.51 -13.42 18.55
N ALA D 322 -8.70 -13.12 19.05
CA ALA D 322 -9.88 -14.00 18.91
C ALA D 322 -10.25 -14.28 17.46
N ASP D 323 -9.86 -13.41 16.55
CA ASP D 323 -10.15 -13.56 15.12
C ASP D 323 -9.13 -14.44 14.39
N LEU D 324 -8.13 -14.97 15.10
CA LEU D 324 -7.05 -15.72 14.48
C LEU D 324 -6.75 -17.00 15.23
N ILE D 325 -7.34 -18.09 14.74
CA ILE D 325 -7.12 -19.40 15.27
C ILE D 325 -6.75 -20.39 14.16
N ASN D 326 -6.18 -21.51 14.58
CA ASN D 326 -5.90 -22.60 13.63
C ASN D 326 -7.06 -23.58 13.57
N ALA D 327 -6.90 -24.63 12.78
CA ALA D 327 -8.01 -25.57 12.60
C ALA D 327 -8.31 -26.38 13.84
N GLY D 328 -7.34 -26.47 14.74
CA GLY D 328 -7.49 -27.09 16.06
C GLY D 328 -8.11 -26.12 17.08
N LYS D 329 -8.55 -24.97 16.60
CA LYS D 329 -9.22 -23.94 17.42
C LYS D 329 -8.30 -23.29 18.43
N GLU D 330 -7.00 -23.31 18.17
CA GLU D 330 -6.02 -22.67 19.04
C GLU D 330 -5.69 -21.28 18.53
N THR D 331 -5.48 -20.34 19.45
CA THR D 331 -4.93 -19.04 19.05
C THR D 331 -3.57 -19.20 18.37
N VAL D 332 -3.40 -18.49 17.27
CA VAL D 332 -2.21 -18.59 16.44
CA VAL D 332 -2.18 -18.56 16.46
C VAL D 332 -1.74 -17.20 15.95
N THR D 333 -0.63 -17.18 15.22
CA THR D 333 -0.15 -16.00 14.52
C THR D 333 -0.01 -16.36 13.04
N VAL D 334 0.27 -15.36 12.22
CA VAL D 334 0.64 -15.57 10.81
C VAL D 334 1.97 -14.92 10.55
N LEU D 335 2.68 -15.44 9.56
CA LEU D 335 3.97 -14.88 9.14
C LEU D 335 3.82 -13.82 8.04
N PRO D 336 4.92 -13.09 7.72
CA PRO D 336 4.86 -12.15 6.63
C PRO D 336 4.40 -12.80 5.31
N GLY D 337 3.59 -12.07 4.55
CA GLY D 337 3.08 -12.55 3.26
C GLY D 337 1.98 -13.60 3.39
N ALA D 338 1.38 -13.67 4.58
CA ALA D 338 0.19 -14.53 4.78
C ALA D 338 -1.04 -13.98 4.07
N SER D 339 -2.06 -14.84 3.91
CA SER D 339 -3.31 -14.44 3.31
C SER D 339 -4.45 -15.17 4.05
N TYR D 340 -5.63 -14.55 3.99
CA TYR D 340 -6.90 -15.09 4.51
C TYR D 340 -7.89 -15.20 3.38
N PHE D 341 -8.77 -16.20 3.49
CA PHE D 341 -9.77 -16.45 2.46
C PHE D 341 -10.92 -17.27 3.12
N SER D 342 -12.01 -17.41 2.38
CA SER D 342 -13.22 -18.03 2.89
C SER D 342 -13.09 -19.55 2.88
N SER D 343 -14.03 -20.20 3.56
CA SER D 343 -14.04 -21.66 3.68
C SER D 343 -14.25 -22.34 2.32
N ASP D 344 -15.11 -21.81 1.47
CA ASP D 344 -15.28 -22.37 0.11
C ASP D 344 -13.96 -22.24 -0.66
N GLU D 345 -13.28 -21.11 -0.54
CA GLU D 345 -11.99 -20.96 -1.22
CA GLU D 345 -12.09 -20.91 -1.23
C GLU D 345 -10.90 -21.87 -0.63
N SER D 346 -10.89 -22.00 0.69
CA SER D 346 -9.93 -22.88 1.35
C SER D 346 -10.04 -24.32 0.86
N PHE D 347 -11.27 -24.79 0.74
CA PHE D 347 -11.45 -26.18 0.28
C PHE D 347 -11.38 -26.36 -1.22
N ALA D 348 -11.59 -25.28 -1.97
CA ALA D 348 -11.20 -25.32 -3.39
C ALA D 348 -9.69 -25.51 -3.51
N MET D 349 -8.94 -24.82 -2.69
CA MET D 349 -7.48 -24.95 -2.66
C MET D 349 -7.04 -26.39 -2.32
N ILE D 350 -7.70 -26.99 -1.34
CA ILE D 350 -7.39 -28.33 -0.85
C ILE D 350 -7.88 -29.37 -1.85
N ARG D 351 -9.14 -29.27 -2.26
CA ARG D 351 -9.71 -30.31 -3.16
C ARG D 351 -9.02 -30.30 -4.53
N GLY D 352 -8.59 -29.12 -4.96
CA GLY D 352 -7.90 -29.00 -6.25
C GLY D 352 -6.43 -29.42 -6.24
N GLY D 353 -5.92 -29.90 -5.13
CA GLY D 353 -4.57 -30.47 -5.06
C GLY D 353 -3.46 -29.43 -5.03
N HIS D 354 -3.77 -28.22 -4.60
CA HIS D 354 -2.76 -27.14 -4.55
C HIS D 354 -1.80 -27.22 -3.37
N VAL D 355 -2.21 -27.88 -2.31
CA VAL D 355 -1.34 -28.13 -1.18
C VAL D 355 -0.40 -29.29 -1.55
N ASN D 356 0.89 -29.16 -1.32
CA ASN D 356 1.83 -30.21 -1.70
C ASN D 356 1.84 -31.41 -0.78
N LEU D 357 1.74 -31.14 0.52
CA LEU D 357 1.87 -32.13 1.55
C LEU D 357 0.75 -31.95 2.58
N THR D 358 -0.04 -33.02 2.77
CA THR D 358 -0.95 -33.13 3.90
C THR D 358 -0.42 -34.18 4.85
N MET D 359 -0.17 -33.76 6.09
CA MET D 359 0.37 -34.65 7.07
CA MET D 359 0.37 -34.67 7.10
C MET D 359 -0.74 -34.76 8.14
N LEU D 360 -0.99 -35.97 8.62
CA LEU D 360 -2.04 -36.21 9.60
C LEU D 360 -1.83 -37.50 10.39
N GLY D 361 -2.48 -37.57 11.55
CA GLY D 361 -2.51 -38.76 12.37
C GLY D 361 -3.54 -39.74 11.85
N ALA D 362 -3.45 -40.98 12.32
CA ALA D 362 -4.37 -42.02 11.92
C ALA D 362 -4.56 -43.05 13.01
N MET D 363 -5.71 -43.71 13.00
N MET D 363 -5.68 -43.72 13.02
CA MET D 363 -5.94 -44.87 13.84
CA MET D 363 -5.87 -44.88 13.84
C MET D 363 -5.57 -46.18 13.11
C MET D 363 -5.54 -46.18 13.11
N GLN D 364 -5.87 -46.23 11.81
CA GLN D 364 -5.49 -47.37 10.98
C GLN D 364 -5.15 -46.92 9.57
N VAL D 365 -4.26 -47.67 8.91
CA VAL D 365 -3.96 -47.50 7.49
C VAL D 365 -3.97 -48.90 6.87
N SER D 366 -4.56 -49.01 5.68
CA SER D 366 -4.58 -50.31 4.96
C SER D 366 -3.38 -50.46 4.03
N LYS D 367 -3.18 -51.70 3.57
CA LYS D 367 -2.09 -52.05 2.70
C LYS D 367 -1.98 -51.18 1.45
N TYR D 368 -3.11 -50.73 0.92
CA TYR D 368 -3.17 -49.95 -0.31
C TYR D 368 -3.47 -48.49 -0.02
N GLY D 369 -3.50 -48.15 1.26
CA GLY D 369 -3.54 -46.75 1.65
C GLY D 369 -4.89 -46.22 2.01
N ASP D 370 -5.82 -47.08 2.36
CA ASP D 370 -7.07 -46.57 2.96
C ASP D 370 -6.70 -46.00 4.33
N LEU D 371 -7.45 -44.99 4.78
CA LEU D 371 -7.17 -44.26 6.02
C LEU D 371 -8.40 -44.24 6.92
N ALA D 372 -8.25 -44.56 8.19
CA ALA D 372 -9.32 -44.39 9.20
C ALA D 372 -8.79 -43.45 10.26
N ASN D 373 -9.32 -42.23 10.33
CA ASN D 373 -8.90 -41.32 11.37
C ASN D 373 -9.98 -40.36 11.88
N TRP D 374 -11.26 -40.70 11.77
CA TRP D 374 -12.32 -39.74 12.24
C TRP D 374 -13.40 -40.27 13.19
N MET D 375 -13.56 -41.57 13.31
CA MET D 375 -14.68 -42.16 14.06
CA MET D 375 -14.66 -42.15 14.05
C MET D 375 -14.22 -43.45 14.71
N ILE D 376 -14.44 -43.55 16.02
CA ILE D 376 -14.29 -44.79 16.76
C ILE D 376 -15.66 -45.14 17.29
N PRO D 377 -16.20 -46.26 16.86
CA PRO D 377 -17.57 -46.62 17.14
C PRO D 377 -18.03 -46.41 18.60
N GLY D 378 -17.10 -46.35 19.53
CA GLY D 378 -17.47 -46.02 20.88
C GLY D 378 -17.56 -44.53 21.17
N VAL D 381 -19.11 -39.86 18.65
CA VAL D 381 -19.38 -39.21 17.36
C VAL D 381 -19.07 -37.72 17.42
N LYS D 382 -18.12 -37.27 16.62
CA LYS D 382 -17.79 -35.84 16.59
C LYS D 382 -17.78 -35.25 15.17
N GLY D 383 -17.51 -36.09 14.17
CA GLY D 383 -17.57 -35.68 12.79
C GLY D 383 -16.20 -35.65 12.17
N MET D 384 -16.18 -35.52 10.84
CA MET D 384 -14.95 -35.71 10.10
C MET D 384 -14.23 -34.39 9.88
N GLY D 385 -14.86 -33.26 10.17
CA GLY D 385 -14.17 -32.01 9.91
C GLY D 385 -13.72 -31.91 8.46
N GLY D 386 -12.47 -31.47 8.25
CA GLY D 386 -11.92 -31.36 6.90
C GLY D 386 -11.07 -32.56 6.47
N ALA D 387 -11.05 -33.62 7.28
CA ALA D 387 -10.14 -34.76 7.03
C ALA D 387 -10.45 -35.44 5.72
N MET D 388 -11.72 -35.63 5.38
CA MET D 388 -12.04 -36.31 4.13
C MET D 388 -11.62 -35.48 2.91
N ASP D 389 -11.74 -34.14 3.01
CA ASP D 389 -11.31 -33.28 1.93
C ASP D 389 -9.78 -33.29 1.76
N LEU D 390 -9.07 -33.37 2.87
CA LEU D 390 -7.62 -33.23 2.89
C LEU D 390 -6.95 -34.38 2.19
N VAL D 391 -7.61 -35.54 2.15
CA VAL D 391 -7.04 -36.72 1.50
C VAL D 391 -7.73 -37.02 0.16
N SER D 392 -8.51 -36.08 -0.36
CA SER D 392 -9.35 -36.34 -1.53
C SER D 392 -8.66 -36.18 -2.89
N SER D 393 -7.50 -35.53 -2.95
CA SER D 393 -6.82 -35.28 -4.21
CA SER D 393 -6.81 -35.29 -4.22
C SER D 393 -5.56 -36.14 -4.35
N ALA D 394 -5.43 -36.84 -5.47
CA ALA D 394 -4.21 -37.60 -5.70
C ALA D 394 -2.96 -36.71 -5.89
N LYS D 395 -3.14 -35.41 -6.12
CA LYS D 395 -2.00 -34.52 -6.40
C LYS D 395 -1.23 -34.15 -5.15
N THR D 396 -1.87 -34.29 -4.00
CA THR D 396 -1.26 -33.96 -2.73
C THR D 396 -0.70 -35.21 -2.08
N LYS D 397 0.53 -35.14 -1.60
CA LYS D 397 1.16 -36.21 -0.88
C LYS D 397 0.56 -36.29 0.50
N VAL D 398 0.05 -37.45 0.86
CA VAL D 398 -0.56 -37.65 2.16
C VAL D 398 0.35 -38.54 2.98
N VAL D 399 0.83 -38.01 4.12
CA VAL D 399 1.74 -38.69 4.99
C VAL D 399 1.06 -38.88 6.33
N VAL D 400 0.98 -40.13 6.79
CA VAL D 400 0.40 -40.45 8.07
C VAL D 400 1.52 -40.60 9.09
N THR D 401 1.35 -39.96 10.24
CA THR D 401 2.33 -40.05 11.31
C THR D 401 1.59 -40.64 12.50
N MET D 402 1.99 -41.84 12.92
CA MET D 402 1.28 -42.52 14.02
C MET D 402 2.14 -43.54 14.73
N GLU D 403 1.81 -43.83 15.97
N GLU D 403 1.72 -43.78 15.97
CA GLU D 403 2.43 -44.96 16.66
CA GLU D 403 2.34 -44.91 16.65
C GLU D 403 2.09 -46.25 15.94
C GLU D 403 2.00 -46.21 15.93
N HIS D 404 3.05 -47.16 15.91
CA HIS D 404 2.96 -48.34 15.03
C HIS D 404 1.80 -49.26 15.33
N SER D 405 1.59 -49.56 16.61
CA SER D 405 0.58 -50.52 17.04
C SER D 405 -0.25 -49.90 18.14
N ALA D 406 -1.45 -50.43 18.35
CA ALA D 406 -2.35 -49.95 19.37
C ALA D 406 -2.12 -50.74 20.67
N LYS D 407 -3.03 -50.53 21.63
CA LYS D 407 -3.08 -51.31 22.87
C LYS D 407 -2.93 -52.82 22.60
N GLY D 408 -2.04 -53.46 23.34
CA GLY D 408 -1.83 -54.90 23.24
C GLY D 408 -1.11 -55.37 21.97
N ASN D 409 -0.35 -54.48 21.34
CA ASN D 409 0.27 -54.73 20.03
C ASN D 409 -0.79 -55.12 19.00
N ALA D 410 -2.00 -54.59 19.15
CA ALA D 410 -3.04 -54.73 18.14
C ALA D 410 -2.58 -53.95 16.90
N HIS D 411 -2.69 -54.56 15.72
CA HIS D 411 -2.23 -53.91 14.50
C HIS D 411 -3.03 -52.67 14.15
N LYS D 412 -2.33 -51.68 13.63
CA LYS D 412 -2.91 -50.46 13.09
C LYS D 412 -2.70 -50.39 11.58
N ILE D 413 -1.58 -50.93 11.12
CA ILE D 413 -1.32 -51.11 9.70
C ILE D 413 -1.74 -52.53 9.36
N MET D 414 -2.68 -52.67 8.45
CA MET D 414 -3.12 -54.02 8.14
C MET D 414 -3.81 -54.15 6.82
N GLU D 415 -4.30 -55.33 6.53
CA GLU D 415 -4.86 -55.61 5.22
C GLU D 415 -6.04 -54.70 4.88
N LYS D 416 -6.96 -54.57 5.82
CA LYS D 416 -8.18 -53.81 5.62
C LYS D 416 -8.46 -53.09 6.93
N CYS D 417 -8.88 -51.82 6.84
CA CYS D 417 -9.29 -51.10 8.04
C CYS D 417 -10.58 -51.75 8.57
N THR D 418 -10.71 -51.73 9.89
CA THR D 418 -11.93 -52.15 10.57
C THR D 418 -12.74 -50.95 11.05
N LEU D 419 -12.10 -49.80 11.14
CA LEU D 419 -12.77 -48.57 11.55
C LEU D 419 -13.25 -47.76 10.34
N PRO D 420 -14.23 -46.87 10.53
CA PRO D 420 -14.70 -46.10 9.38
C PRO D 420 -13.64 -45.33 8.59
N LEU D 421 -13.72 -45.40 7.27
CA LEU D 421 -12.74 -44.76 6.42
C LEU D 421 -12.91 -43.26 6.35
N THR D 422 -11.78 -42.58 6.33
CA THR D 422 -11.66 -41.18 5.93
C THR D 422 -11.50 -41.03 4.43
N GLY D 423 -10.81 -42.01 3.82
CA GLY D 423 -10.57 -42.04 2.39
C GLY D 423 -10.08 -43.44 2.02
N LYS D 424 -10.27 -43.75 0.75
CA LYS D 424 -9.83 -44.98 0.13
C LYS D 424 -8.56 -44.73 -0.67
N GLN D 425 -7.54 -45.57 -0.49
CA GLN D 425 -6.36 -45.53 -1.32
C GLN D 425 -5.80 -44.11 -1.47
N CYS D 426 -5.60 -43.47 -0.32
CA CYS D 426 -5.23 -42.04 -0.31
C CYS D 426 -3.88 -41.75 0.34
N VAL D 427 -3.38 -42.68 1.15
CA VAL D 427 -2.13 -42.46 1.87
C VAL D 427 -0.94 -42.84 1.00
N ASN D 428 0.06 -41.96 0.94
CA ASN D 428 1.29 -42.20 0.18
C ASN D 428 2.49 -42.65 1.01
N ARG D 429 2.51 -42.32 2.31
CA ARG D 429 3.59 -42.70 3.20
C ARG D 429 3.10 -42.83 4.63
N ILE D 430 3.66 -43.78 5.36
CA ILE D 430 3.39 -43.98 6.79
C ILE D 430 4.68 -43.85 7.57
N ILE D 431 4.69 -42.99 8.59
CA ILE D 431 5.85 -42.86 9.48
C ILE D 431 5.41 -43.28 10.86
N THR D 432 6.08 -44.29 11.40
CA THR D 432 5.85 -44.70 12.76
C THR D 432 7.16 -44.59 13.54
N GLU D 433 7.14 -44.98 14.82
CA GLU D 433 8.36 -44.98 15.63
C GLU D 433 9.30 -46.11 15.24
N LYS D 434 8.80 -47.08 14.48
CA LYS D 434 9.57 -48.28 14.10
C LYS D 434 10.01 -48.27 12.65
N ALA D 435 9.26 -47.62 11.79
CA ALA D 435 9.38 -47.84 10.36
C ALA D 435 8.86 -46.67 9.57
N VAL D 436 9.38 -46.53 8.37
CA VAL D 436 8.75 -45.71 7.33
C VAL D 436 8.34 -46.63 6.17
N PHE D 437 7.09 -46.51 5.74
CA PHE D 437 6.59 -47.20 4.56
C PHE D 437 6.18 -46.22 3.48
N ASP D 438 6.56 -46.51 2.24
CA ASP D 438 5.90 -45.95 1.08
C ASP D 438 4.65 -46.81 0.80
N VAL D 439 3.58 -46.17 0.34
CA VAL D 439 2.30 -46.84 0.05
C VAL D 439 1.88 -46.58 -1.37
N ASP D 440 1.50 -47.62 -2.10
CA ASP D 440 0.98 -47.50 -3.45
C ASP D 440 -0.37 -48.20 -3.53
N ARG D 441 -1.33 -47.57 -4.18
CA ARG D 441 -2.68 -48.12 -4.30
C ARG D 441 -2.68 -49.51 -4.93
N LYS D 442 -1.85 -49.69 -5.95
CA LYS D 442 -1.81 -50.98 -6.67
C LYS D 442 -0.72 -51.90 -6.11
N LYS D 443 0.43 -51.34 -5.76
CA LYS D 443 1.57 -52.18 -5.38
C LYS D 443 1.67 -52.51 -3.90
N GLY D 444 0.97 -51.78 -3.03
CA GLY D 444 1.00 -52.02 -1.60
C GLY D 444 2.10 -51.26 -0.88
N LEU D 445 2.65 -51.88 0.18
CA LEU D 445 3.63 -51.26 1.06
C LEU D 445 5.06 -51.63 0.73
N THR D 446 5.97 -50.67 0.94
CA THR D 446 7.41 -50.89 0.87
C THR D 446 8.06 -50.27 2.07
N LEU D 447 8.76 -51.09 2.87
CA LEU D 447 9.55 -50.61 4.00
C LEU D 447 10.83 -49.97 3.48
N ILE D 448 10.96 -48.67 3.71
CA ILE D 448 12.10 -47.90 3.20
C ILE D 448 13.05 -47.40 4.30
N GLU D 449 12.60 -47.39 5.55
CA GLU D 449 13.42 -47.04 6.70
C GLU D 449 13.01 -47.86 7.89
N LEU D 450 13.98 -48.14 8.76
CA LEU D 450 13.81 -49.05 9.88
C LEU D 450 14.52 -48.46 11.07
N TRP D 451 13.83 -48.32 12.18
CA TRP D 451 14.47 -47.75 13.36
C TRP D 451 15.68 -48.62 13.75
N GLU D 452 16.85 -48.00 13.93
CA GLU D 452 18.10 -48.74 14.23
C GLU D 452 17.94 -49.61 15.48
N GLY D 453 18.43 -50.84 15.39
CA GLY D 453 18.20 -51.84 16.43
C GLY D 453 17.08 -52.82 16.10
N LEU D 454 16.04 -52.35 15.41
CA LEU D 454 14.96 -53.25 15.03
C LEU D 454 15.30 -54.09 13.81
N THR D 455 14.59 -55.21 13.68
CA THR D 455 14.73 -56.09 12.54
C THR D 455 13.48 -56.06 11.65
N VAL D 456 13.59 -56.57 10.43
CA VAL D 456 12.44 -56.72 9.54
C VAL D 456 11.39 -57.62 10.17
N ASP D 457 11.84 -58.67 10.88
CA ASP D 457 10.92 -59.59 11.52
C ASP D 457 10.14 -58.89 12.65
N ASP D 458 10.77 -57.93 13.32
CA ASP D 458 10.05 -57.10 14.30
C ASP D 458 8.89 -56.33 13.66
N ILE D 459 9.16 -55.75 12.50
CA ILE D 459 8.13 -55.03 11.73
C ILE D 459 7.04 -56.00 11.25
N LYS D 460 7.45 -57.17 10.78
CA LYS D 460 6.50 -58.20 10.35
C LYS D 460 5.53 -58.57 11.49
N LYS D 461 6.02 -58.68 12.71
CA LYS D 461 5.21 -59.08 13.84
C LYS D 461 4.26 -57.99 14.32
N SER D 462 4.58 -56.76 13.97
CA SER D 462 3.75 -55.62 14.38
CA SER D 462 3.75 -55.62 14.38
C SER D 462 2.93 -55.01 13.25
N THR D 463 2.86 -55.72 12.12
CA THR D 463 2.16 -55.23 10.93
C THR D 463 1.24 -56.32 10.40
N GLY D 464 -0.02 -55.97 10.14
CA GLY D 464 -1.05 -56.94 9.78
C GLY D 464 -1.25 -57.21 8.30
N CYS D 465 -0.21 -56.97 7.54
CA CYS D 465 -0.20 -57.29 6.11
C CYS D 465 1.26 -57.46 5.70
N ASP D 466 1.47 -57.99 4.49
CA ASP D 466 2.81 -58.11 3.95
C ASP D 466 3.32 -56.75 3.44
N PHE D 467 4.63 -56.69 3.26
CA PHE D 467 5.25 -55.51 2.66
C PHE D 467 6.52 -55.90 1.92
N ALA D 468 6.89 -55.09 0.93
CA ALA D 468 8.18 -55.21 0.25
C ALA D 468 9.21 -54.54 1.14
N VAL D 469 10.46 -54.98 1.02
CA VAL D 469 11.54 -54.32 1.72
C VAL D 469 12.42 -53.72 0.64
N SER D 470 12.66 -52.42 0.73
CA SER D 470 13.50 -51.75 -0.27
C SER D 470 14.93 -52.30 -0.30
N PRO D 471 15.50 -52.48 -1.51
CA PRO D 471 16.93 -52.85 -1.55
C PRO D 471 17.83 -51.79 -0.91
N LYS D 472 17.33 -50.56 -0.85
CA LYS D 472 18.07 -49.44 -0.31
C LYS D 472 17.62 -49.05 1.10
N LEU D 473 17.14 -50.03 1.86
CA LEU D 473 16.69 -49.80 3.25
C LEU D 473 17.77 -49.15 4.10
N ILE D 474 17.38 -48.17 4.90
CA ILE D 474 18.31 -47.42 5.77
C ILE D 474 17.77 -47.29 7.18
N PRO D 475 18.64 -46.99 8.14
CA PRO D 475 18.10 -46.71 9.48
C PRO D 475 17.17 -45.50 9.42
N MET D 476 16.13 -45.47 10.27
CA MET D 476 15.20 -44.35 10.23
C MET D 476 15.94 -43.06 10.57
N GLN D 477 15.75 -42.05 9.73
CA GLN D 477 16.34 -40.73 9.88
C GLN D 477 15.72 -39.87 10.95
N GLN D 478 16.53 -38.97 11.51
CA GLN D 478 16.07 -38.08 12.56
C GLN D 478 16.59 -36.66 12.35
N VAL D 479 15.68 -35.69 12.42
CA VAL D 479 16.04 -34.29 12.23
C VAL D 479 17.05 -33.83 13.29
N THR D 480 18.09 -33.15 12.83
CA THR D 480 19.14 -32.66 13.74
C THR D 480 18.62 -31.50 14.60
CL CL E . -18.07 -10.55 -23.95
CL CL F . 17.40 9.83 23.98
C1 GOL G . 16.04 32.87 -10.04
O1 GOL G . 16.97 31.87 -9.62
C2 GOL G . 14.66 32.43 -9.60
O2 GOL G . 14.63 32.33 -8.19
C3 GOL G . 13.62 33.44 -10.08
O3 GOL G . 12.30 32.93 -9.88
C1 GOL H . -4.03 31.27 -1.11
O1 GOL H . -4.71 32.44 -0.78
C2 GOL H . -3.94 30.95 -2.60
O2 GOL H . -3.51 32.10 -3.28
C3 GOL H . -2.93 29.82 -2.79
O3 GOL H . -2.50 29.83 -4.12
#